data_5QHP
# 
_entry.id   5QHP 
# 
_audit_conform.dict_name       mmcif_pdbx.dic 
_audit_conform.dict_version    5.398 
_audit_conform.dict_location   http://mmcif.pdb.org/dictionaries/ascii/mmcif_pdbx.dic 
# 
loop_
_database_2.database_id 
_database_2.database_code 
_database_2.pdbx_database_accession 
_database_2.pdbx_DOI 
PDB   5QHP         pdb_00005qhp 10.2210/pdb5qhp/pdb 
WWPDB D_1001401962 ?            ?                   
# 
loop_
_pdbx_audit_revision_history.ordinal 
_pdbx_audit_revision_history.data_content_type 
_pdbx_audit_revision_history.major_revision 
_pdbx_audit_revision_history.minor_revision 
_pdbx_audit_revision_history.revision_date 
1 'Structure model' 1 0 2018-12-19 
2 'Structure model' 1 1 2024-11-13 
# 
_pdbx_audit_revision_details.ordinal             1 
_pdbx_audit_revision_details.revision_ordinal    1 
_pdbx_audit_revision_details.data_content_type   'Structure model' 
_pdbx_audit_revision_details.provider            repository 
_pdbx_audit_revision_details.type                'Initial release' 
_pdbx_audit_revision_details.description         ? 
_pdbx_audit_revision_details.details             ? 
# 
loop_
_pdbx_audit_revision_group.ordinal 
_pdbx_audit_revision_group.revision_ordinal 
_pdbx_audit_revision_group.data_content_type 
_pdbx_audit_revision_group.group 
1 2 'Structure model' 'Data collection'     
2 2 'Structure model' 'Database references' 
3 2 'Structure model' 'Structure summary'   
# 
loop_
_pdbx_audit_revision_category.ordinal 
_pdbx_audit_revision_category.revision_ordinal 
_pdbx_audit_revision_category.data_content_type 
_pdbx_audit_revision_category.category 
1 2 'Structure model' chem_comp_atom            
2 2 'Structure model' chem_comp_bond            
3 2 'Structure model' database_2                
4 2 'Structure model' pdbx_entry_details        
5 2 'Structure model' pdbx_modification_feature 
# 
loop_
_pdbx_audit_revision_item.ordinal 
_pdbx_audit_revision_item.revision_ordinal 
_pdbx_audit_revision_item.data_content_type 
_pdbx_audit_revision_item.item 
1 2 'Structure model' '_database_2.pdbx_DOI'                
2 2 'Structure model' '_database_2.pdbx_database_accession' 
# 
_pdbx_database_status.entry_id                        5QHP 
_pdbx_database_status.status_code                     REL 
_pdbx_database_status.status_code_sf                  REL 
_pdbx_database_status.status_code_mr                  ? 
_pdbx_database_status.status_code_cs                  ? 
_pdbx_database_status.recvd_initial_deposition_date   2018-05-18 
_pdbx_database_status.deposit_site                    RCSB 
_pdbx_database_status.process_site                    RCSB 
_pdbx_database_status.SG_entry                        ? 
_pdbx_database_status.pdb_format_compatible           Y 
_pdbx_database_status.methods_development_category    ? 
_pdbx_database_status.status_code_nmr_data            ? 
# 
loop_
_audit_author.name 
_audit_author.pdbx_ordinal 
_audit_author.identifier_ORCID 
'Pinkas, D.M.'     1  ? 
'Bufton, J.C.'     2  ? 
'Fox, A.E.'        3  ? 
'Talon, R.'        4  ? 
'Krojer, T.'       5  ? 
'Douangamath, A.'  6  ? 
'Collins, P.'      7  ? 
'Zhang, R.'        8  ? 
'von Delft, F.'    9  ? 
'Bountra, C.'      10 ? 
'Arrowsmith, C.H.' 11 ? 
'Edwards, A.'      12 ? 
'Bullock, A.N.'    13 ? 
# 
_citation.id                        primary 
_citation.title                     'PanDDA analysis group deposition of models with modelled events (e.g. bound ligands)' 
_citation.journal_abbrev            'To Be Published' 
_citation.journal_volume            ? 
_citation.page_first                ? 
_citation.page_last                 ? 
_citation.year                      ? 
_citation.journal_id_ASTM           ? 
_citation.country                   ? 
_citation.journal_id_ISSN           ? 
_citation.journal_id_CSD            0353 
_citation.book_publisher            ? 
_citation.pdbx_database_id_PubMed   ? 
_citation.pdbx_database_id_DOI      ? 
# 
loop_
_citation_author.citation_id 
_citation_author.name 
_citation_author.ordinal 
_citation_author.identifier_ORCID 
primary 'Pinkas, D.M.'     1  ? 
primary 'Bufton, J.C.'     2  ? 
primary 'Fox, A.E.'        3  ? 
primary 'Talon, R.'        4  ? 
primary 'Krojer, T.'       5  ? 
primary 'Douangamath, A.'  6  ? 
primary 'Collins, P.'      7  ? 
primary 'Zhang, R.'        8  ? 
primary 'von Delft, F.'    9  ? 
primary 'Bountra, C.'      10 ? 
primary 'Arrowsmith, C.H.' 11 ? 
primary 'Edwards, A.'      12 ? 
primary 'Bullock, A.N.'    13 ? 
# 
loop_
_entity.id 
_entity.type 
_entity.src_method 
_entity.pdbx_description 
_entity.formula_weight 
_entity.pdbx_number_of_molecules 
_entity.pdbx_ec 
_entity.pdbx_mutation 
_entity.pdbx_fragment 
_entity.details 
1 polymer     man 'Protein FAM83B'                         20783.109 1  ? ? ? ? 
2 non-polymer syn 1,2-ETHANEDIOL                           62.068    2  ? ? ? ? 
3 non-polymer syn '5-methoxy-2-(1~{H}-pyrazol-3-yl)phenol' 190.199   1  ? ? ? ? 
4 water       nat water                                    18.015    87 ? ? ? ? 
# 
_entity_poly.entity_id                      1 
_entity_poly.type                           'polypeptide(L)' 
_entity_poly.nstd_linkage                   no 
_entity_poly.nstd_monomer                   no 
_entity_poly.pdbx_seq_one_letter_code       
;SMGGTHIDLLFHPPRAHLLTIKETIRKMIKEARKVIALVMDIFTDVDIFKEIVEASTRGVSVYILLDESNFNHFLNMTEK
QGCSVQRLRNIRVRTVKGQDYLSKTGAKFHGKMEQKFLLVDCQKVMYGSYSYMWSFEKAHLSMVQIITGQLVESFDEEFR
TLYARSCVPSSFAQEESARV
;
_entity_poly.pdbx_seq_one_letter_code_can   
;SMGGTHIDLLFHPPRAHLLTIKETIRKMIKEARKVIALVMDIFTDVDIFKEIVEASTRGVSVYILLDESNFNHFLNMTEK
QGCSVQRLRNIRVRTVKGQDYLSKTGAKFHGKMEQKFLLVDCQKVMYGSYSYMWSFEKAHLSMVQIITGQLVESFDEEFR
TLYARSCVPSSFAQEESARV
;
_entity_poly.pdbx_strand_id                 A 
_entity_poly.pdbx_target_identifier         ? 
# 
loop_
_pdbx_entity_nonpoly.entity_id 
_pdbx_entity_nonpoly.name 
_pdbx_entity_nonpoly.comp_id 
2 1,2-ETHANEDIOL                           EDO 
3 '5-methoxy-2-(1~{H}-pyrazol-3-yl)phenol' GQM 
4 water                                    HOH 
# 
loop_
_entity_poly_seq.entity_id 
_entity_poly_seq.num 
_entity_poly_seq.mon_id 
_entity_poly_seq.hetero 
1 1   SER n 
1 2   MET n 
1 3   GLY n 
1 4   GLY n 
1 5   THR n 
1 6   HIS n 
1 7   ILE n 
1 8   ASP n 
1 9   LEU n 
1 10  LEU n 
1 11  PHE n 
1 12  HIS n 
1 13  PRO n 
1 14  PRO n 
1 15  ARG n 
1 16  ALA n 
1 17  HIS n 
1 18  LEU n 
1 19  LEU n 
1 20  THR n 
1 21  ILE n 
1 22  LYS n 
1 23  GLU n 
1 24  THR n 
1 25  ILE n 
1 26  ARG n 
1 27  LYS n 
1 28  MET n 
1 29  ILE n 
1 30  LYS n 
1 31  GLU n 
1 32  ALA n 
1 33  ARG n 
1 34  LYS n 
1 35  VAL n 
1 36  ILE n 
1 37  ALA n 
1 38  LEU n 
1 39  VAL n 
1 40  MET n 
1 41  ASP n 
1 42  ILE n 
1 43  PHE n 
1 44  THR n 
1 45  ASP n 
1 46  VAL n 
1 47  ASP n 
1 48  ILE n 
1 49  PHE n 
1 50  LYS n 
1 51  GLU n 
1 52  ILE n 
1 53  VAL n 
1 54  GLU n 
1 55  ALA n 
1 56  SER n 
1 57  THR n 
1 58  ARG n 
1 59  GLY n 
1 60  VAL n 
1 61  SER n 
1 62  VAL n 
1 63  TYR n 
1 64  ILE n 
1 65  LEU n 
1 66  LEU n 
1 67  ASP n 
1 68  GLU n 
1 69  SER n 
1 70  ASN n 
1 71  PHE n 
1 72  ASN n 
1 73  HIS n 
1 74  PHE n 
1 75  LEU n 
1 76  ASN n 
1 77  MET n 
1 78  THR n 
1 79  GLU n 
1 80  LYS n 
1 81  GLN n 
1 82  GLY n 
1 83  CYS n 
1 84  SER n 
1 85  VAL n 
1 86  GLN n 
1 87  ARG n 
1 88  LEU n 
1 89  ARG n 
1 90  ASN n 
1 91  ILE n 
1 92  ARG n 
1 93  VAL n 
1 94  ARG n 
1 95  THR n 
1 96  VAL n 
1 97  LYS n 
1 98  GLY n 
1 99  GLN n 
1 100 ASP n 
1 101 TYR n 
1 102 LEU n 
1 103 SER n 
1 104 LYS n 
1 105 THR n 
1 106 GLY n 
1 107 ALA n 
1 108 LYS n 
1 109 PHE n 
1 110 HIS n 
1 111 GLY n 
1 112 LYS n 
1 113 MET n 
1 114 GLU n 
1 115 GLN n 
1 116 LYS n 
1 117 PHE n 
1 118 LEU n 
1 119 LEU n 
1 120 VAL n 
1 121 ASP n 
1 122 CYS n 
1 123 GLN n 
1 124 LYS n 
1 125 VAL n 
1 126 MET n 
1 127 TYR n 
1 128 GLY n 
1 129 SER n 
1 130 TYR n 
1 131 SER n 
1 132 TYR n 
1 133 MET n 
1 134 TRP n 
1 135 SER n 
1 136 PHE n 
1 137 GLU n 
1 138 LYS n 
1 139 ALA n 
1 140 HIS n 
1 141 LEU n 
1 142 SER n 
1 143 MET n 
1 144 VAL n 
1 145 GLN n 
1 146 ILE n 
1 147 ILE n 
1 148 THR n 
1 149 GLY n 
1 150 GLN n 
1 151 LEU n 
1 152 VAL n 
1 153 GLU n 
1 154 SER n 
1 155 PHE n 
1 156 ASP n 
1 157 GLU n 
1 158 GLU n 
1 159 PHE n 
1 160 ARG n 
1 161 THR n 
1 162 LEU n 
1 163 TYR n 
1 164 ALA n 
1 165 ARG n 
1 166 SER n 
1 167 CYS n 
1 168 VAL n 
1 169 PRO n 
1 170 SER n 
1 171 SER n 
1 172 PHE n 
1 173 ALA n 
1 174 GLN n 
1 175 GLU n 
1 176 GLU n 
1 177 SER n 
1 178 ALA n 
1 179 ARG n 
1 180 VAL n 
# 
_entity_src_gen.entity_id                          1 
_entity_src_gen.pdbx_src_id                        1 
_entity_src_gen.pdbx_alt_source_flag               sample 
_entity_src_gen.pdbx_seq_type                      'Biological sequence' 
_entity_src_gen.pdbx_beg_seq_num                   1 
_entity_src_gen.pdbx_end_seq_num                   180 
_entity_src_gen.gene_src_common_name               Human 
_entity_src_gen.gene_src_genus                     ? 
_entity_src_gen.pdbx_gene_src_gene                 'FAM83B, C6orf143' 
_entity_src_gen.gene_src_species                   ? 
_entity_src_gen.gene_src_strain                    ? 
_entity_src_gen.gene_src_tissue                    ? 
_entity_src_gen.gene_src_tissue_fraction           ? 
_entity_src_gen.gene_src_details                   ? 
_entity_src_gen.pdbx_gene_src_fragment             ? 
_entity_src_gen.pdbx_gene_src_scientific_name      'Homo sapiens' 
_entity_src_gen.pdbx_gene_src_ncbi_taxonomy_id     9606 
_entity_src_gen.pdbx_gene_src_variant              ? 
_entity_src_gen.pdbx_gene_src_cell_line            ? 
_entity_src_gen.pdbx_gene_src_atcc                 ? 
_entity_src_gen.pdbx_gene_src_organ                ? 
_entity_src_gen.pdbx_gene_src_organelle            ? 
_entity_src_gen.pdbx_gene_src_cell                 ? 
_entity_src_gen.pdbx_gene_src_cellular_location    ? 
_entity_src_gen.host_org_common_name               ? 
_entity_src_gen.pdbx_host_org_scientific_name      'Escherichia coli' 
_entity_src_gen.pdbx_host_org_ncbi_taxonomy_id     562 
_entity_src_gen.host_org_genus                     ? 
_entity_src_gen.pdbx_host_org_gene                 ? 
_entity_src_gen.pdbx_host_org_organ                ? 
_entity_src_gen.host_org_species                   ? 
_entity_src_gen.pdbx_host_org_tissue               ? 
_entity_src_gen.pdbx_host_org_tissue_fraction      ? 
_entity_src_gen.pdbx_host_org_strain               ? 
_entity_src_gen.pdbx_host_org_variant              ? 
_entity_src_gen.pdbx_host_org_cell_line            ? 
_entity_src_gen.pdbx_host_org_atcc                 ? 
_entity_src_gen.pdbx_host_org_culture_collection   ? 
_entity_src_gen.pdbx_host_org_cell                 ? 
_entity_src_gen.pdbx_host_org_organelle            ? 
_entity_src_gen.pdbx_host_org_cellular_location    ? 
_entity_src_gen.pdbx_host_org_vector_type          ? 
_entity_src_gen.pdbx_host_org_vector               ? 
_entity_src_gen.host_org_details                   ? 
_entity_src_gen.expression_system_id               ? 
_entity_src_gen.plasmid_name                       ? 
_entity_src_gen.plasmid_details                    ? 
_entity_src_gen.pdbx_description                   ? 
# 
loop_
_chem_comp.id 
_chem_comp.type 
_chem_comp.mon_nstd_flag 
_chem_comp.name 
_chem_comp.pdbx_synonyms 
_chem_comp.formula 
_chem_comp.formula_weight 
ALA 'L-peptide linking' y ALANINE                                  ?                 'C3 H7 N O2'     89.093  
ARG 'L-peptide linking' y ARGININE                                 ?                 'C6 H15 N4 O2 1' 175.209 
ASN 'L-peptide linking' y ASPARAGINE                               ?                 'C4 H8 N2 O3'    132.118 
ASP 'L-peptide linking' y 'ASPARTIC ACID'                          ?                 'C4 H7 N O4'     133.103 
CYS 'L-peptide linking' y CYSTEINE                                 ?                 'C3 H7 N O2 S'   121.158 
EDO non-polymer         . 1,2-ETHANEDIOL                           'ETHYLENE GLYCOL' 'C2 H6 O2'       62.068  
GLN 'L-peptide linking' y GLUTAMINE                                ?                 'C5 H10 N2 O3'   146.144 
GLU 'L-peptide linking' y 'GLUTAMIC ACID'                          ?                 'C5 H9 N O4'     147.129 
GLY 'peptide linking'   y GLYCINE                                  ?                 'C2 H5 N O2'     75.067  
GQM non-polymer         . '5-methoxy-2-(1~{H}-pyrazol-3-yl)phenol' ?                 'C10 H10 N2 O2'  190.199 
HIS 'L-peptide linking' y HISTIDINE                                ?                 'C6 H10 N3 O2 1' 156.162 
HOH non-polymer         . WATER                                    ?                 'H2 O'           18.015  
ILE 'L-peptide linking' y ISOLEUCINE                               ?                 'C6 H13 N O2'    131.173 
LEU 'L-peptide linking' y LEUCINE                                  ?                 'C6 H13 N O2'    131.173 
LYS 'L-peptide linking' y LYSINE                                   ?                 'C6 H15 N2 O2 1' 147.195 
MET 'L-peptide linking' y METHIONINE                               ?                 'C5 H11 N O2 S'  149.211 
PHE 'L-peptide linking' y PHENYLALANINE                            ?                 'C9 H11 N O2'    165.189 
PRO 'L-peptide linking' y PROLINE                                  ?                 'C5 H9 N O2'     115.130 
SER 'L-peptide linking' y SERINE                                   ?                 'C3 H7 N O3'     105.093 
THR 'L-peptide linking' y THREONINE                                ?                 'C4 H9 N O3'     119.119 
TRP 'L-peptide linking' y TRYPTOPHAN                               ?                 'C11 H12 N2 O2'  204.225 
TYR 'L-peptide linking' y TYROSINE                                 ?                 'C9 H11 N O3'    181.189 
VAL 'L-peptide linking' y VALINE                                   ?                 'C5 H11 N O2'    117.146 
# 
loop_
_pdbx_poly_seq_scheme.asym_id 
_pdbx_poly_seq_scheme.entity_id 
_pdbx_poly_seq_scheme.seq_id 
_pdbx_poly_seq_scheme.mon_id 
_pdbx_poly_seq_scheme.ndb_seq_num 
_pdbx_poly_seq_scheme.pdb_seq_num 
_pdbx_poly_seq_scheme.auth_seq_num 
_pdbx_poly_seq_scheme.pdb_mon_id 
_pdbx_poly_seq_scheme.auth_mon_id 
_pdbx_poly_seq_scheme.pdb_strand_id 
_pdbx_poly_seq_scheme.pdb_ins_code 
_pdbx_poly_seq_scheme.hetero 
A 1 1   SER 1   1   ?   ?   ?   A . n 
A 1 2   MET 2   2   ?   ?   ?   A . n 
A 1 3   GLY 3   3   3   GLY GLY A . n 
A 1 4   GLY 4   4   4   GLY GLY A . n 
A 1 5   THR 5   5   5   THR THR A . n 
A 1 6   HIS 6   6   6   HIS HIS A . n 
A 1 7   ILE 7   7   7   ILE ILE A . n 
A 1 8   ASP 8   8   8   ASP ASP A . n 
A 1 9   LEU 9   9   9   LEU LEU A . n 
A 1 10  LEU 10  10  10  LEU LEU A . n 
A 1 11  PHE 11  11  11  PHE PHE A . n 
A 1 12  HIS 12  12  12  HIS HIS A . n 
A 1 13  PRO 13  13  13  PRO PRO A . n 
A 1 14  PRO 14  14  14  PRO PRO A . n 
A 1 15  ARG 15  15  15  ARG ARG A . n 
A 1 16  ALA 16  16  16  ALA ALA A . n 
A 1 17  HIS 17  17  17  HIS HIS A . n 
A 1 18  LEU 18  18  18  LEU LEU A . n 
A 1 19  LEU 19  19  19  LEU LEU A . n 
A 1 20  THR 20  20  20  THR THR A . n 
A 1 21  ILE 21  21  21  ILE ILE A . n 
A 1 22  LYS 22  22  22  LYS LYS A . n 
A 1 23  GLU 23  23  23  GLU GLU A . n 
A 1 24  THR 24  24  24  THR THR A . n 
A 1 25  ILE 25  25  25  ILE ILE A . n 
A 1 26  ARG 26  26  26  ARG ARG A . n 
A 1 27  LYS 27  27  27  LYS LYS A . n 
A 1 28  MET 28  28  28  MET MET A . n 
A 1 29  ILE 29  29  29  ILE ILE A . n 
A 1 30  LYS 30  30  30  LYS LYS A . n 
A 1 31  GLU 31  31  31  GLU GLU A . n 
A 1 32  ALA 32  32  32  ALA ALA A . n 
A 1 33  ARG 33  33  33  ARG ARG A . n 
A 1 34  LYS 34  34  34  LYS LYS A . n 
A 1 35  VAL 35  35  35  VAL VAL A . n 
A 1 36  ILE 36  36  36  ILE ILE A . n 
A 1 37  ALA 37  37  37  ALA ALA A . n 
A 1 38  LEU 38  38  38  LEU LEU A . n 
A 1 39  VAL 39  39  39  VAL VAL A . n 
A 1 40  MET 40  40  40  MET MET A . n 
A 1 41  ASP 41  41  41  ASP ASP A . n 
A 1 42  ILE 42  42  42  ILE ILE A . n 
A 1 43  PHE 43  43  43  PHE PHE A . n 
A 1 44  THR 44  44  44  THR THR A . n 
A 1 45  ASP 45  45  45  ASP ASP A . n 
A 1 46  VAL 46  46  46  VAL VAL A . n 
A 1 47  ASP 47  47  47  ASP ASP A . n 
A 1 48  ILE 48  48  48  ILE ILE A . n 
A 1 49  PHE 49  49  49  PHE PHE A . n 
A 1 50  LYS 50  50  50  LYS LYS A . n 
A 1 51  GLU 51  51  51  GLU GLU A . n 
A 1 52  ILE 52  52  52  ILE ILE A . n 
A 1 53  VAL 53  53  53  VAL VAL A . n 
A 1 54  GLU 54  54  54  GLU GLU A . n 
A 1 55  ALA 55  55  55  ALA ALA A . n 
A 1 56  SER 56  56  56  SER SER A . n 
A 1 57  THR 57  57  57  THR THR A . n 
A 1 58  ARG 58  58  58  ARG ARG A . n 
A 1 59  GLY 59  59  59  GLY GLY A . n 
A 1 60  VAL 60  60  60  VAL VAL A . n 
A 1 61  SER 61  61  61  SER SER A . n 
A 1 62  VAL 62  62  62  VAL VAL A . n 
A 1 63  TYR 63  63  63  TYR TYR A . n 
A 1 64  ILE 64  64  64  ILE ILE A . n 
A 1 65  LEU 65  65  65  LEU LEU A . n 
A 1 66  LEU 66  66  66  LEU LEU A . n 
A 1 67  ASP 67  67  67  ASP ASP A . n 
A 1 68  GLU 68  68  68  GLU GLU A . n 
A 1 69  SER 69  69  69  SER SER A . n 
A 1 70  ASN 70  70  70  ASN ASN A . n 
A 1 71  PHE 71  71  71  PHE PHE A . n 
A 1 72  ASN 72  72  72  ASN ASN A . n 
A 1 73  HIS 73  73  73  HIS HIS A . n 
A 1 74  PHE 74  74  74  PHE PHE A . n 
A 1 75  LEU 75  75  75  LEU LEU A . n 
A 1 76  ASN 76  76  76  ASN ASN A . n 
A 1 77  MET 77  77  77  MET MET A . n 
A 1 78  THR 78  78  78  THR THR A . n 
A 1 79  GLU 79  79  79  GLU GLU A . n 
A 1 80  LYS 80  80  80  LYS LYS A . n 
A 1 81  GLN 81  81  81  GLN GLN A . n 
A 1 82  GLY 82  82  82  GLY GLY A . n 
A 1 83  CYS 83  83  83  CYS CYS A . n 
A 1 84  SER 84  84  84  SER SER A . n 
A 1 85  VAL 85  85  85  VAL VAL A . n 
A 1 86  GLN 86  86  86  GLN GLN A . n 
A 1 87  ARG 87  87  87  ARG ARG A . n 
A 1 88  LEU 88  88  88  LEU LEU A . n 
A 1 89  ARG 89  89  89  ARG ARG A . n 
A 1 90  ASN 90  90  90  ASN ASN A . n 
A 1 91  ILE 91  91  91  ILE ILE A . n 
A 1 92  ARG 92  92  92  ARG ARG A . n 
A 1 93  VAL 93  93  93  VAL VAL A . n 
A 1 94  ARG 94  94  94  ARG ARG A . n 
A 1 95  THR 95  95  95  THR THR A . n 
A 1 96  VAL 96  96  96  VAL VAL A . n 
A 1 97  LYS 97  97  97  LYS LYS A . n 
A 1 98  GLY 98  98  98  GLY GLY A . n 
A 1 99  GLN 99  99  99  GLN GLN A . n 
A 1 100 ASP 100 100 100 ASP ASP A . n 
A 1 101 TYR 101 101 101 TYR TYR A . n 
A 1 102 LEU 102 102 ?   ?   ?   A . n 
A 1 103 SER 103 103 ?   ?   ?   A . n 
A 1 104 LYS 104 104 ?   ?   ?   A . n 
A 1 105 THR 105 105 ?   ?   ?   A . n 
A 1 106 GLY 106 106 ?   ?   ?   A . n 
A 1 107 ALA 107 107 ?   ?   ?   A . n 
A 1 108 LYS 108 108 ?   ?   ?   A . n 
A 1 109 PHE 109 109 109 PHE PHE A . n 
A 1 110 HIS 110 110 110 HIS HIS A . n 
A 1 111 GLY 111 111 111 GLY GLY A . n 
A 1 112 LYS 112 112 112 LYS LYS A . n 
A 1 113 MET 113 113 113 MET MET A . n 
A 1 114 GLU 114 114 114 GLU GLU A . n 
A 1 115 GLN 115 115 115 GLN GLN A . n 
A 1 116 LYS 116 116 116 LYS LYS A . n 
A 1 117 PHE 117 117 117 PHE PHE A . n 
A 1 118 LEU 118 118 118 LEU LEU A . n 
A 1 119 LEU 119 119 119 LEU LEU A . n 
A 1 120 VAL 120 120 120 VAL VAL A . n 
A 1 121 ASP 121 121 121 ASP ASP A . n 
A 1 122 CYS 122 122 122 CYS CYS A . n 
A 1 123 GLN 123 123 123 GLN GLN A . n 
A 1 124 LYS 124 124 124 LYS LYS A . n 
A 1 125 VAL 125 125 125 VAL VAL A . n 
A 1 126 MET 126 126 126 MET MET A . n 
A 1 127 TYR 127 127 127 TYR TYR A . n 
A 1 128 GLY 128 128 128 GLY GLY A . n 
A 1 129 SER 129 129 129 SER SER A . n 
A 1 130 TYR 130 130 130 TYR TYR A . n 
A 1 131 SER 131 131 131 SER SER A . n 
A 1 132 TYR 132 132 132 TYR TYR A . n 
A 1 133 MET 133 133 133 MET MET A . n 
A 1 134 TRP 134 134 134 TRP TRP A . n 
A 1 135 SER 135 135 135 SER SER A . n 
A 1 136 PHE 136 136 136 PHE PHE A . n 
A 1 137 GLU 137 137 137 GLU GLU A . n 
A 1 138 LYS 138 138 138 LYS LYS A . n 
A 1 139 ALA 139 139 139 ALA ALA A . n 
A 1 140 HIS 140 140 140 HIS HIS A . n 
A 1 141 LEU 141 141 141 LEU LEU A . n 
A 1 142 SER 142 142 142 SER SER A . n 
A 1 143 MET 143 143 143 MET MET A . n 
A 1 144 VAL 144 144 144 VAL VAL A . n 
A 1 145 GLN 145 145 145 GLN GLN A . n 
A 1 146 ILE 146 146 146 ILE ILE A . n 
A 1 147 ILE 147 147 147 ILE ILE A . n 
A 1 148 THR 148 148 148 THR THR A . n 
A 1 149 GLY 149 149 149 GLY GLY A . n 
A 1 150 GLN 150 150 150 GLN GLN A . n 
A 1 151 LEU 151 151 151 LEU LEU A . n 
A 1 152 VAL 152 152 152 VAL VAL A . n 
A 1 153 GLU 153 153 153 GLU GLU A . n 
A 1 154 SER 154 154 154 SER SER A . n 
A 1 155 PHE 155 155 155 PHE PHE A . n 
A 1 156 ASP 156 156 156 ASP ASP A . n 
A 1 157 GLU 157 157 157 GLU GLU A . n 
A 1 158 GLU 158 158 158 GLU GLU A . n 
A 1 159 PHE 159 159 159 PHE PHE A . n 
A 1 160 ARG 160 160 160 ARG ARG A . n 
A 1 161 THR 161 161 161 THR THR A . n 
A 1 162 LEU 162 162 162 LEU LEU A . n 
A 1 163 TYR 163 163 163 TYR TYR A . n 
A 1 164 ALA 164 164 164 ALA ALA A . n 
A 1 165 ARG 165 165 165 ARG ARG A . n 
A 1 166 SER 166 166 166 SER SER A . n 
A 1 167 CYS 167 167 167 CYS CYS A . n 
A 1 168 VAL 168 168 168 VAL VAL A . n 
A 1 169 PRO 169 169 169 PRO PRO A . n 
A 1 170 SER 170 170 170 SER SER A . n 
A 1 171 SER 171 171 171 SER SER A . n 
A 1 172 PHE 172 172 172 PHE PHE A . n 
A 1 173 ALA 173 173 173 ALA ALA A . n 
A 1 174 GLN 174 174 ?   ?   ?   A . n 
A 1 175 GLU 175 175 ?   ?   ?   A . n 
A 1 176 GLU 176 176 ?   ?   ?   A . n 
A 1 177 SER 177 177 ?   ?   ?   A . n 
A 1 178 ALA 178 178 ?   ?   ?   A . n 
A 1 179 ARG 179 179 ?   ?   ?   A . n 
A 1 180 VAL 180 180 ?   ?   ?   A . n 
# 
loop_
_pdbx_nonpoly_scheme.asym_id 
_pdbx_nonpoly_scheme.entity_id 
_pdbx_nonpoly_scheme.mon_id 
_pdbx_nonpoly_scheme.ndb_seq_num 
_pdbx_nonpoly_scheme.pdb_seq_num 
_pdbx_nonpoly_scheme.auth_seq_num 
_pdbx_nonpoly_scheme.pdb_mon_id 
_pdbx_nonpoly_scheme.auth_mon_id 
_pdbx_nonpoly_scheme.pdb_strand_id 
_pdbx_nonpoly_scheme.pdb_ins_code 
B 2 EDO 1  201 1  EDO EDO A . 
C 2 EDO 1  202 2  EDO EDO A . 
D 3 GQM 1  203 1  GQM LIG A . 
E 4 HOH 1  301 94 HOH HOH A . 
E 4 HOH 2  302 87 HOH HOH A . 
E 4 HOH 3  303 39 HOH HOH A . 
E 4 HOH 4  304 56 HOH HOH A . 
E 4 HOH 5  305 49 HOH HOH A . 
E 4 HOH 6  306 37 HOH HOH A . 
E 4 HOH 7  307 40 HOH HOH A . 
E 4 HOH 8  308 26 HOH HOH A . 
E 4 HOH 9  309 29 HOH HOH A . 
E 4 HOH 10 310 28 HOH HOH A . 
E 4 HOH 11 311 30 HOH HOH A . 
E 4 HOH 12 312 12 HOH HOH A . 
E 4 HOH 13 313 3  HOH HOH A . 
E 4 HOH 14 314 6  HOH HOH A . 
E 4 HOH 15 315 79 HOH HOH A . 
E 4 HOH 16 316 46 HOH HOH A . 
E 4 HOH 17 317 9  HOH HOH A . 
E 4 HOH 18 318 34 HOH HOH A . 
E 4 HOH 19 319 59 HOH HOH A . 
E 4 HOH 20 320 1  HOH HOH A . 
E 4 HOH 21 321 91 HOH HOH A . 
E 4 HOH 22 322 88 HOH HOH A . 
E 4 HOH 23 323 42 HOH HOH A . 
E 4 HOH 24 324 61 HOH HOH A . 
E 4 HOH 25 325 70 HOH HOH A . 
E 4 HOH 26 326 17 HOH HOH A . 
E 4 HOH 27 327 2  HOH HOH A . 
E 4 HOH 28 328 4  HOH HOH A . 
E 4 HOH 29 329 96 HOH HOH A . 
E 4 HOH 30 330 13 HOH HOH A . 
E 4 HOH 31 331 64 HOH HOH A . 
E 4 HOH 32 332 58 HOH HOH A . 
E 4 HOH 33 333 19 HOH HOH A . 
E 4 HOH 34 334 7  HOH HOH A . 
E 4 HOH 35 335 66 HOH HOH A . 
E 4 HOH 36 336 67 HOH HOH A . 
E 4 HOH 37 337 83 HOH HOH A . 
E 4 HOH 38 338 82 HOH HOH A . 
E 4 HOH 39 339 36 HOH HOH A . 
E 4 HOH 40 340 90 HOH HOH A . 
E 4 HOH 41 341 5  HOH HOH A . 
E 4 HOH 42 342 68 HOH HOH A . 
E 4 HOH 43 343 77 HOH HOH A . 
E 4 HOH 44 344 86 HOH HOH A . 
E 4 HOH 45 345 22 HOH HOH A . 
E 4 HOH 46 346 45 HOH HOH A . 
E 4 HOH 47 347 21 HOH HOH A . 
E 4 HOH 48 348 50 HOH HOH A . 
E 4 HOH 49 349 51 HOH HOH A . 
E 4 HOH 50 350 55 HOH HOH A . 
E 4 HOH 51 351 11 HOH HOH A . 
E 4 HOH 52 352 48 HOH HOH A . 
E 4 HOH 53 353 23 HOH HOH A . 
E 4 HOH 54 354 10 HOH HOH A . 
E 4 HOH 55 355 44 HOH HOH A . 
E 4 HOH 56 356 93 HOH HOH A . 
E 4 HOH 57 357 33 HOH HOH A . 
E 4 HOH 58 358 8  HOH HOH A . 
E 4 HOH 59 359 15 HOH HOH A . 
E 4 HOH 60 360 95 HOH HOH A . 
E 4 HOH 61 361 84 HOH HOH A . 
E 4 HOH 62 362 62 HOH HOH A . 
E 4 HOH 63 363 53 HOH HOH A . 
E 4 HOH 64 364 63 HOH HOH A . 
E 4 HOH 65 365 71 HOH HOH A . 
E 4 HOH 66 366 20 HOH HOH A . 
E 4 HOH 67 367 25 HOH HOH A . 
E 4 HOH 68 368 24 HOH HOH A . 
E 4 HOH 69 369 80 HOH HOH A . 
E 4 HOH 70 370 16 HOH HOH A . 
E 4 HOH 71 371 72 HOH HOH A . 
E 4 HOH 72 372 78 HOH HOH A . 
E 4 HOH 73 373 81 HOH HOH A . 
E 4 HOH 74 374 14 HOH HOH A . 
E 4 HOH 75 375 74 HOH HOH A . 
E 4 HOH 76 376 18 HOH HOH A . 
E 4 HOH 77 377 41 HOH HOH A . 
E 4 HOH 78 378 38 HOH HOH A . 
E 4 HOH 79 379 35 HOH HOH A . 
E 4 HOH 80 380 89 HOH HOH A . 
E 4 HOH 81 381 60 HOH HOH A . 
E 4 HOH 82 382 32 HOH HOH A . 
E 4 HOH 83 383 69 HOH HOH A . 
E 4 HOH 84 384 85 HOH HOH A . 
E 4 HOH 85 385 52 HOH HOH A . 
E 4 HOH 86 386 92 HOH HOH A . 
E 4 HOH 87 387 73 HOH HOH A . 
# 
loop_
_pdbx_unobs_or_zero_occ_atoms.id 
_pdbx_unobs_or_zero_occ_atoms.PDB_model_num 
_pdbx_unobs_or_zero_occ_atoms.polymer_flag 
_pdbx_unobs_or_zero_occ_atoms.occupancy_flag 
_pdbx_unobs_or_zero_occ_atoms.auth_asym_id 
_pdbx_unobs_or_zero_occ_atoms.auth_comp_id 
_pdbx_unobs_or_zero_occ_atoms.auth_seq_id 
_pdbx_unobs_or_zero_occ_atoms.PDB_ins_code 
_pdbx_unobs_or_zero_occ_atoms.auth_atom_id 
_pdbx_unobs_or_zero_occ_atoms.label_alt_id 
_pdbx_unobs_or_zero_occ_atoms.label_asym_id 
_pdbx_unobs_or_zero_occ_atoms.label_comp_id 
_pdbx_unobs_or_zero_occ_atoms.label_seq_id 
_pdbx_unobs_or_zero_occ_atoms.label_atom_id 
1 1 Y 1 A ARG 89 ? CG  ? A ARG 89 CG  
2 1 Y 1 A ARG 89 ? CD  ? A ARG 89 CD  
3 1 Y 1 A ARG 89 ? NE  ? A ARG 89 NE  
4 1 Y 1 A ARG 89 ? CZ  ? A ARG 89 CZ  
5 1 Y 1 A ARG 89 ? NH1 ? A ARG 89 NH1 
6 1 Y 1 A ARG 89 ? NH2 ? A ARG 89 NH2 
# 
loop_
_software.pdbx_ordinal 
_software.name 
_software.version 
_software.date 
_software.type 
_software.contact_author 
_software.contact_author_email 
_software.classification 
_software.location 
_software.language 
_software.citation_id 
1 REFMAC      5.8.0189 ?               program 'Garib N. Murshudov' garib@ysbl.york.ac.uk    refinement        
http://www.ccp4.ac.uk/dist/html/refmac5.html        Fortran_77 ? 
2 Aimless     0.5.32   29/03/17        program 'Phil Evans'         ?                        'data scaling'    
http://www.mrc-lmb.cam.ac.uk/harry/pre/aimless.html ?          ? 
3 PDB_EXTRACT 3.23     'SEP. 23, 2016' package PDB                  deposit@deposit.rcsb.org 'data extraction' 
http://sw-tools.pdb.org/apps/PDB_EXTRACT/           C++        ? 
4 XDS         .        ?               program ?                    ?                        'data reduction'  ? ?          ? 
5 REFMAC      .        ?               program ?                    ?                        phasing           ? ?          ? 
# 
_cell.entry_id           5QHP 
_cell.length_a           50.490 
_cell.length_b           50.490 
_cell.length_c           152.990 
_cell.angle_alpha        90.000 
_cell.angle_beta         90.000 
_cell.angle_gamma        90.000 
_cell.Z_PDB              8 
_cell.pdbx_unique_axis   ? 
# 
_symmetry.entry_id                         5QHP 
_symmetry.Int_Tables_number                91 
_symmetry.space_group_name_H-M             'P 41 2 2' 
_symmetry.pdbx_full_space_group_name_H-M   ? 
_symmetry.cell_setting                     ? 
# 
_exptl.crystals_number   1 
_exptl.entry_id          5QHP 
_exptl.method            'X-RAY DIFFRACTION' 
# 
_exptl_crystal.id                    1 
_exptl_crystal.pdbx_mosaicity        0.000 
_exptl_crystal.pdbx_mosaicity_esd    ? 
_exptl_crystal.density_Matthews      2.35 
_exptl_crystal.density_diffrn        ? 
_exptl_crystal.density_meas          ? 
_exptl_crystal.density_meas_temp     ? 
_exptl_crystal.density_percent_sol   47.56 
_exptl_crystal.size_max              ? 
_exptl_crystal.size_mid              ? 
_exptl_crystal.size_min              ? 
_exptl_crystal.size_rad              ? 
_exptl_crystal.description           ? 
# 
_exptl_crystal_grow.crystal_id      1 
_exptl_crystal_grow.method          'VAPOR DIFFUSION, SITTING DROP' 
_exptl_crystal_grow.pH              7.0 
_exptl_crystal_grow.temp            293 
_exptl_crystal_grow.pdbx_details    '27.3% Tacsimate pH 7.0, 0.15 M NaCl' 
_exptl_crystal_grow.temp_details    ? 
_exptl_crystal_grow.pdbx_pH_range   ? 
# 
_diffrn.id                     1 
_diffrn.ambient_temp           100 
_diffrn.crystal_id             1 
_diffrn.ambient_temp_details   ? 
# 
_diffrn_detector.detector               PIXEL 
_diffrn_detector.type                   'DECTRIS PILATUS 6M' 
_diffrn_detector.pdbx_collection_date   2017-08-04 
_diffrn_detector.diffrn_id              1 
_diffrn_detector.details                ? 
# 
_diffrn_radiation.diffrn_id                        1 
_diffrn_radiation.wavelength_id                    1 
_diffrn_radiation.pdbx_diffrn_protocol             'SINGLE WAVELENGTH' 
_diffrn_radiation.pdbx_monochromatic_or_laue_m_l   ? 
_diffrn_radiation.monochromator                    ? 
_diffrn_radiation.pdbx_scattering_type             x-ray 
# 
_diffrn_radiation_wavelength.id           1 
_diffrn_radiation_wavelength.wavelength   0.91587 
_diffrn_radiation_wavelength.wt           1.0 
# 
_diffrn_source.diffrn_id                   1 
_diffrn_source.source                      SYNCHROTRON 
_diffrn_source.type                        'DIAMOND BEAMLINE I04-1' 
_diffrn_source.pdbx_wavelength_list        0.91587 
_diffrn_source.pdbx_synchrotron_site       Diamond 
_diffrn_source.pdbx_synchrotron_beamline   I04-1 
_diffrn_source.pdbx_wavelength             ? 
# 
_reflns.entry_id                     5QHP 
_reflns.pdbx_diffrn_id               1 
_reflns.pdbx_ordinal                 1 
_reflns.observed_criterion_sigma_I   ? 
_reflns.observed_criterion_sigma_F   ? 
_reflns.d_resolution_low             23.230 
_reflns.d_resolution_high            2.060 
_reflns.number_obs                   13018 
_reflns.number_all                   ? 
_reflns.percent_possible_obs         99.700 
_reflns.pdbx_Rmerge_I_obs            0.118 
_reflns.pdbx_Rsym_value              ? 
_reflns.pdbx_netI_over_sigmaI        11.500 
_reflns.B_iso_Wilson_estimate        ? 
_reflns.pdbx_redundancy              8.300 
_reflns.pdbx_Rrim_I_all              0.126 
_reflns.pdbx_Rpim_I_all              0.043 
_reflns.pdbx_CC_half                 0.998 
_reflns.pdbx_netI_over_av_sigmaI     ? 
_reflns.pdbx_number_measured_all     108320 
_reflns.pdbx_scaling_rejects         0 
_reflns.pdbx_chi_squared             ? 
_reflns.Rmerge_F_all                 ? 
_reflns.Rmerge_F_obs                 ? 
_reflns.observed_criterion_F_max     ? 
_reflns.observed_criterion_F_min     ? 
_reflns.observed_criterion_I_max     ? 
_reflns.observed_criterion_I_min     ? 
_reflns.pdbx_d_res_high_opt          ? 
_reflns.pdbx_d_res_low_opt           ? 
_reflns.details                      ? 
# 
loop_
_reflns_shell.pdbx_diffrn_id 
_reflns_shell.pdbx_ordinal 
_reflns_shell.d_res_high 
_reflns_shell.d_res_low 
_reflns_shell.number_measured_obs 
_reflns_shell.number_measured_all 
_reflns_shell.number_unique_obs 
_reflns_shell.pdbx_rejects 
_reflns_shell.Rmerge_I_obs 
_reflns_shell.meanI_over_sigI_obs 
_reflns_shell.pdbx_Rsym_value 
_reflns_shell.pdbx_chi_squared 
_reflns_shell.pdbx_redundancy 
_reflns_shell.percent_possible_obs 
_reflns_shell.pdbx_netI_over_sigmaI_obs 
_reflns_shell.number_possible 
_reflns_shell.number_unique_all 
_reflns_shell.Rmerge_F_all 
_reflns_shell.Rmerge_F_obs 
_reflns_shell.Rmerge_I_all 
_reflns_shell.meanI_over_sigI_all 
_reflns_shell.percent_possible_all 
_reflns_shell.pdbx_Rrim_I_all 
_reflns_shell.pdbx_Rpim_I_all 
_reflns_shell.pdbx_CC_half 
1 1 2.060 2.110  ? 7911 ? ? 1.533 ? ? ? 8.400 ? 1.400  ? 947 ? ? ? ? 99.400 1.636 0.564 0.690 
1 2 9.210 23.230 ? 1284 ? ? 0.036 ? ? ? 6.900 ? 37.200 ? 186 ? ? ? ? 94.300 0.039 0.015 0.999 
# 
_refine.entry_id                                 5QHP 
_refine.pdbx_refine_id                           'X-RAY DIFFRACTION' 
_refine.ls_d_res_high                            2.0600 
_refine.ls_d_res_low                             50.4900 
_refine.pdbx_ls_sigma_F                          0.000 
_refine.pdbx_data_cutoff_high_absF               ? 
_refine.pdbx_data_cutoff_low_absF                ? 
_refine.ls_percent_reflns_obs                    99.6200 
_refine.ls_number_reflns_obs                     12280 
_refine.ls_number_reflns_all                     ? 
_refine.pdbx_ls_cross_valid_method               THROUGHOUT 
_refine.ls_matrix_type                           ? 
_refine.pdbx_R_Free_selection_details            RANDOM 
_refine.details                                  
'HYDROGENS HAVE BEEN ADDED IN THE RIDING POSITIONS U VALUES      : REFINED INDIVIDUALLY' 
_refine.ls_R_factor_all                          ? 
_refine.ls_R_factor_obs                          0.1860 
_refine.ls_R_factor_R_work                       0.1833 
_refine.ls_wR_factor_R_work                      ? 
_refine.ls_R_factor_R_free                       0.2344 
_refine.ls_wR_factor_R_free                      ? 
_refine.ls_percent_reflns_R_free                 5.3000 
_refine.ls_number_reflns_R_free                  687 
_refine.ls_number_reflns_R_work                  ? 
_refine.ls_R_factor_R_free_error                 ? 
_refine.B_iso_mean                               44.0910 
_refine.solvent_model_param_bsol                 ? 
_refine.solvent_model_param_ksol                 ? 
_refine.pdbx_isotropic_thermal_model             ? 
_refine.aniso_B[1][1]                            1.5800 
_refine.aniso_B[2][2]                            1.5800 
_refine.aniso_B[3][3]                            -3.1600 
_refine.aniso_B[1][2]                            -0.0000 
_refine.aniso_B[1][3]                            -0.0000 
_refine.aniso_B[2][3]                            -0.0000 
_refine.correlation_coeff_Fo_to_Fc               0.9650 
_refine.correlation_coeff_Fo_to_Fc_free          0.9390 
_refine.overall_SU_R_Cruickshank_DPI             ? 
_refine.pdbx_overall_SU_R_free_Cruickshank_DPI   ? 
_refine.pdbx_overall_SU_R_Blow_DPI               ? 
_refine.pdbx_overall_SU_R_free_Blow_DPI          ? 
_refine.overall_SU_R_free                        ? 
_refine.pdbx_overall_ESU_R                       0.1920 
_refine.pdbx_overall_ESU_R_Free                  0.1740 
_refine.overall_SU_ML                            0.1420 
_refine.overall_SU_B                             5.4610 
_refine.solvent_model_details                    MASK 
_refine.pdbx_solvent_vdw_probe_radii             1.2000 
_refine.pdbx_solvent_ion_probe_radii             0.8000 
_refine.pdbx_solvent_shrinkage_radii             0.8000 
_refine.ls_number_parameters                     ? 
_refine.ls_number_restraints                     ? 
_refine.pdbx_starting_model                      5LZK 
_refine.pdbx_method_to_determine_struct          'FOURIER SYNTHESIS' 
_refine.pdbx_stereochemistry_target_values       'MAXIMUM LIKELIHOOD' 
_refine.pdbx_stereochem_target_val_spec_case     ? 
_refine.overall_FOM_work_R_set                   ? 
_refine.B_iso_max                                146.800 
_refine.B_iso_min                                26.100 
_refine.pdbx_overall_phase_error                 ? 
_refine.occupancy_max                            ? 
_refine.occupancy_min                            ? 
_refine.pdbx_diffrn_id                           1 
_refine.pdbx_TLS_residual_ADP_flag               ? 
_refine.pdbx_ls_sigma_I                          ? 
_refine.pdbx_data_cutoff_high_rms_absF           ? 
_refine.ls_R_factor_R_free_error_details         ? 
# 
_refine_hist.cycle_id                         final 
_refine_hist.pdbx_refine_id                   'X-RAY DIFFRACTION' 
_refine_hist.d_res_high                       2.0600 
_refine_hist.d_res_low                        50.4900 
_refine_hist.pdbx_number_atoms_ligand         22 
_refine_hist.number_atoms_solvent             87 
_refine_hist.number_atoms_total               1440 
_refine_hist.pdbx_number_residues_total       164 
_refine_hist.pdbx_B_iso_mean_ligand           50.14 
_refine_hist.pdbx_B_iso_mean_solvent          55.34 
_refine_hist.pdbx_number_atoms_protein        1331 
_refine_hist.pdbx_number_atoms_nucleic_acid   0 
# 
loop_
_refine_ls_restr.pdbx_refine_id 
_refine_ls_restr.type 
_refine_ls_restr.number 
_refine_ls_restr.dev_ideal 
_refine_ls_restr.dev_ideal_target 
_refine_ls_restr.weight 
_refine_ls_restr.pdbx_restraint_function 
'X-RAY DIFFRACTION' r_bond_refined_d       1473 0.017  0.019  ? ? 
'X-RAY DIFFRACTION' r_bond_other_d         1377 0.002  0.020  ? ? 
'X-RAY DIFFRACTION' r_angle_refined_deg    1983 1.751  1.946  ? ? 
'X-RAY DIFFRACTION' r_angle_other_deg      3182 1.032  2.992  ? ? 
'X-RAY DIFFRACTION' r_dihedral_angle_1_deg 176  6.978  5.000  ? ? 
'X-RAY DIFFRACTION' r_dihedral_angle_2_deg 70   39.817 23.429 ? ? 
'X-RAY DIFFRACTION' r_dihedral_angle_3_deg 269  16.815 15.000 ? ? 
'X-RAY DIFFRACTION' r_dihedral_angle_4_deg 10   21.833 15.000 ? ? 
'X-RAY DIFFRACTION' r_chiral_restr         217  0.104  0.200  ? ? 
'X-RAY DIFFRACTION' r_gen_planes_refined   1622 0.008  0.020  ? ? 
'X-RAY DIFFRACTION' r_gen_planes_other     325  0.002  0.020  ? ? 
'X-RAY DIFFRACTION' r_mcbond_it            698  3.499  4.130  ? ? 
'X-RAY DIFFRACTION' r_mcbond_other         697  3.498  4.122  ? ? 
'X-RAY DIFFRACTION' r_mcangle_it           876  4.841  6.158  ? ? 
# 
_refine_ls_shell.d_res_high                       2.0600 
_refine_ls_shell.d_res_low                        2.1130 
_refine_ls_shell.pdbx_total_number_of_bins_used   20 
_refine_ls_shell.percent_reflns_obs               99.2600 
_refine_ls_shell.number_reflns_R_work             889 
_refine_ls_shell.R_factor_all                     ? 
_refine_ls_shell.R_factor_R_work                  0.2920 
_refine_ls_shell.R_factor_R_free                  0.3130 
_refine_ls_shell.percent_reflns_R_free            ? 
_refine_ls_shell.number_reflns_R_free             52 
_refine_ls_shell.R_factor_R_free_error            ? 
_refine_ls_shell.number_reflns_all                941 
_refine_ls_shell.number_reflns_obs                ? 
_refine_ls_shell.pdbx_refine_id                   'X-RAY DIFFRACTION' 
_refine_ls_shell.R_factor_obs                     ? 
# 
_struct.entry_id                  5QHP 
_struct.title                     
;PanDDA analysis group deposition of models with modelled events (e.g. bound ligands) -- Crystal Structure of human FAM83B in complex with FMOPL000554a
;
_struct.pdbx_model_details        ? 
_struct.pdbx_CASP_flag            ? 
_struct.pdbx_model_type_details   ? 
# 
_struct_keywords.entry_id        5QHP 
_struct_keywords.text            'PanDDA, SGC - Diamond I04-1 fragment screening, DUF1669 domain, XChemExplorer, PROTEIN BINDING' 
_struct_keywords.pdbx_keywords   'PROTEIN BINDING' 
# 
loop_
_struct_asym.id 
_struct_asym.pdbx_blank_PDB_chainid_flag 
_struct_asym.pdbx_modified 
_struct_asym.entity_id 
_struct_asym.details 
A N N 1 ? 
B N N 2 ? 
C N N 2 ? 
D N N 3 ? 
E N N 4 ? 
# 
_struct_ref.id                         1 
_struct_ref.db_name                    UNP 
_struct_ref.db_code                    FA83B_HUMAN 
_struct_ref.pdbx_db_accession          Q5T0W9 
_struct_ref.pdbx_db_isoform            ? 
_struct_ref.entity_id                  1 
_struct_ref.pdbx_seq_one_letter_code   
;GGTHIDLLFHPPRAHLLTIKETIRKMIKEARKVIALVMDIFTDVDIFKEIVEASTRGVSVYILLDESNFNHFLNMTEKQG
CSVQRLRNIRVRTVKGQDYLSKTGAKFHGKMEQKFLLVDCQKVMYGSYSYMWSFEKAHLSMVQIITGQLVESFDEEFRTL
YARSCVPSSFAQEESARV
;
_struct_ref.pdbx_align_begin           117 
# 
_struct_ref_seq.align_id                      1 
_struct_ref_seq.ref_id                        1 
_struct_ref_seq.pdbx_PDB_id_code              5QHP 
_struct_ref_seq.pdbx_strand_id                A 
_struct_ref_seq.seq_align_beg                 3 
_struct_ref_seq.pdbx_seq_align_beg_ins_code   ? 
_struct_ref_seq.seq_align_end                 180 
_struct_ref_seq.pdbx_seq_align_end_ins_code   ? 
_struct_ref_seq.pdbx_db_accession             Q5T0W9 
_struct_ref_seq.db_align_beg                  117 
_struct_ref_seq.pdbx_db_align_beg_ins_code    ? 
_struct_ref_seq.db_align_end                  294 
_struct_ref_seq.pdbx_db_align_end_ins_code    ? 
_struct_ref_seq.pdbx_auth_seq_align_beg       3 
_struct_ref_seq.pdbx_auth_seq_align_end       180 
# 
loop_
_struct_ref_seq_dif.align_id 
_struct_ref_seq_dif.pdbx_pdb_id_code 
_struct_ref_seq_dif.mon_id 
_struct_ref_seq_dif.pdbx_pdb_strand_id 
_struct_ref_seq_dif.seq_num 
_struct_ref_seq_dif.pdbx_pdb_ins_code 
_struct_ref_seq_dif.pdbx_seq_db_name 
_struct_ref_seq_dif.pdbx_seq_db_accession_code 
_struct_ref_seq_dif.db_mon_id 
_struct_ref_seq_dif.pdbx_seq_db_seq_num 
_struct_ref_seq_dif.details 
_struct_ref_seq_dif.pdbx_auth_seq_num 
_struct_ref_seq_dif.pdbx_ordinal 
1 5QHP SER A 1 ? UNP Q5T0W9 ? ? 'expression tag' 1 1 
1 5QHP MET A 2 ? UNP Q5T0W9 ? ? 'expression tag' 2 2 
# 
_pdbx_struct_assembly.id                   1 
_pdbx_struct_assembly.details              author_and_software_defined_assembly 
_pdbx_struct_assembly.method_details       PISA 
_pdbx_struct_assembly.oligomeric_details   dimeric 
_pdbx_struct_assembly.oligomeric_count     2 
# 
loop_
_pdbx_struct_assembly_prop.biol_id 
_pdbx_struct_assembly_prop.type 
_pdbx_struct_assembly_prop.value 
_pdbx_struct_assembly_prop.details 
1 'ABSA (A^2)' 3880  ? 
1 MORE         -5    ? 
1 'SSA (A^2)'  14710 ? 
# 
_pdbx_struct_assembly_gen.assembly_id       1 
_pdbx_struct_assembly_gen.oper_expression   1,2 
_pdbx_struct_assembly_gen.asym_id_list      A,B,C,D,E 
# 
loop_
_pdbx_struct_oper_list.id 
_pdbx_struct_oper_list.type 
_pdbx_struct_oper_list.name 
_pdbx_struct_oper_list.symmetry_operation 
_pdbx_struct_oper_list.matrix[1][1] 
_pdbx_struct_oper_list.matrix[1][2] 
_pdbx_struct_oper_list.matrix[1][3] 
_pdbx_struct_oper_list.vector[1] 
_pdbx_struct_oper_list.matrix[2][1] 
_pdbx_struct_oper_list.matrix[2][2] 
_pdbx_struct_oper_list.matrix[2][3] 
_pdbx_struct_oper_list.vector[2] 
_pdbx_struct_oper_list.matrix[3][1] 
_pdbx_struct_oper_list.matrix[3][2] 
_pdbx_struct_oper_list.matrix[3][3] 
_pdbx_struct_oper_list.vector[3] 
1 'identity operation'         1_555 x,y,z          1.0000000000  0.0000000000 0.0000000000  0.0000000000  0.0000000000 1.0000000000  0.0000000000  0.0000000000  0.0000000000  0.0000000000  1.0000000000 0.0000000000 
2 'crystal symmetry operation' 7_465 y-1,x+1,-z+3/4 -0.3970644174 0.3507779525 -0.8481124197 -3.2309588448 0.3507779525 -0.7959231873 -0.4934177824 23.9024355987 -0.8481124197 -0.4934177824 0.1929876046 7.5890733550 
# 
loop_
_struct_conf.conf_type_id 
_struct_conf.id 
_struct_conf.pdbx_PDB_helix_id 
_struct_conf.beg_label_comp_id 
_struct_conf.beg_label_asym_id 
_struct_conf.beg_label_seq_id 
_struct_conf.pdbx_beg_PDB_ins_code 
_struct_conf.end_label_comp_id 
_struct_conf.end_label_asym_id 
_struct_conf.end_label_seq_id 
_struct_conf.pdbx_end_PDB_ins_code 
_struct_conf.beg_auth_comp_id 
_struct_conf.beg_auth_asym_id 
_struct_conf.beg_auth_seq_id 
_struct_conf.end_auth_comp_id 
_struct_conf.end_auth_asym_id 
_struct_conf.end_auth_seq_id 
_struct_conf.pdbx_PDB_helix_class 
_struct_conf.details 
_struct_conf.pdbx_PDB_helix_length 
HELX_P HELX_P1 AA1 THR A 20  ? GLU A 31  ? THR A 20  GLU A 31  1 ? 12 
HELX_P HELX_P2 AA2 ASP A 45  ? ARG A 58  ? ASP A 45  ARG A 58  1 ? 14 
HELX_P HELX_P3 AA3 ASN A 70  ? GLN A 81  ? ASN A 70  GLN A 81  1 ? 12 
HELX_P HELX_P4 AA4 MET A 133 ? ALA A 139 ? MET A 133 ALA A 139 1 ? 7  
HELX_P HELX_P5 AA5 GLN A 150 ? ARG A 165 ? GLN A 150 ARG A 165 1 ? 16 
# 
_struct_conf_type.id          HELX_P 
_struct_conf_type.criteria    ? 
_struct_conf_type.reference   ? 
# 
_struct_conn.id                            disulf1 
_struct_conn.conn_type_id                  disulf 
_struct_conn.pdbx_leaving_atom_flag        ? 
_struct_conn.pdbx_PDB_id                   ? 
_struct_conn.ptnr1_label_asym_id           A 
_struct_conn.ptnr1_label_comp_id           CYS 
_struct_conn.ptnr1_label_seq_id            167 
_struct_conn.ptnr1_label_atom_id           SG 
_struct_conn.pdbx_ptnr1_label_alt_id       ? 
_struct_conn.pdbx_ptnr1_PDB_ins_code       ? 
_struct_conn.pdbx_ptnr1_standard_comp_id   ? 
_struct_conn.ptnr1_symmetry                1_555 
_struct_conn.ptnr2_label_asym_id           A 
_struct_conn.ptnr2_label_comp_id           CYS 
_struct_conn.ptnr2_label_seq_id            167 
_struct_conn.ptnr2_label_atom_id           SG 
_struct_conn.pdbx_ptnr2_label_alt_id       ? 
_struct_conn.pdbx_ptnr2_PDB_ins_code       ? 
_struct_conn.ptnr1_auth_asym_id            A 
_struct_conn.ptnr1_auth_comp_id            CYS 
_struct_conn.ptnr1_auth_seq_id             167 
_struct_conn.ptnr2_auth_asym_id            A 
_struct_conn.ptnr2_auth_comp_id            CYS 
_struct_conn.ptnr2_auth_seq_id             167 
_struct_conn.ptnr2_symmetry                5_556 
_struct_conn.pdbx_ptnr3_label_atom_id      ? 
_struct_conn.pdbx_ptnr3_label_seq_id       ? 
_struct_conn.pdbx_ptnr3_label_comp_id      ? 
_struct_conn.pdbx_ptnr3_label_asym_id      ? 
_struct_conn.pdbx_ptnr3_label_alt_id       ? 
_struct_conn.pdbx_ptnr3_PDB_ins_code       ? 
_struct_conn.details                       ? 
_struct_conn.pdbx_dist_value               2.200 
_struct_conn.pdbx_value_order              ? 
_struct_conn.pdbx_role                     ? 
# 
_struct_conn_type.id          disulf 
_struct_conn_type.criteria    ? 
_struct_conn_type.reference   ? 
# 
_pdbx_modification_feature.ordinal                            1 
_pdbx_modification_feature.label_comp_id                      CYS 
_pdbx_modification_feature.label_asym_id                      A 
_pdbx_modification_feature.label_seq_id                       167 
_pdbx_modification_feature.label_alt_id                       ? 
_pdbx_modification_feature.modified_residue_label_comp_id     CYS 
_pdbx_modification_feature.modified_residue_label_asym_id     A 
_pdbx_modification_feature.modified_residue_label_seq_id      167 
_pdbx_modification_feature.modified_residue_label_alt_id      ? 
_pdbx_modification_feature.auth_comp_id                       CYS 
_pdbx_modification_feature.auth_asym_id                       A 
_pdbx_modification_feature.auth_seq_id                        167 
_pdbx_modification_feature.PDB_ins_code                       ? 
_pdbx_modification_feature.symmetry                           1_555 
_pdbx_modification_feature.modified_residue_auth_comp_id      CYS 
_pdbx_modification_feature.modified_residue_auth_asym_id      A 
_pdbx_modification_feature.modified_residue_auth_seq_id       167 
_pdbx_modification_feature.modified_residue_PDB_ins_code      ? 
_pdbx_modification_feature.modified_residue_symmetry          5_556 
_pdbx_modification_feature.comp_id_linking_atom               SG 
_pdbx_modification_feature.modified_residue_id_linking_atom   SG 
_pdbx_modification_feature.modified_residue_id                . 
_pdbx_modification_feature.ref_pcm_id                         . 
_pdbx_modification_feature.ref_comp_id                        . 
_pdbx_modification_feature.type                               None 
_pdbx_modification_feature.category                           'Disulfide bridge' 
# 
_struct_mon_prot_cis.pdbx_id                1 
_struct_mon_prot_cis.label_comp_id          HIS 
_struct_mon_prot_cis.label_seq_id           12 
_struct_mon_prot_cis.label_asym_id          A 
_struct_mon_prot_cis.label_alt_id           . 
_struct_mon_prot_cis.pdbx_PDB_ins_code      ? 
_struct_mon_prot_cis.auth_comp_id           HIS 
_struct_mon_prot_cis.auth_seq_id            12 
_struct_mon_prot_cis.auth_asym_id           A 
_struct_mon_prot_cis.pdbx_label_comp_id_2   PRO 
_struct_mon_prot_cis.pdbx_label_seq_id_2    13 
_struct_mon_prot_cis.pdbx_label_asym_id_2   A 
_struct_mon_prot_cis.pdbx_PDB_ins_code_2    ? 
_struct_mon_prot_cis.pdbx_auth_comp_id_2    PRO 
_struct_mon_prot_cis.pdbx_auth_seq_id_2     13 
_struct_mon_prot_cis.pdbx_auth_asym_id_2    A 
_struct_mon_prot_cis.pdbx_PDB_model_num     1 
_struct_mon_prot_cis.pdbx_omega_angle       -1.77 
# 
_struct_sheet.id               AA1 
_struct_sheet.type             ? 
_struct_sheet.number_strands   7 
_struct_sheet.details          ? 
# 
loop_
_struct_sheet_order.sheet_id 
_struct_sheet_order.range_id_1 
_struct_sheet_order.range_id_2 
_struct_sheet_order.offset 
_struct_sheet_order.sense 
AA1 1 2 ? anti-parallel 
AA1 2 3 ? anti-parallel 
AA1 3 4 ? anti-parallel 
AA1 4 5 ? anti-parallel 
AA1 5 6 ? parallel      
AA1 6 7 ? parallel      
# 
loop_
_struct_sheet_range.sheet_id 
_struct_sheet_range.id 
_struct_sheet_range.beg_label_comp_id 
_struct_sheet_range.beg_label_asym_id 
_struct_sheet_range.beg_label_seq_id 
_struct_sheet_range.pdbx_beg_PDB_ins_code 
_struct_sheet_range.end_label_comp_id 
_struct_sheet_range.end_label_asym_id 
_struct_sheet_range.end_label_seq_id 
_struct_sheet_range.pdbx_end_PDB_ins_code 
_struct_sheet_range.beg_auth_comp_id 
_struct_sheet_range.beg_auth_asym_id 
_struct_sheet_range.beg_auth_seq_id 
_struct_sheet_range.end_auth_comp_id 
_struct_sheet_range.end_auth_asym_id 
_struct_sheet_range.end_auth_seq_id 
AA1 1 THR A 5   ? HIS A 12  ? THR A 5   HIS A 12  
AA1 2 SER A 142 ? GLY A 149 ? SER A 142 GLY A 149 
AA1 3 LYS A 124 ? GLY A 128 ? LYS A 124 GLY A 128 
AA1 4 PHE A 117 ? VAL A 120 ? PHE A 117 VAL A 120 
AA1 5 VAL A 35  ? MET A 40  ? VAL A 35  MET A 40  
AA1 6 SER A 61  ? ASP A 67  ? SER A 61  ASP A 67  
AA1 7 ILE A 91  ? VAL A 96  ? ILE A 91  VAL A 96  
# 
loop_
_pdbx_struct_sheet_hbond.sheet_id 
_pdbx_struct_sheet_hbond.range_id_1 
_pdbx_struct_sheet_hbond.range_id_2 
_pdbx_struct_sheet_hbond.range_1_label_atom_id 
_pdbx_struct_sheet_hbond.range_1_label_comp_id 
_pdbx_struct_sheet_hbond.range_1_label_asym_id 
_pdbx_struct_sheet_hbond.range_1_label_seq_id 
_pdbx_struct_sheet_hbond.range_1_PDB_ins_code 
_pdbx_struct_sheet_hbond.range_1_auth_atom_id 
_pdbx_struct_sheet_hbond.range_1_auth_comp_id 
_pdbx_struct_sheet_hbond.range_1_auth_asym_id 
_pdbx_struct_sheet_hbond.range_1_auth_seq_id 
_pdbx_struct_sheet_hbond.range_2_label_atom_id 
_pdbx_struct_sheet_hbond.range_2_label_comp_id 
_pdbx_struct_sheet_hbond.range_2_label_asym_id 
_pdbx_struct_sheet_hbond.range_2_label_seq_id 
_pdbx_struct_sheet_hbond.range_2_PDB_ins_code 
_pdbx_struct_sheet_hbond.range_2_auth_atom_id 
_pdbx_struct_sheet_hbond.range_2_auth_comp_id 
_pdbx_struct_sheet_hbond.range_2_auth_asym_id 
_pdbx_struct_sheet_hbond.range_2_auth_seq_id 
AA1 1 2 N ASP A 8   ? N ASP A 8   O ILE A 146 ? O ILE A 146 
AA1 2 3 O ILE A 147 ? O ILE A 147 N VAL A 125 ? N VAL A 125 
AA1 3 4 O MET A 126 ? O MET A 126 N LEU A 118 ? N LEU A 118 
AA1 4 5 O LEU A 119 ? O LEU A 119 N ALA A 37  ? N ALA A 37  
AA1 5 6 N LEU A 38  ? N LEU A 38  O LEU A 65  ? O LEU A 65  
AA1 6 7 N ILE A 64  ? N ILE A 64  O ARG A 92  ? O ARG A 92  
# 
loop_
_struct_site.id 
_struct_site.pdbx_evidence_code 
_struct_site.pdbx_auth_asym_id 
_struct_site.pdbx_auth_comp_id 
_struct_site.pdbx_auth_seq_id 
_struct_site.pdbx_auth_ins_code 
_struct_site.pdbx_num_residues 
_struct_site.details 
AC1 Software A EDO 201 ? 4  'binding site for residue EDO A 201' 
AC2 Software A EDO 202 ? 5  'binding site for residue EDO A 202' 
AC3 Software A GQM 203 ? 10 'binding site for residue GQM A 203' 
# 
loop_
_struct_site_gen.id 
_struct_site_gen.site_id 
_struct_site_gen.pdbx_num_res 
_struct_site_gen.label_comp_id 
_struct_site_gen.label_asym_id 
_struct_site_gen.label_seq_id 
_struct_site_gen.pdbx_auth_ins_code 
_struct_site_gen.auth_comp_id 
_struct_site_gen.auth_asym_id 
_struct_site_gen.auth_seq_id 
_struct_site_gen.label_atom_id 
_struct_site_gen.label_alt_id 
_struct_site_gen.symmetry 
_struct_site_gen.details 
1  AC1 4  ILE A 7   ? ILE A 7   . ? 1_555 ? 
2  AC1 4  ASP A 8   ? ASP A 8   . ? 1_555 ? 
3  AC1 4  LEU A 9   ? LEU A 9   . ? 1_555 ? 
4  AC1 4  SER A 154 ? SER A 154 . ? 7_465 ? 
5  AC2 5  THR A 24  ? THR A 24  . ? 1_555 ? 
6  AC2 5  LYS A 27  ? LYS A 27  . ? 1_555 ? 
7  AC2 5  LYS A 124 ? LYS A 124 . ? 1_555 ? 
8  AC2 5  HOH E .   ? HOH A 305 . ? 1_555 ? 
9  AC2 5  HOH E .   ? HOH A 352 . ? 1_555 ? 
10 AC3 10 VAL A 35  ? VAL A 35  . ? 1_555 ? 
11 AC3 10 ALA A 37  ? ALA A 37  . ? 1_555 ? 
12 AC3 10 TYR A 63  ? TYR A 63  . ? 1_555 ? 
13 AC3 10 LEU A 119 ? LEU A 119 . ? 1_555 ? 
14 AC3 10 ASP A 121 ? ASP A 121 . ? 1_555 ? 
15 AC3 10 CYS A 122 ? CYS A 122 . ? 1_555 ? 
16 AC3 10 ASP A 156 ? ASP A 156 . ? 1_555 ? 
17 AC3 10 PHE A 159 ? PHE A 159 . ? 1_555 ? 
18 AC3 10 ARG A 160 ? ARG A 160 . ? 1_555 ? 
19 AC3 10 TYR A 163 ? TYR A 163 . ? 1_555 ? 
# 
_pdbx_entry_details.entry_id                   5QHP 
_pdbx_entry_details.compound_details           ? 
_pdbx_entry_details.source_details             ? 
_pdbx_entry_details.nonpolymer_details         ? 
_pdbx_entry_details.sequence_details           ? 
_pdbx_entry_details.has_ligand_of_interest     ? 
_pdbx_entry_details.has_protein_modification   Y 
# 
_pdbx_validate_close_contact.id               1 
_pdbx_validate_close_contact.PDB_model_num    1 
_pdbx_validate_close_contact.auth_atom_id_1   O 
_pdbx_validate_close_contact.auth_asym_id_1   A 
_pdbx_validate_close_contact.auth_comp_id_1   HOH 
_pdbx_validate_close_contact.auth_seq_id_1    325 
_pdbx_validate_close_contact.PDB_ins_code_1   ? 
_pdbx_validate_close_contact.label_alt_id_1   ? 
_pdbx_validate_close_contact.auth_atom_id_2   O 
_pdbx_validate_close_contact.auth_asym_id_2   A 
_pdbx_validate_close_contact.auth_comp_id_2   HOH 
_pdbx_validate_close_contact.auth_seq_id_2    383 
_pdbx_validate_close_contact.PDB_ins_code_2   ? 
_pdbx_validate_close_contact.label_alt_id_2   ? 
_pdbx_validate_close_contact.dist             2.07 
# 
_pdbx_validate_symm_contact.id                1 
_pdbx_validate_symm_contact.PDB_model_num     1 
_pdbx_validate_symm_contact.auth_atom_id_1    O 
_pdbx_validate_symm_contact.auth_asym_id_1    A 
_pdbx_validate_symm_contact.auth_comp_id_1    HOH 
_pdbx_validate_symm_contact.auth_seq_id_1     375 
_pdbx_validate_symm_contact.PDB_ins_code_1    ? 
_pdbx_validate_symm_contact.label_alt_id_1    ? 
_pdbx_validate_symm_contact.site_symmetry_1   1_555 
_pdbx_validate_symm_contact.auth_atom_id_2    O 
_pdbx_validate_symm_contact.auth_asym_id_2    A 
_pdbx_validate_symm_contact.auth_comp_id_2    HOH 
_pdbx_validate_symm_contact.auth_seq_id_2     375 
_pdbx_validate_symm_contact.PDB_ins_code_2    ? 
_pdbx_validate_symm_contact.label_alt_id_2    ? 
_pdbx_validate_symm_contact.site_symmetry_2   7_465 
_pdbx_validate_symm_contact.dist              1.21 
# 
loop_
_pdbx_validate_rmsd_angle.id 
_pdbx_validate_rmsd_angle.PDB_model_num 
_pdbx_validate_rmsd_angle.auth_atom_id_1 
_pdbx_validate_rmsd_angle.auth_asym_id_1 
_pdbx_validate_rmsd_angle.auth_comp_id_1 
_pdbx_validate_rmsd_angle.auth_seq_id_1 
_pdbx_validate_rmsd_angle.PDB_ins_code_1 
_pdbx_validate_rmsd_angle.label_alt_id_1 
_pdbx_validate_rmsd_angle.auth_atom_id_2 
_pdbx_validate_rmsd_angle.auth_asym_id_2 
_pdbx_validate_rmsd_angle.auth_comp_id_2 
_pdbx_validate_rmsd_angle.auth_seq_id_2 
_pdbx_validate_rmsd_angle.PDB_ins_code_2 
_pdbx_validate_rmsd_angle.label_alt_id_2 
_pdbx_validate_rmsd_angle.auth_atom_id_3 
_pdbx_validate_rmsd_angle.auth_asym_id_3 
_pdbx_validate_rmsd_angle.auth_comp_id_3 
_pdbx_validate_rmsd_angle.auth_seq_id_3 
_pdbx_validate_rmsd_angle.PDB_ins_code_3 
_pdbx_validate_rmsd_angle.label_alt_id_3 
_pdbx_validate_rmsd_angle.angle_value 
_pdbx_validate_rmsd_angle.angle_target_value 
_pdbx_validate_rmsd_angle.angle_deviation 
_pdbx_validate_rmsd_angle.angle_standard_deviation 
_pdbx_validate_rmsd_angle.linker_flag 
1 1 NE A ARG 15  ? ? CZ A ARG 15  ? ? NH1 A ARG 15  ? ? 124.87 120.30 4.57  0.50 N 
2 1 NE A ARG 15  ? ? CZ A ARG 15  ? ? NH2 A ARG 15  ? ? 116.51 120.30 -3.79 0.50 N 
3 1 NE A ARG 165 ? ? CZ A ARG 165 ? ? NH1 A ARG 165 ? ? 123.82 120.30 3.52  0.50 N 
# 
loop_
_pdbx_validate_torsion.id 
_pdbx_validate_torsion.PDB_model_num 
_pdbx_validate_torsion.auth_comp_id 
_pdbx_validate_torsion.auth_asym_id 
_pdbx_validate_torsion.auth_seq_id 
_pdbx_validate_torsion.PDB_ins_code 
_pdbx_validate_torsion.label_alt_id 
_pdbx_validate_torsion.phi 
_pdbx_validate_torsion.psi 
1 1 ALA A 16  ? ? 73.75   36.74  
2 1 LYS A 34  ? ? -136.55 -55.54 
3 1 CYS A 83  ? ? -152.94 59.75  
4 1 GLU A 114 ? ? -101.53 72.38  
5 1 GLN A 123 ? ? -135.43 -44.71 
# 
_pdbx_struct_special_symmetry.id              1 
_pdbx_struct_special_symmetry.PDB_model_num   1 
_pdbx_struct_special_symmetry.auth_asym_id    A 
_pdbx_struct_special_symmetry.auth_comp_id    HOH 
_pdbx_struct_special_symmetry.auth_seq_id     387 
_pdbx_struct_special_symmetry.PDB_ins_code    ? 
_pdbx_struct_special_symmetry.label_asym_id   E 
_pdbx_struct_special_symmetry.label_comp_id   HOH 
_pdbx_struct_special_symmetry.label_seq_id    . 
# 
_phasing.method   MR 
# 
_pdbx_distant_solvent_atoms.id                                1 
_pdbx_distant_solvent_atoms.PDB_model_num                     1 
_pdbx_distant_solvent_atoms.auth_atom_id                      O 
_pdbx_distant_solvent_atoms.label_alt_id                      ? 
_pdbx_distant_solvent_atoms.auth_asym_id                      A 
_pdbx_distant_solvent_atoms.auth_comp_id                      HOH 
_pdbx_distant_solvent_atoms.auth_seq_id                       387 
_pdbx_distant_solvent_atoms.PDB_ins_code                      ? 
_pdbx_distant_solvent_atoms.neighbor_macromolecule_distance   6.51 
_pdbx_distant_solvent_atoms.neighbor_ligand_distance          . 
# 
loop_
_pdbx_unobs_or_zero_occ_residues.id 
_pdbx_unobs_or_zero_occ_residues.PDB_model_num 
_pdbx_unobs_or_zero_occ_residues.polymer_flag 
_pdbx_unobs_or_zero_occ_residues.occupancy_flag 
_pdbx_unobs_or_zero_occ_residues.auth_asym_id 
_pdbx_unobs_or_zero_occ_residues.auth_comp_id 
_pdbx_unobs_or_zero_occ_residues.auth_seq_id 
_pdbx_unobs_or_zero_occ_residues.PDB_ins_code 
_pdbx_unobs_or_zero_occ_residues.label_asym_id 
_pdbx_unobs_or_zero_occ_residues.label_comp_id 
_pdbx_unobs_or_zero_occ_residues.label_seq_id 
1  1 Y 1 A SER 1   ? A SER 1   
2  1 Y 1 A MET 2   ? A MET 2   
3  1 Y 1 A LEU 102 ? A LEU 102 
4  1 Y 1 A SER 103 ? A SER 103 
5  1 Y 1 A LYS 104 ? A LYS 104 
6  1 Y 1 A THR 105 ? A THR 105 
7  1 Y 1 A GLY 106 ? A GLY 106 
8  1 Y 1 A ALA 107 ? A ALA 107 
9  1 Y 1 A LYS 108 ? A LYS 108 
10 1 Y 1 A GLN 174 ? A GLN 174 
11 1 Y 1 A GLU 175 ? A GLU 175 
12 1 Y 1 A GLU 176 ? A GLU 176 
13 1 Y 1 A SER 177 ? A SER 177 
14 1 Y 1 A ALA 178 ? A ALA 178 
15 1 Y 1 A ARG 179 ? A ARG 179 
16 1 Y 1 A VAL 180 ? A VAL 180 
# 
loop_
_chem_comp_atom.comp_id 
_chem_comp_atom.atom_id 
_chem_comp_atom.type_symbol 
_chem_comp_atom.pdbx_aromatic_flag 
_chem_comp_atom.pdbx_stereo_config 
_chem_comp_atom.pdbx_ordinal 
ALA N    N N N 1   
ALA CA   C N S 2   
ALA C    C N N 3   
ALA O    O N N 4   
ALA CB   C N N 5   
ALA OXT  O N N 6   
ALA H    H N N 7   
ALA H2   H N N 8   
ALA HA   H N N 9   
ALA HB1  H N N 10  
ALA HB2  H N N 11  
ALA HB3  H N N 12  
ALA HXT  H N N 13  
ARG N    N N N 14  
ARG CA   C N S 15  
ARG C    C N N 16  
ARG O    O N N 17  
ARG CB   C N N 18  
ARG CG   C N N 19  
ARG CD   C N N 20  
ARG NE   N N N 21  
ARG CZ   C N N 22  
ARG NH1  N N N 23  
ARG NH2  N N N 24  
ARG OXT  O N N 25  
ARG H    H N N 26  
ARG H2   H N N 27  
ARG HA   H N N 28  
ARG HB2  H N N 29  
ARG HB3  H N N 30  
ARG HG2  H N N 31  
ARG HG3  H N N 32  
ARG HD2  H N N 33  
ARG HD3  H N N 34  
ARG HE   H N N 35  
ARG HH11 H N N 36  
ARG HH12 H N N 37  
ARG HH21 H N N 38  
ARG HH22 H N N 39  
ARG HXT  H N N 40  
ASN N    N N N 41  
ASN CA   C N S 42  
ASN C    C N N 43  
ASN O    O N N 44  
ASN CB   C N N 45  
ASN CG   C N N 46  
ASN OD1  O N N 47  
ASN ND2  N N N 48  
ASN OXT  O N N 49  
ASN H    H N N 50  
ASN H2   H N N 51  
ASN HA   H N N 52  
ASN HB2  H N N 53  
ASN HB3  H N N 54  
ASN HD21 H N N 55  
ASN HD22 H N N 56  
ASN HXT  H N N 57  
ASP N    N N N 58  
ASP CA   C N S 59  
ASP C    C N N 60  
ASP O    O N N 61  
ASP CB   C N N 62  
ASP CG   C N N 63  
ASP OD1  O N N 64  
ASP OD2  O N N 65  
ASP OXT  O N N 66  
ASP H    H N N 67  
ASP H2   H N N 68  
ASP HA   H N N 69  
ASP HB2  H N N 70  
ASP HB3  H N N 71  
ASP HD2  H N N 72  
ASP HXT  H N N 73  
CYS N    N N N 74  
CYS CA   C N R 75  
CYS C    C N N 76  
CYS O    O N N 77  
CYS CB   C N N 78  
CYS SG   S N N 79  
CYS OXT  O N N 80  
CYS H    H N N 81  
CYS H2   H N N 82  
CYS HA   H N N 83  
CYS HB2  H N N 84  
CYS HB3  H N N 85  
CYS HG   H N N 86  
CYS HXT  H N N 87  
EDO C1   C N N 88  
EDO O1   O N N 89  
EDO C2   C N N 90  
EDO O2   O N N 91  
EDO H11  H N N 92  
EDO H12  H N N 93  
EDO HO1  H N N 94  
EDO H21  H N N 95  
EDO H22  H N N 96  
EDO HO2  H N N 97  
GLN N    N N N 98  
GLN CA   C N S 99  
GLN C    C N N 100 
GLN O    O N N 101 
GLN CB   C N N 102 
GLN CG   C N N 103 
GLN CD   C N N 104 
GLN OE1  O N N 105 
GLN NE2  N N N 106 
GLN OXT  O N N 107 
GLN H    H N N 108 
GLN H2   H N N 109 
GLN HA   H N N 110 
GLN HB2  H N N 111 
GLN HB3  H N N 112 
GLN HG2  H N N 113 
GLN HG3  H N N 114 
GLN HE21 H N N 115 
GLN HE22 H N N 116 
GLN HXT  H N N 117 
GLU N    N N N 118 
GLU CA   C N S 119 
GLU C    C N N 120 
GLU O    O N N 121 
GLU CB   C N N 122 
GLU CG   C N N 123 
GLU CD   C N N 124 
GLU OE1  O N N 125 
GLU OE2  O N N 126 
GLU OXT  O N N 127 
GLU H    H N N 128 
GLU H2   H N N 129 
GLU HA   H N N 130 
GLU HB2  H N N 131 
GLU HB3  H N N 132 
GLU HG2  H N N 133 
GLU HG3  H N N 134 
GLU HE2  H N N 135 
GLU HXT  H N N 136 
GLY N    N N N 137 
GLY CA   C N N 138 
GLY C    C N N 139 
GLY O    O N N 140 
GLY OXT  O N N 141 
GLY H    H N N 142 
GLY H2   H N N 143 
GLY HA2  H N N 144 
GLY HA3  H N N 145 
GLY HXT  H N N 146 
GQM N1   N Y N 147 
GQM C4   C Y N 148 
GQM C5   C Y N 149 
GQM C6   C Y N 150 
GQM C7   C Y N 151 
GQM C8   C Y N 152 
GQM C10  C Y N 153 
GQM C1   C N N 154 
GQM C2   C Y N 155 
GQM C3   C Y N 156 
GQM C9   C Y N 157 
GQM N2   N Y N 158 
GQM O1   O N N 159 
GQM O2   O N N 160 
GQM H1   H N N 161 
GQM H2   H N N 162 
GQM H3   H N N 163 
GQM H4   H N N 164 
GQM H5   H N N 165 
GQM H6   H N N 166 
GQM H7   H N N 167 
GQM H8   H N N 168 
GQM H9   H N N 169 
GQM H10  H N N 170 
HIS N    N N N 171 
HIS CA   C N S 172 
HIS C    C N N 173 
HIS O    O N N 174 
HIS CB   C N N 175 
HIS CG   C Y N 176 
HIS ND1  N Y N 177 
HIS CD2  C Y N 178 
HIS CE1  C Y N 179 
HIS NE2  N Y N 180 
HIS OXT  O N N 181 
HIS H    H N N 182 
HIS H2   H N N 183 
HIS HA   H N N 184 
HIS HB2  H N N 185 
HIS HB3  H N N 186 
HIS HD1  H N N 187 
HIS HD2  H N N 188 
HIS HE1  H N N 189 
HIS HE2  H N N 190 
HIS HXT  H N N 191 
HOH O    O N N 192 
HOH H1   H N N 193 
HOH H2   H N N 194 
ILE N    N N N 195 
ILE CA   C N S 196 
ILE C    C N N 197 
ILE O    O N N 198 
ILE CB   C N S 199 
ILE CG1  C N N 200 
ILE CG2  C N N 201 
ILE CD1  C N N 202 
ILE OXT  O N N 203 
ILE H    H N N 204 
ILE H2   H N N 205 
ILE HA   H N N 206 
ILE HB   H N N 207 
ILE HG12 H N N 208 
ILE HG13 H N N 209 
ILE HG21 H N N 210 
ILE HG22 H N N 211 
ILE HG23 H N N 212 
ILE HD11 H N N 213 
ILE HD12 H N N 214 
ILE HD13 H N N 215 
ILE HXT  H N N 216 
LEU N    N N N 217 
LEU CA   C N S 218 
LEU C    C N N 219 
LEU O    O N N 220 
LEU CB   C N N 221 
LEU CG   C N N 222 
LEU CD1  C N N 223 
LEU CD2  C N N 224 
LEU OXT  O N N 225 
LEU H    H N N 226 
LEU H2   H N N 227 
LEU HA   H N N 228 
LEU HB2  H N N 229 
LEU HB3  H N N 230 
LEU HG   H N N 231 
LEU HD11 H N N 232 
LEU HD12 H N N 233 
LEU HD13 H N N 234 
LEU HD21 H N N 235 
LEU HD22 H N N 236 
LEU HD23 H N N 237 
LEU HXT  H N N 238 
LYS N    N N N 239 
LYS CA   C N S 240 
LYS C    C N N 241 
LYS O    O N N 242 
LYS CB   C N N 243 
LYS CG   C N N 244 
LYS CD   C N N 245 
LYS CE   C N N 246 
LYS NZ   N N N 247 
LYS OXT  O N N 248 
LYS H    H N N 249 
LYS H2   H N N 250 
LYS HA   H N N 251 
LYS HB2  H N N 252 
LYS HB3  H N N 253 
LYS HG2  H N N 254 
LYS HG3  H N N 255 
LYS HD2  H N N 256 
LYS HD3  H N N 257 
LYS HE2  H N N 258 
LYS HE3  H N N 259 
LYS HZ1  H N N 260 
LYS HZ2  H N N 261 
LYS HZ3  H N N 262 
LYS HXT  H N N 263 
MET N    N N N 264 
MET CA   C N S 265 
MET C    C N N 266 
MET O    O N N 267 
MET CB   C N N 268 
MET CG   C N N 269 
MET SD   S N N 270 
MET CE   C N N 271 
MET OXT  O N N 272 
MET H    H N N 273 
MET H2   H N N 274 
MET HA   H N N 275 
MET HB2  H N N 276 
MET HB3  H N N 277 
MET HG2  H N N 278 
MET HG3  H N N 279 
MET HE1  H N N 280 
MET HE2  H N N 281 
MET HE3  H N N 282 
MET HXT  H N N 283 
PHE N    N N N 284 
PHE CA   C N S 285 
PHE C    C N N 286 
PHE O    O N N 287 
PHE CB   C N N 288 
PHE CG   C Y N 289 
PHE CD1  C Y N 290 
PHE CD2  C Y N 291 
PHE CE1  C Y N 292 
PHE CE2  C Y N 293 
PHE CZ   C Y N 294 
PHE OXT  O N N 295 
PHE H    H N N 296 
PHE H2   H N N 297 
PHE HA   H N N 298 
PHE HB2  H N N 299 
PHE HB3  H N N 300 
PHE HD1  H N N 301 
PHE HD2  H N N 302 
PHE HE1  H N N 303 
PHE HE2  H N N 304 
PHE HZ   H N N 305 
PHE HXT  H N N 306 
PRO N    N N N 307 
PRO CA   C N S 308 
PRO C    C N N 309 
PRO O    O N N 310 
PRO CB   C N N 311 
PRO CG   C N N 312 
PRO CD   C N N 313 
PRO OXT  O N N 314 
PRO H    H N N 315 
PRO HA   H N N 316 
PRO HB2  H N N 317 
PRO HB3  H N N 318 
PRO HG2  H N N 319 
PRO HG3  H N N 320 
PRO HD2  H N N 321 
PRO HD3  H N N 322 
PRO HXT  H N N 323 
SER N    N N N 324 
SER CA   C N S 325 
SER C    C N N 326 
SER O    O N N 327 
SER CB   C N N 328 
SER OG   O N N 329 
SER OXT  O N N 330 
SER H    H N N 331 
SER H2   H N N 332 
SER HA   H N N 333 
SER HB2  H N N 334 
SER HB3  H N N 335 
SER HG   H N N 336 
SER HXT  H N N 337 
THR N    N N N 338 
THR CA   C N S 339 
THR C    C N N 340 
THR O    O N N 341 
THR CB   C N R 342 
THR OG1  O N N 343 
THR CG2  C N N 344 
THR OXT  O N N 345 
THR H    H N N 346 
THR H2   H N N 347 
THR HA   H N N 348 
THR HB   H N N 349 
THR HG1  H N N 350 
THR HG21 H N N 351 
THR HG22 H N N 352 
THR HG23 H N N 353 
THR HXT  H N N 354 
TRP N    N N N 355 
TRP CA   C N S 356 
TRP C    C N N 357 
TRP O    O N N 358 
TRP CB   C N N 359 
TRP CG   C Y N 360 
TRP CD1  C Y N 361 
TRP CD2  C Y N 362 
TRP NE1  N Y N 363 
TRP CE2  C Y N 364 
TRP CE3  C Y N 365 
TRP CZ2  C Y N 366 
TRP CZ3  C Y N 367 
TRP CH2  C Y N 368 
TRP OXT  O N N 369 
TRP H    H N N 370 
TRP H2   H N N 371 
TRP HA   H N N 372 
TRP HB2  H N N 373 
TRP HB3  H N N 374 
TRP HD1  H N N 375 
TRP HE1  H N N 376 
TRP HE3  H N N 377 
TRP HZ2  H N N 378 
TRP HZ3  H N N 379 
TRP HH2  H N N 380 
TRP HXT  H N N 381 
TYR N    N N N 382 
TYR CA   C N S 383 
TYR C    C N N 384 
TYR O    O N N 385 
TYR CB   C N N 386 
TYR CG   C Y N 387 
TYR CD1  C Y N 388 
TYR CD2  C Y N 389 
TYR CE1  C Y N 390 
TYR CE2  C Y N 391 
TYR CZ   C Y N 392 
TYR OH   O N N 393 
TYR OXT  O N N 394 
TYR H    H N N 395 
TYR H2   H N N 396 
TYR HA   H N N 397 
TYR HB2  H N N 398 
TYR HB3  H N N 399 
TYR HD1  H N N 400 
TYR HD2  H N N 401 
TYR HE1  H N N 402 
TYR HE2  H N N 403 
TYR HH   H N N 404 
TYR HXT  H N N 405 
VAL N    N N N 406 
VAL CA   C N S 407 
VAL C    C N N 408 
VAL O    O N N 409 
VAL CB   C N N 410 
VAL CG1  C N N 411 
VAL CG2  C N N 412 
VAL OXT  O N N 413 
VAL H    H N N 414 
VAL H2   H N N 415 
VAL HA   H N N 416 
VAL HB   H N N 417 
VAL HG11 H N N 418 
VAL HG12 H N N 419 
VAL HG13 H N N 420 
VAL HG21 H N N 421 
VAL HG22 H N N 422 
VAL HG23 H N N 423 
VAL HXT  H N N 424 
# 
loop_
_chem_comp_bond.comp_id 
_chem_comp_bond.atom_id_1 
_chem_comp_bond.atom_id_2 
_chem_comp_bond.value_order 
_chem_comp_bond.pdbx_aromatic_flag 
_chem_comp_bond.pdbx_stereo_config 
_chem_comp_bond.pdbx_ordinal 
ALA N   CA   sing N N 1   
ALA N   H    sing N N 2   
ALA N   H2   sing N N 3   
ALA CA  C    sing N N 4   
ALA CA  CB   sing N N 5   
ALA CA  HA   sing N N 6   
ALA C   O    doub N N 7   
ALA C   OXT  sing N N 8   
ALA CB  HB1  sing N N 9   
ALA CB  HB2  sing N N 10  
ALA CB  HB3  sing N N 11  
ALA OXT HXT  sing N N 12  
ARG N   CA   sing N N 13  
ARG N   H    sing N N 14  
ARG N   H2   sing N N 15  
ARG CA  C    sing N N 16  
ARG CA  CB   sing N N 17  
ARG CA  HA   sing N N 18  
ARG C   O    doub N N 19  
ARG C   OXT  sing N N 20  
ARG CB  CG   sing N N 21  
ARG CB  HB2  sing N N 22  
ARG CB  HB3  sing N N 23  
ARG CG  CD   sing N N 24  
ARG CG  HG2  sing N N 25  
ARG CG  HG3  sing N N 26  
ARG CD  NE   sing N N 27  
ARG CD  HD2  sing N N 28  
ARG CD  HD3  sing N N 29  
ARG NE  CZ   sing N N 30  
ARG NE  HE   sing N N 31  
ARG CZ  NH1  sing N N 32  
ARG CZ  NH2  doub N N 33  
ARG NH1 HH11 sing N N 34  
ARG NH1 HH12 sing N N 35  
ARG NH2 HH21 sing N N 36  
ARG NH2 HH22 sing N N 37  
ARG OXT HXT  sing N N 38  
ASN N   CA   sing N N 39  
ASN N   H    sing N N 40  
ASN N   H2   sing N N 41  
ASN CA  C    sing N N 42  
ASN CA  CB   sing N N 43  
ASN CA  HA   sing N N 44  
ASN C   O    doub N N 45  
ASN C   OXT  sing N N 46  
ASN CB  CG   sing N N 47  
ASN CB  HB2  sing N N 48  
ASN CB  HB3  sing N N 49  
ASN CG  OD1  doub N N 50  
ASN CG  ND2  sing N N 51  
ASN ND2 HD21 sing N N 52  
ASN ND2 HD22 sing N N 53  
ASN OXT HXT  sing N N 54  
ASP N   CA   sing N N 55  
ASP N   H    sing N N 56  
ASP N   H2   sing N N 57  
ASP CA  C    sing N N 58  
ASP CA  CB   sing N N 59  
ASP CA  HA   sing N N 60  
ASP C   O    doub N N 61  
ASP C   OXT  sing N N 62  
ASP CB  CG   sing N N 63  
ASP CB  HB2  sing N N 64  
ASP CB  HB3  sing N N 65  
ASP CG  OD1  doub N N 66  
ASP CG  OD2  sing N N 67  
ASP OD2 HD2  sing N N 68  
ASP OXT HXT  sing N N 69  
CYS N   CA   sing N N 70  
CYS N   H    sing N N 71  
CYS N   H2   sing N N 72  
CYS CA  C    sing N N 73  
CYS CA  CB   sing N N 74  
CYS CA  HA   sing N N 75  
CYS C   O    doub N N 76  
CYS C   OXT  sing N N 77  
CYS CB  SG   sing N N 78  
CYS CB  HB2  sing N N 79  
CYS CB  HB3  sing N N 80  
CYS SG  HG   sing N N 81  
CYS OXT HXT  sing N N 82  
EDO C1  O1   sing N N 83  
EDO C1  C2   sing N N 84  
EDO C1  H11  sing N N 85  
EDO C1  H12  sing N N 86  
EDO O1  HO1  sing N N 87  
EDO C2  O2   sing N N 88  
EDO C2  H21  sing N N 89  
EDO C2  H22  sing N N 90  
EDO O2  HO2  sing N N 91  
GLN N   CA   sing N N 92  
GLN N   H    sing N N 93  
GLN N   H2   sing N N 94  
GLN CA  C    sing N N 95  
GLN CA  CB   sing N N 96  
GLN CA  HA   sing N N 97  
GLN C   O    doub N N 98  
GLN C   OXT  sing N N 99  
GLN CB  CG   sing N N 100 
GLN CB  HB2  sing N N 101 
GLN CB  HB3  sing N N 102 
GLN CG  CD   sing N N 103 
GLN CG  HG2  sing N N 104 
GLN CG  HG3  sing N N 105 
GLN CD  OE1  doub N N 106 
GLN CD  NE2  sing N N 107 
GLN NE2 HE21 sing N N 108 
GLN NE2 HE22 sing N N 109 
GLN OXT HXT  sing N N 110 
GLU N   CA   sing N N 111 
GLU N   H    sing N N 112 
GLU N   H2   sing N N 113 
GLU CA  C    sing N N 114 
GLU CA  CB   sing N N 115 
GLU CA  HA   sing N N 116 
GLU C   O    doub N N 117 
GLU C   OXT  sing N N 118 
GLU CB  CG   sing N N 119 
GLU CB  HB2  sing N N 120 
GLU CB  HB3  sing N N 121 
GLU CG  CD   sing N N 122 
GLU CG  HG2  sing N N 123 
GLU CG  HG3  sing N N 124 
GLU CD  OE1  doub N N 125 
GLU CD  OE2  sing N N 126 
GLU OE2 HE2  sing N N 127 
GLU OXT HXT  sing N N 128 
GLY N   CA   sing N N 129 
GLY N   H    sing N N 130 
GLY N   H2   sing N N 131 
GLY CA  C    sing N N 132 
GLY CA  HA2  sing N N 133 
GLY CA  HA3  sing N N 134 
GLY C   O    doub N N 135 
GLY C   OXT  sing N N 136 
GLY OXT HXT  sing N N 137 
GQM N1  C10  sing Y N 138 
GQM N1  N2   sing Y N 139 
GQM C10 C9   doub Y N 140 
GQM N2  C8   doub Y N 141 
GQM C9  C8   sing Y N 142 
GQM C8  C5   sing N N 143 
GQM C5  C4   doub Y N 144 
GQM C5  C6   sing Y N 145 
GQM C4  C3   sing Y N 146 
GQM O2  C6   sing N N 147 
GQM C6  C7   doub Y N 148 
GQM C3  C2   doub Y N 149 
GQM C7  C2   sing Y N 150 
GQM C2  O1   sing N N 151 
GQM O1  C1   sing N N 152 
GQM N1  H1   sing N N 153 
GQM C4  H2   sing N N 154 
GQM C7  H3   sing N N 155 
GQM C10 H4   sing N N 156 
GQM C1  H5   sing N N 157 
GQM C1  H6   sing N N 158 
GQM C1  H7   sing N N 159 
GQM C3  H8   sing N N 160 
GQM C9  H9   sing N N 161 
GQM O2  H10  sing N N 162 
HIS N   CA   sing N N 163 
HIS N   H    sing N N 164 
HIS N   H2   sing N N 165 
HIS CA  C    sing N N 166 
HIS CA  CB   sing N N 167 
HIS CA  HA   sing N N 168 
HIS C   O    doub N N 169 
HIS C   OXT  sing N N 170 
HIS CB  CG   sing N N 171 
HIS CB  HB2  sing N N 172 
HIS CB  HB3  sing N N 173 
HIS CG  ND1  sing Y N 174 
HIS CG  CD2  doub Y N 175 
HIS ND1 CE1  doub Y N 176 
HIS ND1 HD1  sing N N 177 
HIS CD2 NE2  sing Y N 178 
HIS CD2 HD2  sing N N 179 
HIS CE1 NE2  sing Y N 180 
HIS CE1 HE1  sing N N 181 
HIS NE2 HE2  sing N N 182 
HIS OXT HXT  sing N N 183 
HOH O   H1   sing N N 184 
HOH O   H2   sing N N 185 
ILE N   CA   sing N N 186 
ILE N   H    sing N N 187 
ILE N   H2   sing N N 188 
ILE CA  C    sing N N 189 
ILE CA  CB   sing N N 190 
ILE CA  HA   sing N N 191 
ILE C   O    doub N N 192 
ILE C   OXT  sing N N 193 
ILE CB  CG1  sing N N 194 
ILE CB  CG2  sing N N 195 
ILE CB  HB   sing N N 196 
ILE CG1 CD1  sing N N 197 
ILE CG1 HG12 sing N N 198 
ILE CG1 HG13 sing N N 199 
ILE CG2 HG21 sing N N 200 
ILE CG2 HG22 sing N N 201 
ILE CG2 HG23 sing N N 202 
ILE CD1 HD11 sing N N 203 
ILE CD1 HD12 sing N N 204 
ILE CD1 HD13 sing N N 205 
ILE OXT HXT  sing N N 206 
LEU N   CA   sing N N 207 
LEU N   H    sing N N 208 
LEU N   H2   sing N N 209 
LEU CA  C    sing N N 210 
LEU CA  CB   sing N N 211 
LEU CA  HA   sing N N 212 
LEU C   O    doub N N 213 
LEU C   OXT  sing N N 214 
LEU CB  CG   sing N N 215 
LEU CB  HB2  sing N N 216 
LEU CB  HB3  sing N N 217 
LEU CG  CD1  sing N N 218 
LEU CG  CD2  sing N N 219 
LEU CG  HG   sing N N 220 
LEU CD1 HD11 sing N N 221 
LEU CD1 HD12 sing N N 222 
LEU CD1 HD13 sing N N 223 
LEU CD2 HD21 sing N N 224 
LEU CD2 HD22 sing N N 225 
LEU CD2 HD23 sing N N 226 
LEU OXT HXT  sing N N 227 
LYS N   CA   sing N N 228 
LYS N   H    sing N N 229 
LYS N   H2   sing N N 230 
LYS CA  C    sing N N 231 
LYS CA  CB   sing N N 232 
LYS CA  HA   sing N N 233 
LYS C   O    doub N N 234 
LYS C   OXT  sing N N 235 
LYS CB  CG   sing N N 236 
LYS CB  HB2  sing N N 237 
LYS CB  HB3  sing N N 238 
LYS CG  CD   sing N N 239 
LYS CG  HG2  sing N N 240 
LYS CG  HG3  sing N N 241 
LYS CD  CE   sing N N 242 
LYS CD  HD2  sing N N 243 
LYS CD  HD3  sing N N 244 
LYS CE  NZ   sing N N 245 
LYS CE  HE2  sing N N 246 
LYS CE  HE3  sing N N 247 
LYS NZ  HZ1  sing N N 248 
LYS NZ  HZ2  sing N N 249 
LYS NZ  HZ3  sing N N 250 
LYS OXT HXT  sing N N 251 
MET N   CA   sing N N 252 
MET N   H    sing N N 253 
MET N   H2   sing N N 254 
MET CA  C    sing N N 255 
MET CA  CB   sing N N 256 
MET CA  HA   sing N N 257 
MET C   O    doub N N 258 
MET C   OXT  sing N N 259 
MET CB  CG   sing N N 260 
MET CB  HB2  sing N N 261 
MET CB  HB3  sing N N 262 
MET CG  SD   sing N N 263 
MET CG  HG2  sing N N 264 
MET CG  HG3  sing N N 265 
MET SD  CE   sing N N 266 
MET CE  HE1  sing N N 267 
MET CE  HE2  sing N N 268 
MET CE  HE3  sing N N 269 
MET OXT HXT  sing N N 270 
PHE N   CA   sing N N 271 
PHE N   H    sing N N 272 
PHE N   H2   sing N N 273 
PHE CA  C    sing N N 274 
PHE CA  CB   sing N N 275 
PHE CA  HA   sing N N 276 
PHE C   O    doub N N 277 
PHE C   OXT  sing N N 278 
PHE CB  CG   sing N N 279 
PHE CB  HB2  sing N N 280 
PHE CB  HB3  sing N N 281 
PHE CG  CD1  doub Y N 282 
PHE CG  CD2  sing Y N 283 
PHE CD1 CE1  sing Y N 284 
PHE CD1 HD1  sing N N 285 
PHE CD2 CE2  doub Y N 286 
PHE CD2 HD2  sing N N 287 
PHE CE1 CZ   doub Y N 288 
PHE CE1 HE1  sing N N 289 
PHE CE2 CZ   sing Y N 290 
PHE CE2 HE2  sing N N 291 
PHE CZ  HZ   sing N N 292 
PHE OXT HXT  sing N N 293 
PRO N   CA   sing N N 294 
PRO N   CD   sing N N 295 
PRO N   H    sing N N 296 
PRO CA  C    sing N N 297 
PRO CA  CB   sing N N 298 
PRO CA  HA   sing N N 299 
PRO C   O    doub N N 300 
PRO C   OXT  sing N N 301 
PRO CB  CG   sing N N 302 
PRO CB  HB2  sing N N 303 
PRO CB  HB3  sing N N 304 
PRO CG  CD   sing N N 305 
PRO CG  HG2  sing N N 306 
PRO CG  HG3  sing N N 307 
PRO CD  HD2  sing N N 308 
PRO CD  HD3  sing N N 309 
PRO OXT HXT  sing N N 310 
SER N   CA   sing N N 311 
SER N   H    sing N N 312 
SER N   H2   sing N N 313 
SER CA  C    sing N N 314 
SER CA  CB   sing N N 315 
SER CA  HA   sing N N 316 
SER C   O    doub N N 317 
SER C   OXT  sing N N 318 
SER CB  OG   sing N N 319 
SER CB  HB2  sing N N 320 
SER CB  HB3  sing N N 321 
SER OG  HG   sing N N 322 
SER OXT HXT  sing N N 323 
THR N   CA   sing N N 324 
THR N   H    sing N N 325 
THR N   H2   sing N N 326 
THR CA  C    sing N N 327 
THR CA  CB   sing N N 328 
THR CA  HA   sing N N 329 
THR C   O    doub N N 330 
THR C   OXT  sing N N 331 
THR CB  OG1  sing N N 332 
THR CB  CG2  sing N N 333 
THR CB  HB   sing N N 334 
THR OG1 HG1  sing N N 335 
THR CG2 HG21 sing N N 336 
THR CG2 HG22 sing N N 337 
THR CG2 HG23 sing N N 338 
THR OXT HXT  sing N N 339 
TRP N   CA   sing N N 340 
TRP N   H    sing N N 341 
TRP N   H2   sing N N 342 
TRP CA  C    sing N N 343 
TRP CA  CB   sing N N 344 
TRP CA  HA   sing N N 345 
TRP C   O    doub N N 346 
TRP C   OXT  sing N N 347 
TRP CB  CG   sing N N 348 
TRP CB  HB2  sing N N 349 
TRP CB  HB3  sing N N 350 
TRP CG  CD1  doub Y N 351 
TRP CG  CD2  sing Y N 352 
TRP CD1 NE1  sing Y N 353 
TRP CD1 HD1  sing N N 354 
TRP CD2 CE2  doub Y N 355 
TRP CD2 CE3  sing Y N 356 
TRP NE1 CE2  sing Y N 357 
TRP NE1 HE1  sing N N 358 
TRP CE2 CZ2  sing Y N 359 
TRP CE3 CZ3  doub Y N 360 
TRP CE3 HE3  sing N N 361 
TRP CZ2 CH2  doub Y N 362 
TRP CZ2 HZ2  sing N N 363 
TRP CZ3 CH2  sing Y N 364 
TRP CZ3 HZ3  sing N N 365 
TRP CH2 HH2  sing N N 366 
TRP OXT HXT  sing N N 367 
TYR N   CA   sing N N 368 
TYR N   H    sing N N 369 
TYR N   H2   sing N N 370 
TYR CA  C    sing N N 371 
TYR CA  CB   sing N N 372 
TYR CA  HA   sing N N 373 
TYR C   O    doub N N 374 
TYR C   OXT  sing N N 375 
TYR CB  CG   sing N N 376 
TYR CB  HB2  sing N N 377 
TYR CB  HB3  sing N N 378 
TYR CG  CD1  doub Y N 379 
TYR CG  CD2  sing Y N 380 
TYR CD1 CE1  sing Y N 381 
TYR CD1 HD1  sing N N 382 
TYR CD2 CE2  doub Y N 383 
TYR CD2 HD2  sing N N 384 
TYR CE1 CZ   doub Y N 385 
TYR CE1 HE1  sing N N 386 
TYR CE2 CZ   sing Y N 387 
TYR CE2 HE2  sing N N 388 
TYR CZ  OH   sing N N 389 
TYR OH  HH   sing N N 390 
TYR OXT HXT  sing N N 391 
VAL N   CA   sing N N 392 
VAL N   H    sing N N 393 
VAL N   H2   sing N N 394 
VAL CA  C    sing N N 395 
VAL CA  CB   sing N N 396 
VAL CA  HA   sing N N 397 
VAL C   O    doub N N 398 
VAL C   OXT  sing N N 399 
VAL CB  CG1  sing N N 400 
VAL CB  CG2  sing N N 401 
VAL CB  HB   sing N N 402 
VAL CG1 HG11 sing N N 403 
VAL CG1 HG12 sing N N 404 
VAL CG1 HG13 sing N N 405 
VAL CG2 HG21 sing N N 406 
VAL CG2 HG22 sing N N 407 
VAL CG2 HG23 sing N N 408 
VAL OXT HXT  sing N N 409 
# 
_pdbx_deposit_group.group_id            G_1002046 
_pdbx_deposit_group.group_description   
;Human FAM83B DUF1669 domain screened against DSPL and OxXChem Libraries by X-ray Crystallography at the XChem facility of Diamond Light Source beamline I04-1
;
_pdbx_deposit_group.group_title         'PanDDA analysis group deposition of models with modelled events (e.g. bound ligands)' 
_pdbx_deposit_group.group_type          'changed state' 
# 
_pdbx_related_exp_data_set.ordinal              1 
_pdbx_related_exp_data_set.data_reference       . 
_pdbx_related_exp_data_set.metadata_reference   10.5281/zenodo.1247291 
_pdbx_related_exp_data_set.data_set_type        'other data' 
_pdbx_related_exp_data_set.details              'Complete PanDDA analysis' 
# 
_atom_sites.entry_id                    5QHP 
_atom_sites.fract_transf_matrix[1][1]   0.00784704 
_atom_sites.fract_transf_matrix[1][2]   -0.00850641 
_atom_sites.fract_transf_matrix[1][3]   -0.01607304 
_atom_sites.fract_transf_matrix[2][1]   0.00753210 
_atom_sites.fract_transf_matrix[2][2]   0.01745374 
_atom_sites.fract_transf_matrix[2][3]   -0.00555986 
_atom_sites.fract_transf_matrix[3][1]   0.00546218 
_atom_sites.fract_transf_matrix[3][2]   -0.00129020 
_atom_sites.fract_transf_matrix[3][3]   0.00334952 
_atom_sites.fract_transf_vector[1]      0.126324 
_atom_sites.fract_transf_vector[2]      0.775672 
_atom_sites.fract_transf_vector[3]      0.386512 
# 
loop_
_atom_type.symbol 
C 
N 
O 
S 
# 
loop_
_atom_site.group_PDB 
_atom_site.id 
_atom_site.type_symbol 
_atom_site.label_atom_id 
_atom_site.label_alt_id 
_atom_site.label_comp_id 
_atom_site.label_asym_id 
_atom_site.label_entity_id 
_atom_site.label_seq_id 
_atom_site.pdbx_PDB_ins_code 
_atom_site.Cartn_x 
_atom_site.Cartn_y 
_atom_site.Cartn_z 
_atom_site.occupancy 
_atom_site.B_iso_or_equiv 
_atom_site.pdbx_formal_charge 
_atom_site.auth_seq_id 
_atom_site.auth_comp_id 
_atom_site.auth_asym_id 
_atom_site.auth_atom_id 
_atom_site.pdbx_PDB_model_num 
ATOM   1    N N   . GLY A 1 3   ? 16.713  13.704  -16.687 1.00 70.25  ? 3   GLY A N   1 
ATOM   2    C CA  . GLY A 1 3   ? 15.687  12.954  -15.890 1.00 71.53  ? 3   GLY A CA  1 
ATOM   3    C C   . GLY A 1 3   ? 15.033  13.742  -14.753 1.00 64.82  ? 3   GLY A C   1 
ATOM   4    O O   . GLY A 1 3   ? 15.583  13.823  -13.654 1.00 69.79  ? 3   GLY A O   1 
ATOM   5    N N   . GLY A 1 4   ? 13.894  14.365  -15.043 1.00 59.29  ? 4   GLY A N   1 
ATOM   6    C CA  . GLY A 1 4   ? 13.099  15.067  -14.036 1.00 58.28  ? 4   GLY A CA  1 
ATOM   7    C C   . GLY A 1 4   ? 12.020  14.212  -13.352 1.00 55.03  ? 4   GLY A C   1 
ATOM   8    O O   . GLY A 1 4   ? 12.105  12.990  -13.284 1.00 47.76  ? 4   GLY A O   1 
ATOM   9    N N   . THR A 1 5   ? 11.003  14.884  -12.833 1.00 50.62  ? 5   THR A N   1 
ATOM   10   C CA  . THR A 1 5   ? 9.887   14.239  -12.132 1.00 48.23  ? 5   THR A CA  1 
ATOM   11   C C   . THR A 1 5   ? 8.582   14.675  -12.731 1.00 43.89  ? 5   THR A C   1 
ATOM   12   O O   . THR A 1 5   ? 8.432   15.821  -13.073 1.00 41.85  ? 5   THR A O   1 
ATOM   13   C CB  . THR A 1 5   ? 9.956   14.573  -10.634 1.00 45.49  ? 5   THR A CB  1 
ATOM   14   O OG1 . THR A 1 5   ? 11.056  13.860  -10.123 1.00 42.76  ? 5   THR A OG1 1 
ATOM   15   C CG2 . THR A 1 5   ? 8.706   14.149  -9.854  1.00 47.70  ? 5   THR A CG2 1 
ATOM   16   N N   . HIS A 1 6   ? 7.639   13.764  -12.896 1.00 41.47  ? 6   HIS A N   1 
ATOM   17   C CA  . HIS A 1 6   ? 6.339   14.158  -13.395 1.00 43.24  ? 6   HIS A CA  1 
ATOM   18   C C   . HIS A 1 6   ? 5.289   13.776  -12.337 1.00 43.94  ? 6   HIS A C   1 
ATOM   19   O O   . HIS A 1 6   ? 5.414   12.729  -11.695 1.00 41.01  ? 6   HIS A O   1 
ATOM   20   C CB  . HIS A 1 6   ? 6.037   13.507  -14.748 1.00 46.52  ? 6   HIS A CB  1 
ATOM   21   C CG  . HIS A 1 6   ? 4.712   13.915  -15.295 1.00 55.90  ? 6   HIS A CG  1 
ATOM   22   N ND1 . HIS A 1 6   ? 4.504   15.135  -15.906 1.00 64.05  ? 6   HIS A ND1 1 
ATOM   23   C CD2 . HIS A 1 6   ? 3.502   13.309  -15.242 1.00 63.05  ? 6   HIS A CD2 1 
ATOM   24   C CE1 . HIS A 1 6   ? 3.231   15.242  -16.246 1.00 68.54  ? 6   HIS A CE1 1 
ATOM   25   N NE2 . HIS A 1 6   ? 2.600   14.151  -15.851 1.00 66.81  ? 6   HIS A NE2 1 
ATOM   26   N N   . ILE A 1 7   ? 4.278   14.628  -12.152 1.00 41.43  ? 7   ILE A N   1 
ATOM   27   C CA  . ILE A 1 7   ? 3.231   14.408  -11.133 1.00 40.70  ? 7   ILE A CA  1 
ATOM   28   C C   . ILE A 1 7   ? 1.836   14.683  -11.691 1.00 39.95  ? 7   ILE A C   1 
ATOM   29   O O   . ILE A 1 7   ? 1.618   15.741  -12.243 1.00 36.40  ? 7   ILE A O   1 
ATOM   30   C CB  . ILE A 1 7   ? 3.484   15.254  -9.896  1.00 40.65  ? 7   ILE A CB  1 
ATOM   31   C CG1 . ILE A 1 7   ? 4.792   14.823  -9.261  1.00 46.72  ? 7   ILE A CG1 1 
ATOM   32   C CG2 . ILE A 1 7   ? 2.338   15.097  -8.894  1.00 44.03  ? 7   ILE A CG2 1 
ATOM   33   C CD1 . ILE A 1 7   ? 5.225   15.651  -8.082  1.00 51.35  ? 7   ILE A CD1 1 
ATOM   34   N N   . ASP A 1 8   ? 0.904   13.737  -11.576 1.00 35.90  ? 8   ASP A N   1 
ATOM   35   C CA  . ASP A 1 8   ? -0.512  14.058  -11.835 1.00 40.36  ? 8   ASP A CA  1 
ATOM   36   C C   . ASP A 1 8   ? -1.258  13.945  -10.519 1.00 38.06  ? 8   ASP A C   1 
ATOM   37   O O   . ASP A 1 8   ? -0.923  13.097  -9.680  1.00 37.45  ? 8   ASP A O   1 
ATOM   38   C CB  . ASP A 1 8   ? -1.103  13.099  -12.841 1.00 47.99  ? 8   ASP A CB  1 
ATOM   39   C CG  . ASP A 1 8   ? -0.453  13.232  -14.200 1.00 47.39  ? 8   ASP A CG  1 
ATOM   40   O OD1 . ASP A 1 8   ? -0.493  14.333  -14.773 1.00 56.42  ? 8   ASP A OD1 1 
ATOM   41   O OD2 . ASP A 1 8   ? 0.139   12.264  -14.664 1.00 57.11  ? 8   ASP A OD2 1 
ATOM   42   N N   . LEU A 1 9   ? -2.236  14.815  -10.332 1.00 35.08  ? 9   LEU A N   1 
ATOM   43   C CA  . LEU A 1 9   ? -3.142  14.740  -9.209  1.00 35.66  ? 9   LEU A CA  1 
ATOM   44   C C   . LEU A 1 9   ? -4.382  13.940  -9.552  1.00 37.07  ? 9   LEU A C   1 
ATOM   45   O O   . LEU A 1 9   ? -4.962  14.057  -10.647 1.00 37.66  ? 9   LEU A O   1 
ATOM   46   C CB  . LEU A 1 9   ? -3.494  16.126  -8.698  1.00 40.38  ? 9   LEU A CB  1 
ATOM   47   C CG  . LEU A 1 9   ? -2.328  17.029  -8.235  1.00 42.23  ? 9   LEU A CG  1 
ATOM   48   C CD1 . LEU A 1 9   ? -2.861  18.383  -7.797  1.00 44.95  ? 9   LEU A CD1 1 
ATOM   49   C CD2 . LEU A 1 9   ? -1.524  16.391  -7.100  1.00 45.52  ? 9   LEU A CD2 1 
ATOM   50   N N   . LEU A 1 10  ? -4.781  13.072  -8.625  1.00 34.91  ? 10  LEU A N   1 
ATOM   51   C CA  . LEU A 1 10  ? -6.131  12.450  -8.687  1.00 33.88  ? 10  LEU A CA  1 
ATOM   52   C C   . LEU A 1 10  ? -6.903  12.774  -7.420  1.00 33.60  ? 10  LEU A C   1 
ATOM   53   O O   . LEU A 1 10  ? -6.332  12.906  -6.325  1.00 33.19  ? 10  LEU A O   1 
ATOM   54   C CB  . LEU A 1 10  ? -5.972  10.960  -8.871  1.00 35.07  ? 10  LEU A CB  1 
ATOM   55   C CG  . LEU A 1 10  ? -5.172  10.485  -10.103 1.00 34.76  ? 10  LEU A CG  1 
ATOM   56   C CD1 . LEU A 1 10  ? -5.029  8.991   -9.985  1.00 35.50  ? 10  LEU A CD1 1 
ATOM   57   C CD2 . LEU A 1 10  ? -5.936  10.794  -11.398 1.00 36.49  ? 10  LEU A CD2 1 
ATOM   58   N N   . PHE A 1 11  ? -8.206  12.889  -7.565  1.00 35.64  ? 11  PHE A N   1 
ATOM   59   C CA  . PHE A 1 11  ? -9.139  13.185  -6.487  1.00 32.55  ? 11  PHE A CA  1 
ATOM   60   C C   . PHE A 1 11  ? -10.157 12.116  -6.343  1.00 34.61  ? 11  PHE A C   1 
ATOM   61   O O   . PHE A 1 11  ? -10.440 11.364  -7.282  1.00 34.75  ? 11  PHE A O   1 
ATOM   62   C CB  . PHE A 1 11  ? -9.812  14.537  -6.708  1.00 37.82  ? 11  PHE A CB  1 
ATOM   63   C CG  . PHE A 1 11  ? -8.812  15.608  -6.952  1.00 35.29  ? 11  PHE A CG  1 
ATOM   64   C CD1 . PHE A 1 11  ? -8.307  15.773  -8.216  1.00 32.18  ? 11  PHE A CD1 1 
ATOM   65   C CD2 . PHE A 1 11  ? -8.295  16.347  -5.893  1.00 35.71  ? 11  PHE A CD2 1 
ATOM   66   C CE1 . PHE A 1 11  ? -7.339  16.719  -8.466  1.00 37.93  ? 11  PHE A CE1 1 
ATOM   67   C CE2 . PHE A 1 11  ? -7.279  17.281  -6.128  1.00 38.02  ? 11  PHE A CE2 1 
ATOM   68   C CZ  . PHE A 1 11  ? -6.808  17.460  -7.424  1.00 36.37  ? 11  PHE A CZ  1 
ATOM   69   N N   . HIS A 1 12  ? -10.705 12.071  -5.127  1.00 34.52  ? 12  HIS A N   1 
ATOM   70   C CA  . HIS A 1 12  ? -11.921 11.356  -4.862  1.00 35.06  ? 12  HIS A CA  1 
ATOM   71   C C   . HIS A 1 12  ? -12.820 12.290  -4.099  1.00 38.90  ? 12  HIS A C   1 
ATOM   72   O O   . HIS A 1 12  ? -12.429 12.754  -3.020  1.00 38.69  ? 12  HIS A O   1 
ATOM   73   C CB  . HIS A 1 12  ? -11.732 10.058  -4.063  1.00 35.27  ? 12  HIS A CB  1 
ATOM   74   C CG  . HIS A 1 12  ? -12.896 9.141   -4.179  1.00 41.93  ? 12  HIS A CG  1 
ATOM   75   N ND1 . HIS A 1 12  ? -13.181 8.459   -5.342  1.00 47.73  ? 12  HIS A ND1 1 
ATOM   76   C CD2 . HIS A 1 12  ? -13.879 8.829   -3.312  1.00 39.97  ? 12  HIS A CD2 1 
ATOM   77   C CE1 . HIS A 1 12  ? -14.259 7.726   -5.164  1.00 40.33  ? 12  HIS A CE1 1 
ATOM   78   N NE2 . HIS A 1 12  ? -14.664 7.894   -3.926  1.00 42.54  ? 12  HIS A NE2 1 
ATOM   79   N N   . PRO A 1 13  ? -14.015 12.612  -4.669  1.00 40.85  ? 13  PRO A N   1 
ATOM   80   C CA  . PRO A 1 13  ? -14.443 12.129  -5.991  1.00 36.69  ? 13  PRO A CA  1 
ATOM   81   C C   . PRO A 1 13  ? -13.568 12.649  -7.123  1.00 34.91  ? 13  PRO A C   1 
ATOM   82   O O   . PRO A 1 13  ? -12.864 13.637  -6.959  1.00 37.97  ? 13  PRO A O   1 
ATOM   83   C CB  . PRO A 1 13  ? -15.887 12.633  -6.162  1.00 39.57  ? 13  PRO A CB  1 
ATOM   84   C CG  . PRO A 1 13  ? -16.230 13.318  -4.940  1.00 40.51  ? 13  PRO A CG  1 
ATOM   85   C CD  . PRO A 1 13  ? -15.050 13.415  -4.006  1.00 38.86  ? 13  PRO A CD  1 
ATOM   86   N N   . PRO A 1 14  ? -13.580 11.935  -8.264  1.00 35.10  ? 14  PRO A N   1 
ATOM   87   C CA  . PRO A 1 14  ? -12.814 12.316  -9.443  1.00 36.10  ? 14  PRO A CA  1 
ATOM   88   C C   . PRO A 1 14  ? -13.074 13.728  -9.922  1.00 36.27  ? 14  PRO A C   1 
ATOM   89   O O   . PRO A 1 14  ? -14.222 14.162  -9.884  1.00 42.23  ? 14  PRO A O   1 
ATOM   90   C CB  . PRO A 1 14  ? -13.267 11.319  -10.516 1.00 41.31  ? 14  PRO A CB  1 
ATOM   91   C CG  . PRO A 1 14  ? -14.013 10.284  -9.861  1.00 38.18  ? 14  PRO A CG  1 
ATOM   92   C CD  . PRO A 1 14  ? -14.390 10.718  -8.456  1.00 33.08  ? 14  PRO A CD  1 
ATOM   93   N N   . ARG A 1 15  ? -12.037 14.435  -10.312 1.00 34.95  ? 15  ARG A N   1 
ATOM   94   C CA  . ARG A 1 15  ? -12.119 15.744  -10.909 1.00 39.62  ? 15  ARG A CA  1 
ATOM   95   C C   . ARG A 1 15  ? -11.180 15.795  -12.147 1.00 47.33  ? 15  ARG A C   1 
ATOM   96   O O   . ARG A 1 15  ? -9.964  16.006  -12.009 1.00 53.95  ? 15  ARG A O   1 
ATOM   97   C CB  . ARG A 1 15  ? -11.692 16.778  -9.880  1.00 44.84  ? 15  ARG A CB  1 
ATOM   98   C CG  . ARG A 1 15  ? -12.419 18.112  -9.998  1.00 58.62  ? 15  ARG A CG  1 
ATOM   99   C CD  . ARG A 1 15  ? -11.606 19.338  -10.372 1.00 65.48  ? 15  ARG A CD  1 
ATOM   100  N NE  . ARG A 1 15  ? -10.481 19.840  -9.547  1.00 60.07  ? 15  ARG A NE  1 
ATOM   101  C CZ  . ARG A 1 15  ? -10.223 19.635  -8.247  1.00 67.94  ? 15  ARG A CZ  1 
ATOM   102  N NH1 . ARG A 1 15  ? -10.967 18.860  -7.423  1.00 60.62  ? 15  ARG A NH1 1 
ATOM   103  N NH2 . ARG A 1 15  ? -9.121  20.224  -7.754  1.00 65.01  ? 15  ARG A NH2 1 
ATOM   104  N N   . ALA A 1 16  ? -11.738 15.595  -13.339 1.00 42.33  ? 16  ALA A N   1 
ATOM   105  C CA  . ALA A 1 16  ? -11.014 15.760  -14.615 1.00 39.71  ? 16  ALA A CA  1 
ATOM   106  C C   . ALA A 1 16  ? -10.003 14.636  -14.925 1.00 37.81  ? 16  ALA A C   1 
ATOM   107  O O   . ALA A 1 16  ? -8.970  14.823  -15.582 1.00 37.03  ? 16  ALA A O   1 
ATOM   108  C CB  . ALA A 1 16  ? -10.383 17.169  -14.788 1.00 41.17  ? 16  ALA A CB  1 
ATOM   109  N N   . HIS A 1 17  ? -10.373 13.430  -14.559 1.00 36.03  ? 17  HIS A N   1 
ATOM   110  C CA  . HIS A 1 17  ? -9.590  12.301  -14.916 1.00 34.94  ? 17  HIS A CA  1 
ATOM   111  C C   . HIS A 1 17  ? -10.603 11.184  -14.979 1.00 36.29  ? 17  HIS A C   1 
ATOM   112  O O   . HIS A 1 17  ? -11.687 11.298  -14.375 1.00 32.33  ? 17  HIS A O   1 
ATOM   113  C CB  . HIS A 1 17  ? -8.435  12.166  -13.913 1.00 35.87  ? 17  HIS A CB  1 
ATOM   114  C CG  . HIS A 1 17  ? -8.859  12.118  -12.489 1.00 31.95  ? 17  HIS A CG  1 
ATOM   115  N ND1 . HIS A 1 17  ? -9.348  10.963  -11.904 1.00 35.16  ? 17  HIS A ND1 1 
ATOM   116  C CD2 . HIS A 1 17  ? -8.910  13.077  -11.532 1.00 36.40  ? 17  HIS A CD2 1 
ATOM   117  C CE1 . HIS A 1 17  ? -9.638  11.217  -10.627 1.00 30.67  ? 17  HIS A CE1 1 
ATOM   118  N NE2 . HIS A 1 17  ? -9.391  12.491  -10.382 1.00 33.73  ? 17  HIS A NE2 1 
ATOM   119  N N   . LEU A 1 18  ? -10.315 10.153  -15.782 1.00 35.14  ? 18  LEU A N   1 
ATOM   120  C CA  . LEU A 1 18  ? -11.325 9.103   -16.086 1.00 37.79  ? 18  LEU A CA  1 
ATOM   121  C C   . LEU A 1 18  ? -11.483 8.022   -15.049 1.00 40.14  ? 18  LEU A C   1 
ATOM   122  O O   . LEU A 1 18  ? -12.583 7.439   -14.907 1.00 35.77  ? 18  LEU A O   1 
ATOM   123  C CB  . LEU A 1 18  ? -11.033 8.466   -17.441 1.00 39.68  ? 18  LEU A CB  1 
ATOM   124  C CG  . LEU A 1 18  ? -11.037 9.526   -18.570 1.00 46.25  ? 18  LEU A CG  1 
ATOM   125  C CD1 . LEU A 1 18  ? -10.501 8.947   -19.860 1.00 50.22  ? 18  LEU A CD1 1 
ATOM   126  C CD2 . LEU A 1 18  ? -12.445 10.083  -18.780 1.00 42.67  ? 18  LEU A CD2 1 
ATOM   127  N N   . LEU A 1 19  ? -10.406 7.740   -14.319 1.00 34.86  ? 19  LEU A N   1 
ATOM   128  C CA  . LEU A 1 19  ? -10.427 6.676   -13.285 1.00 34.95  ? 19  LEU A CA  1 
ATOM   129  C C   . LEU A 1 19  ? -10.544 7.274   -11.867 1.00 33.42  ? 19  LEU A C   1 
ATOM   130  O O   . LEU A 1 19  ? -10.068 8.376   -11.578 1.00 35.18  ? 19  LEU A O   1 
ATOM   131  C CB  . LEU A 1 19  ? -9.157  5.840   -13.423 1.00 34.77  ? 19  LEU A CB  1 
ATOM   132  C CG  . LEU A 1 19  ? -8.967  5.160   -14.796 1.00 37.11  ? 19  LEU A CG  1 
ATOM   133  C CD1 . LEU A 1 19  ? -7.687  4.365   -14.812 1.00 41.86  ? 19  LEU A CD1 1 
ATOM   134  C CD2 . LEU A 1 19  ? -10.141 4.310   -15.255 1.00 37.27  ? 19  LEU A CD2 1 
ATOM   135  N N   . THR A 1 20  ? -11.243 6.566   -11.006 1.00 33.93  ? 20  THR A N   1 
ATOM   136  C CA  . THR A 1 20  ? -11.219 6.856   -9.602  1.00 33.80  ? 20  THR A CA  1 
ATOM   137  C C   . THR A 1 20  ? -9.851  6.444   -9.033  1.00 30.20  ? 20  THR A C   1 
ATOM   138  O O   . THR A 1 20  ? -9.053  5.714   -9.624  1.00 28.88  ? 20  THR A O   1 
ATOM   139  C CB  . THR A 1 20  ? -12.290 6.074   -8.833  1.00 34.61  ? 20  THR A CB  1 
ATOM   140  O OG1 . THR A 1 20  ? -11.991 4.720   -8.994  1.00 34.04  ? 20  THR A OG1 1 
ATOM   141  C CG2 . THR A 1 20  ? -13.739 6.321   -9.348  1.00 33.06  ? 20  THR A CG2 1 
ATOM   142  N N   . ILE A 1 21  ? -9.561  6.965   -7.866  1.00 32.92  ? 21  ILE A N   1 
ATOM   143  C CA  . ILE A 1 21  ? -8.325  6.559   -7.210  1.00 32.63  ? 21  ILE A CA  1 
ATOM   144  C C   . ILE A 1 21  ? -8.226  5.043   -7.017  1.00 30.32  ? 21  ILE A C   1 
ATOM   145  O O   . ILE A 1 21  ? -7.191  4.425   -7.314  1.00 37.86  ? 21  ILE A O   1 
ATOM   146  C CB  . ILE A 1 21  ? -8.161  7.326   -5.906  1.00 32.56  ? 21  ILE A CB  1 
ATOM   147  C CG1 . ILE A 1 21  ? -7.955  8.819   -6.254  1.00 33.35  ? 21  ILE A CG1 1 
ATOM   148  C CG2 . ILE A 1 21  ? -6.956  6.738   -5.169  1.00 33.15  ? 21  ILE A CG2 1 
ATOM   149  C CD1 . ILE A 1 21  ? -7.936  9.783   -5.068  1.00 34.65  ? 21  ILE A CD1 1 
ATOM   150  N N   . LYS A 1 22  ? -9.320  4.427   -6.578  1.00 32.72  ? 22  LYS A N   1 
ATOM   151  C CA  . LYS A 1 22  ? -9.354  2.958   -6.427  1.00 31.50  ? 22  LYS A CA  1 
ATOM   152  C C   . LYS A 1 22  ? -9.103  2.223   -7.718  1.00 34.60  ? 22  LYS A C   1 
ATOM   153  O O   . LYS A 1 22  ? -8.347  1.267   -7.716  1.00 37.63  ? 22  LYS A O   1 
ATOM   154  C CB  . LYS A 1 22  ? -10.630 2.490   -5.810  1.00 33.79  ? 22  LYS A CB  1 
ATOM   155  C CG  . LYS A 1 22  ? -10.688 0.992   -5.621  1.00 35.80  ? 22  LYS A CG  1 
ATOM   156  C CD  . LYS A 1 22  ? -11.767 0.650   -4.625  1.00 38.27  ? 22  LYS A CD  1 
ATOM   157  C CE  . LYS A 1 22  ? -11.988 -0.855  -4.691  1.00 43.68  ? 22  LYS A CE  1 
ATOM   158  N NZ  . LYS A 1 22  ? -12.862 -1.301  -3.581  1.00 40.59  ? 22  LYS A NZ  1 
ATOM   159  N N   . GLU A 1 23  ? -9.662  2.682   -8.837  1.00 32.68  ? 23  GLU A N   1 
ATOM   160  C CA  . GLU A 1 23  ? -9.384  2.001   -10.106 1.00 31.00  ? 23  GLU A CA  1 
ATOM   161  C C   . GLU A 1 23  ? -7.955  2.116   -10.501 1.00 32.39  ? 23  GLU A C   1 
ATOM   162  O O   . GLU A 1 23  ? -7.376  1.170   -11.003 1.00 36.30  ? 23  GLU A O   1 
ATOM   163  C CB  . GLU A 1 23  ? -10.241 2.579   -11.206 1.00 34.71  ? 23  GLU A CB  1 
ATOM   164  C CG  . GLU A 1 23  ? -11.693 2.301   -10.991 1.00 35.85  ? 23  GLU A CG  1 
ATOM   165  C CD  . GLU A 1 23  ? -12.663 3.081   -11.894 1.00 38.44  ? 23  GLU A CD  1 
ATOM   166  O OE1 . GLU A 1 23  ? -12.431 4.223   -12.390 1.00 37.62  ? 23  GLU A OE1 1 
ATOM   167  O OE2 . GLU A 1 23  ? -13.734 2.511   -12.083 1.00 44.44  ? 23  GLU A OE2 1 
ATOM   168  N N   . THR A 1 24  ? -7.372  3.296   -10.257 1.00 36.00  ? 24  THR A N   1 
ATOM   169  C CA  . THR A 1 24  ? -5.996  3.566   -10.564 1.00 32.91  ? 24  THR A CA  1 
ATOM   170  C C   . THR A 1 24  ? -5.022  2.690   -9.770  1.00 35.24  ? 24  THR A C   1 
ATOM   171  O O   . THR A 1 24  ? -4.035  2.179   -10.316 1.00 34.92  ? 24  THR A O   1 
ATOM   172  C CB  . THR A 1 24  ? -5.663  5.051   -10.378 1.00 32.37  ? 24  THR A CB  1 
ATOM   173  O OG1 . THR A 1 24  ? -6.537  5.871   -11.161 1.00 36.18  ? 24  THR A OG1 1 
ATOM   174  C CG2 . THR A 1 24  ? -4.235  5.331   -10.766 1.00 33.61  ? 24  THR A CG2 1 
ATOM   175  N N   . ILE A 1 25  ? -5.313  2.531   -8.499  1.00 35.81  ? 25  ILE A N   1 
ATOM   176  C CA  . ILE A 1 25  ? -4.609  1.561   -7.627  1.00 38.50  ? 25  ILE A CA  1 
ATOM   177  C C   . ILE A 1 25  ? -4.668  0.157   -8.182  1.00 33.04  ? 25  ILE A C   1 
ATOM   178  O O   . ILE A 1 25  ? -3.651  -0.558  -8.196  1.00 34.60  ? 25  ILE A O   1 
ATOM   179  C CB  . ILE A 1 25  ? -5.207  1.534   -6.192  1.00 36.27  ? 25  ILE A CB  1 
ATOM   180  C CG1 . ILE A 1 25  ? -4.861  2.820   -5.465  1.00 32.82  ? 25  ILE A CG1 1 
ATOM   181  C CG2 . ILE A 1 25  ? -4.754  0.318   -5.376  1.00 37.43  ? 25  ILE A CG2 1 
ATOM   182  C CD1 . ILE A 1 25  ? -5.751  3.111   -4.263  1.00 32.51  ? 25  ILE A CD1 1 
ATOM   183  N N   . ARG A 1 26  ? -5.850  -0.272  -8.580  1.00 36.68  ? 26  ARG A N   1 
ATOM   184  C CA  . ARG A 1 26  ? -6.037  -1.665  -9.018  1.00 37.51  ? 26  ARG A CA  1 
ATOM   185  C C   . ARG A 1 26  ? -5.303  -1.857  -10.326 1.00 37.91  ? 26  ARG A C   1 
ATOM   186  O O   . ARG A 1 26  ? -4.626  -2.889  -10.539 1.00 34.84  ? 26  ARG A O   1 
ATOM   187  C CB  . ARG A 1 26  ? -7.500  -2.012  -9.148  1.00 41.14  ? 26  ARG A CB  1 
ATOM   188  C CG  . ARG A 1 26  ? -8.232  -1.931  -7.832  1.00 46.84  ? 26  ARG A CG  1 
ATOM   189  C CD  . ARG A 1 26  ? -9.621  -2.556  -7.897  1.00 48.21  ? 26  ARG A CD  1 
ATOM   190  N NE  . ARG A 1 26  ? -9.514  -3.995  -8.134  1.00 52.15  ? 26  ARG A NE  1 
ATOM   191  C CZ  . ARG A 1 26  ? -10.548 -4.838  -8.254  1.00 57.86  ? 26  ARG A CZ  1 
ATOM   192  N NH1 . ARG A 1 26  ? -11.784 -4.393  -8.119  1.00 54.96  ? 26  ARG A NH1 1 
ATOM   193  N NH2 . ARG A 1 26  ? -10.336 -6.145  -8.448  1.00 56.09  ? 26  ARG A NH2 1 
ATOM   194  N N   . LYS A 1 27  ? -5.297  -0.801  -11.138 1.00 36.90  ? 27  LYS A N   1 
ATOM   195  C CA  . LYS A 1 27  ? -4.603  -0.846  -12.431 1.00 37.10  ? 27  LYS A CA  1 
ATOM   196  C C   . LYS A 1 27  ? -3.084  -0.853  -12.225 1.00 37.07  ? 27  LYS A C   1 
ATOM   197  O O   . LYS A 1 27  ? -2.339  -1.531  -12.967 1.00 35.48  ? 27  LYS A O   1 
ATOM   198  C CB  . LYS A 1 27  ? -4.999  0.370   -13.290 1.00 40.96  ? 27  LYS A CB  1 
ATOM   199  C CG  . LYS A 1 27  ? -4.248  0.549   -14.612 1.00 39.62  ? 27  LYS A CG  1 
ATOM   200  C CD  . LYS A 1 27  ? -5.018  1.600   -15.414 1.00 51.06  ? 27  LYS A CD  1 
ATOM   201  C CE  . LYS A 1 27  ? -4.257  2.135   -16.623 1.00 51.94  ? 27  LYS A CE  1 
ATOM   202  N NZ  . LYS A 1 27  ? -4.233  1.131   -17.697 1.00 61.57  ? 27  LYS A NZ  1 
ATOM   203  N N   . MET A 1 28  ? -2.603  -0.043  -11.277 1.00 36.63  ? 28  MET A N   1 
ATOM   204  C CA  . MET A 1 28  ? -1.159  -0.008  -10.995 1.00 36.96  ? 28  MET A CA  1 
ATOM   205  C C   . MET A 1 28  ? -0.703  -1.399  -10.509 1.00 37.40  ? 28  MET A C   1 
ATOM   206  O O   . MET A 1 28  ? 0.338   -1.874  -10.906 1.00 37.20  ? 28  MET A O   1 
ATOM   207  C CB  . MET A 1 28  ? -0.830  1.044   -9.948  1.00 35.36  ? 28  MET A CB  1 
ATOM   208  C CG  . MET A 1 28  ? -0.636  2.436   -10.536 1.00 39.75  ? 28  MET A CG  1 
ATOM   209  S SD  . MET A 1 28  ? -0.466  3.638   -9.193  1.00 39.77  ? 28  MET A SD  1 
ATOM   210  C CE  . MET A 1 28  ? 1.193   3.266   -8.659  1.00 35.53  ? 28  MET A CE  1 
ATOM   211  N N   . ILE A 1 29  ? -1.504  -2.034  -9.642  1.00 38.99  ? 29  ILE A N   1 
ATOM   212  C CA  . ILE A 1 29  ? -1.183  -3.400  -9.179  1.00 36.31  ? 29  ILE A CA  1 
ATOM   213  C C   . ILE A 1 29  ? -1.235  -4.407  -10.349 1.00 42.17  ? 29  ILE A C   1 
ATOM   214  O O   . ILE A 1 29  ? -0.268  -5.194  -10.543 1.00 38.38  ? 29  ILE A O   1 
ATOM   215  C CB  . ILE A 1 29  ? -2.059  -3.828  -8.019  1.00 33.40  ? 29  ILE A CB  1 
ATOM   216  C CG1 . ILE A 1 29  ? -1.774  -2.924  -6.819  1.00 34.16  ? 29  ILE A CG1 1 
ATOM   217  C CG2 . ILE A 1 29  ? -1.800  -5.298  -7.611  1.00 34.76  ? 29  ILE A CG2 1 
ATOM   218  C CD1 . ILE A 1 29  ? -2.841  -3.012  -5.764  1.00 35.76  ? 29  ILE A CD1 1 
ATOM   219  N N   . LYS A 1 30  ? -2.315  -4.343  -11.142 1.00 41.35  ? 30  LYS A N   1 
ATOM   220  C CA  . LYS A 1 30  ? -2.470  -5.204  -12.311 1.00 43.33  ? 30  LYS A CA  1 
ATOM   221  C C   . LYS A 1 30  ? -1.280  -5.167  -13.240 1.00 45.74  ? 30  LYS A C   1 
ATOM   222  O O   . LYS A 1 30  ? -0.898  -6.212  -13.760 1.00 49.11  ? 30  LYS A O   1 
ATOM   223  C CB  . LYS A 1 30  ? -3.773  -4.909  -13.098 1.00 51.38  ? 30  LYS A CB  1 
ATOM   224  C CG  . LYS A 1 30  ? -5.007  -5.527  -12.469 1.00 58.25  ? 30  LYS A CG  1 
ATOM   225  C CD  . LYS A 1 30  ? -6.273  -5.443  -13.345 1.00 65.75  ? 30  LYS A CD  1 
ATOM   226  C CE  . LYS A 1 30  ? -7.063  -6.749  -13.227 1.00 74.13  ? 30  LYS A CE  1 
ATOM   227  N NZ  . LYS A 1 30  ? -8.486  -6.596  -13.636 1.00 85.59  ? 30  LYS A NZ  1 
ATOM   228  N N   . GLU A 1 31  ? -0.679  -3.985  -13.429 1.00 46.21  ? 31  GLU A N   1 
ATOM   229  C CA  . GLU A 1 31  ? 0.398   -3.788  -14.394 1.00 43.22  ? 31  GLU A CA  1 
ATOM   230  C C   . GLU A 1 31  ? 1.748   -3.968  -13.782 1.00 41.11  ? 31  GLU A C   1 
ATOM   231  O O   . GLU A 1 31  ? 2.706   -3.824  -14.470 1.00 43.87  ? 31  GLU A O   1 
ATOM   232  C CB  . GLU A 1 31  ? 0.301   -2.377  -15.037 1.00 44.25  ? 31  GLU A CB  1 
ATOM   233  C CG  . GLU A 1 31  ? -0.924  -2.174  -15.912 1.00 46.95  ? 31  GLU A CG  1 
ATOM   234  C CD  . GLU A 1 31  ? -1.151  -0.725  -16.398 1.00 49.20  ? 31  GLU A CD  1 
ATOM   235  O OE1 . GLU A 1 31  ? -0.488  0.249   -15.954 1.00 53.42  ? 31  GLU A OE1 1 
ATOM   236  O OE2 . GLU A 1 31  ? -2.028  -0.560  -17.239 1.00 55.01  ? 31  GLU A OE2 1 
ATOM   237  N N   . ALA A 1 32  ? 1.845   -4.235  -12.480 1.00 42.99  ? 32  ALA A N   1 
ATOM   238  C CA  . ALA A 1 32  ? 3.156   -4.555  -11.871 1.00 41.71  ? 32  ALA A CA  1 
ATOM   239  C C   . ALA A 1 32  ? 3.820   -5.773  -12.520 1.00 40.23  ? 32  ALA A C   1 
ATOM   240  O O   . ALA A 1 32  ? 3.174   -6.751  -12.737 1.00 39.07  ? 32  ALA A O   1 
ATOM   241  C CB  . ALA A 1 32  ? 3.036   -4.797  -10.371 1.00 40.51  ? 32  ALA A CB  1 
ATOM   242  N N   . ARG A 1 33  ? 5.115   -5.705  -12.752 1.00 40.72  ? 33  ARG A N   1 
ATOM   243  C CA  . ARG A 1 33  ? 5.883   -6.755  -13.454 1.00 44.95  ? 33  ARG A CA  1 
ATOM   244  C C   . ARG A 1 33  ? 6.838   -7.509  -12.529 1.00 47.08  ? 33  ARG A C   1 
ATOM   245  O O   . ARG A 1 33  ? 7.109   -8.697  -12.744 1.00 53.34  ? 33  ARG A O   1 
ATOM   246  C CB  . ARG A 1 33  ? 6.662   -6.113  -14.603 1.00 43.21  ? 33  ARG A CB  1 
ATOM   247  C CG  . ARG A 1 33  ? 5.768   -5.731  -15.794 1.00 51.25  ? 33  ARG A CG  1 
ATOM   248  C CD  . ARG A 1 33  ? 6.420   -4.754  -16.765 1.00 56.11  ? 33  ARG A CD  1 
ATOM   249  N NE  . ARG A 1 33  ? 7.876   -4.910  -16.784 1.00 74.03  ? 33  ARG A NE  1 
ATOM   250  C CZ  . ARG A 1 33  ? 8.554   -5.975  -17.263 1.00 79.75  ? 33  ARG A CZ  1 
ATOM   251  N NH1 . ARG A 1 33  ? 9.884   -5.986  -17.188 1.00 74.27  ? 33  ARG A NH1 1 
ATOM   252  N NH2 . ARG A 1 33  ? 7.934   -7.045  -17.788 1.00 84.55  ? 33  ARG A NH2 1 
ATOM   253  N N   . LYS A 1 34  ? 7.306   -6.829  -11.491 1.00 47.85  ? 34  LYS A N   1 
ATOM   254  C CA  . LYS A 1 34  ? 8.406   -7.289  -10.673 1.00 48.34  ? 34  LYS A CA  1 
ATOM   255  C C   . LYS A 1 34  ? 8.166   -7.102  -9.195  1.00 47.83  ? 34  LYS A C   1 
ATOM   256  O O   . LYS A 1 34  ? 8.260   -8.085  -8.446  1.00 43.99  ? 34  LYS A O   1 
ATOM   257  C CB  . LYS A 1 34  ? 9.690   -6.548  -11.046 1.00 52.67  ? 34  LYS A CB  1 
ATOM   258  C CG  . LYS A 1 34  ? 10.014  -6.542  -12.526 1.00 62.53  ? 34  LYS A CG  1 
ATOM   259  C CD  . LYS A 1 34  ? 10.297  -7.954  -13.030 1.00 72.15  ? 34  LYS A CD  1 
ATOM   260  C CE  . LYS A 1 34  ? 10.346  -8.013  -14.549 1.00 79.18  ? 34  LYS A CE  1 
ATOM   261  N NZ  . LYS A 1 34  ? 10.621  -9.403  -14.988 1.00 81.85  ? 34  LYS A NZ  1 
ATOM   262  N N   . VAL A 1 35  ? 7.870   -5.852  -8.765  1.00 40.06  ? 35  VAL A N   1 
ATOM   263  C CA  . VAL A 1 35  ? 7.847   -5.522  -7.356  1.00 40.78  ? 35  VAL A CA  1 
ATOM   264  C C   . VAL A 1 35  ? 6.783   -4.520  -6.986  1.00 33.35  ? 35  VAL A C   1 
ATOM   265  O O   . VAL A 1 35  ? 6.540   -3.564  -7.709  1.00 38.69  ? 35  VAL A O   1 
ATOM   266  C CB  . VAL A 1 35  ? 9.163   -4.869  -6.880  1.00 47.64  ? 35  VAL A CB  1 
ATOM   267  C CG1 . VAL A 1 35  ? 9.462   -5.306  -5.482  1.00 47.61  ? 35  VAL A CG1 1 
ATOM   268  C CG2 . VAL A 1 35  ? 10.337  -5.219  -7.760  1.00 56.51  ? 35  VAL A CG2 1 
ATOM   269  N N   . ILE A 1 36  ? 6.171   -4.754  -5.846  1.00 37.06  ? 36  ILE A N   1 
ATOM   270  C CA  . ILE A 1 36  ? 5.197   -3.851  -5.237  1.00 36.54  ? 36  ILE A CA  1 
ATOM   271  C C   . ILE A 1 36  ? 5.693   -3.638  -3.830  1.00 35.90  ? 36  ILE A C   1 
ATOM   272  O O   . ILE A 1 36  ? 6.008   -4.600  -3.121  1.00 35.71  ? 36  ILE A O   1 
ATOM   273  C CB  . ILE A 1 36  ? 3.784   -4.430  -5.229  1.00 35.79  ? 36  ILE A CB  1 
ATOM   274  C CG1 . ILE A 1 36  ? 3.262   -4.526  -6.657  1.00 36.67  ? 36  ILE A CG1 1 
ATOM   275  C CG2 . ILE A 1 36  ? 2.833   -3.563  -4.377  1.00 37.21  ? 36  ILE A CG2 1 
ATOM   276  C CD1 . ILE A 1 36  ? 2.081   -5.441  -6.825  1.00 38.48  ? 36  ILE A CD1 1 
ATOM   277  N N   . ALA A 1 37  ? 5.821   -2.368  -3.482  1.00 32.72  ? 37  ALA A N   1 
ATOM   278  C CA  . ALA A 1 37  ? 6.137   -1.926  -2.137  1.00 32.69  ? 37  ALA A CA  1 
ATOM   279  C C   . ALA A 1 37  ? 4.975   -1.061  -1.684  1.00 34.43  ? 37  ALA A C   1 
ATOM   280  O O   . ALA A 1 37  ? 4.649   -0.039  -2.357  1.00 35.06  ? 37  ALA A O   1 
ATOM   281  C CB  . ALA A 1 37  ? 7.443   -1.112  -2.142  1.00 33.06  ? 37  ALA A CB  1 
ATOM   282  N N   . LEU A 1 38  ? 4.363   -1.436  -0.566  1.00 29.39  ? 38  LEU A N   1 
ATOM   283  C CA  . LEU A 1 38  ? 3.207   -0.719  -0.077  1.00 32.12  ? 38  LEU A CA  1 
ATOM   284  C C   . LEU A 1 38  ? 3.443   -0.344  1.378   1.00 32.37  ? 38  LEU A C   1 
ATOM   285  O O   . LEU A 1 38  ? 3.777   -1.178  2.205   1.00 37.17  ? 38  LEU A O   1 
ATOM   286  C CB  . LEU A 1 38  ? 1.971   -1.583  -0.177  1.00 31.82  ? 38  LEU A CB  1 
ATOM   287  C CG  . LEU A 1 38  ? 0.731   -1.003  0.489   1.00 33.40  ? 38  LEU A CG  1 
ATOM   288  C CD1 . LEU A 1 38  ? 0.260   0.273   -0.241  1.00 33.93  ? 38  LEU A CD1 1 
ATOM   289  C CD2 . LEU A 1 38  ? -0.377  -2.054  0.473   1.00 35.55  ? 38  LEU A CD2 1 
ATOM   290  N N   . VAL A 1 39  ? 3.171   0.903   1.679   1.00 28.86  ? 39  VAL A N   1 
ATOM   291  C CA  . VAL A 1 39  ? 3.167   1.412   3.029   1.00 33.51  ? 39  VAL A CA  1 
ATOM   292  C C   . VAL A 1 39  ? 1.745   1.884   3.283   1.00 31.61  ? 39  VAL A C   1 
ATOM   293  O O   . VAL A 1 39  ? 1.270   2.747   2.544   1.00 32.42  ? 39  VAL A O   1 
ATOM   294  C CB  . VAL A 1 39  ? 4.121   2.598   3.108   1.00 32.41  ? 39  VAL A CB  1 
ATOM   295  C CG1 . VAL A 1 39  ? 4.132   3.192   4.520   1.00 37.46  ? 39  VAL A CG1 1 
ATOM   296  C CG2 . VAL A 1 39  ? 5.515   2.143   2.681   1.00 33.66  ? 39  VAL A CG2 1 
ATOM   297  N N   . MET A 1 40  ? 1.058   1.311   4.269   1.00 32.53  ? 40  MET A N   1 
ATOM   298  C CA  . MET A 1 40  ? -0.365  1.596   4.469   1.00 31.69  ? 40  MET A CA  1 
ATOM   299  C C   . MET A 1 40  ? -0.702  1.682   5.926   1.00 31.14  ? 40  MET A C   1 
ATOM   300  O O   . MET A 1 40  ? -0.232  0.879   6.752   1.00 29.77  ? 40  MET A O   1 
ATOM   301  C CB  . MET A 1 40  ? -1.190  0.566   3.711   1.00 30.37  ? 40  MET A CB  1 
ATOM   302  C CG  . MET A 1 40  ? -2.680  0.824   3.640   1.00 34.32  ? 40  MET A CG  1 
ATOM   303  S SD  . MET A 1 40  ? -3.173  2.573   3.269   1.00 34.17  ? 40  MET A SD  1 
ATOM   304  C CE  . MET A 1 40  ? -2.582  2.838   1.637   1.00 36.05  ? 40  MET A CE  1 
ATOM   305  N N   . ASP A 1 41  ? -1.524  2.670   6.273   1.00 33.15  ? 41  ASP A N   1 
ATOM   306  C CA  . ASP A 1 41  ? -1.972  2.811   7.683   1.00 29.28  ? 41  ASP A CA  1 
ATOM   307  C C   . ASP A 1 41  ? -3.033  1.792   8.046   1.00 36.04  ? 41  ASP A C   1 
ATOM   308  O O   . ASP A 1 41  ? -2.933  1.158   9.091   1.00 33.58  ? 41  ASP A O   1 
ATOM   309  C CB  . ASP A 1 41  ? -2.318  4.209   8.037   1.00 29.72  ? 41  ASP A CB  1 
ATOM   310  C CG  . ASP A 1 41  ? -3.393  4.851   7.097   1.00 37.39  ? 41  ASP A CG  1 
ATOM   311  O OD1 . ASP A 1 41  ? -3.848  4.281   6.123   1.00 36.82  ? 41  ASP A OD1 1 
ATOM   312  O OD2 . ASP A 1 41  ? -3.740  5.983   7.346   1.00 48.30  ? 41  ASP A OD2 1 
ATOM   313  N N   . ILE A 1 42  ? -4.034  1.605   7.179   1.00 34.85  ? 42  ILE A N   1 
ATOM   314  C CA  . ILE A 1 42  ? -5.111  0.622   7.364   1.00 34.90  ? 42  ILE A CA  1 
ATOM   315  C C   . ILE A 1 42  ? -5.435  0.005   6.018   1.00 33.23  ? 42  ILE A C   1 
ATOM   316  O O   . ILE A 1 42  ? -5.686  0.721   5.045   1.00 31.25  ? 42  ILE A O   1 
ATOM   317  C CB  . ILE A 1 42  ? -6.380  1.286   7.961   1.00 40.59  ? 42  ILE A CB  1 
ATOM   318  C CG1 . ILE A 1 42  ? -6.003  2.121   9.180   1.00 47.56  ? 42  ILE A CG1 1 
ATOM   319  C CG2 . ILE A 1 42  ? -7.397  0.244   8.384   1.00 41.48  ? 42  ILE A CG2 1 
ATOM   320  C CD1 . ILE A 1 42  ? -7.165  2.696   9.997   1.00 55.65  ? 42  ILE A CD1 1 
ATOM   321  N N   . PHE A 1 43  ? -5.399  -1.316  5.959   1.00 31.12  ? 43  PHE A N   1 
ATOM   322  C CA  . PHE A 1 43  ? -5.646  -2.077  4.766   1.00 31.63  ? 43  PHE A CA  1 
ATOM   323  C C   . PHE A 1 43  ? -6.748  -3.146  5.036   1.00 36.44  ? 43  PHE A C   1 
ATOM   324  O O   . PHE A 1 43  ? -6.455  -4.248  5.536   1.00 35.37  ? 43  PHE A O   1 
ATOM   325  C CB  . PHE A 1 43  ? -4.339  -2.736  4.343   1.00 30.32  ? 43  PHE A CB  1 
ATOM   326  C CG  . PHE A 1 43  ? -4.341  -3.321  2.979   1.00 28.57  ? 43  PHE A CG  1 
ATOM   327  C CD1 . PHE A 1 43  ? -5.524  -3.527  2.234   1.00 35.44  ? 43  PHE A CD1 1 
ATOM   328  C CD2 . PHE A 1 43  ? -3.162  -3.738  2.437   1.00 27.04  ? 43  PHE A CD2 1 
ATOM   329  C CE1 . PHE A 1 43  ? -5.498  -4.076  0.970   1.00 30.52  ? 43  PHE A CE1 1 
ATOM   330  C CE2 . PHE A 1 43  ? -3.130  -4.304  1.166   1.00 31.38  ? 43  PHE A CE2 1 
ATOM   331  C CZ  . PHE A 1 43  ? -4.321  -4.472  0.426   1.00 32.05  ? 43  PHE A CZ  1 
ATOM   332  N N   . THR A 1 44  ? -7.987  -2.817  4.655   1.00 36.26  ? 44  THR A N   1 
ATOM   333  C CA  . THR A 1 44  ? -9.148  -3.734  4.759   1.00 40.03  ? 44  THR A CA  1 
ATOM   334  C C   . THR A 1 44  ? -9.899  -3.884  3.435   1.00 44.36  ? 44  THR A C   1 
ATOM   335  O O   . THR A 1 44  ? -10.806 -4.683  3.346   1.00 39.89  ? 44  THR A O   1 
ATOM   336  C CB  . THR A 1 44  ? -10.151 -3.240  5.811   1.00 39.47  ? 44  THR A CB  1 
ATOM   337  O OG1 . THR A 1 44  ? -10.640 -1.960  5.447   1.00 42.53  ? 44  THR A OG1 1 
ATOM   338  C CG2 . THR A 1 44  ? -9.485  -3.109  7.213   1.00 41.08  ? 44  THR A CG2 1 
ATOM   339  N N   . ASP A 1 45  ? -9.474  -3.192  2.380   1.00 39.39  ? 45  ASP A N   1 
ATOM   340  C CA  . ASP A 1 45  ? -10.201 -3.247  1.120   1.00 40.80  ? 45  ASP A CA  1 
ATOM   341  C C   . ASP A 1 45  ? -9.920  -4.569  0.429   1.00 40.86  ? 45  ASP A C   1 
ATOM   342  O O   . ASP A 1 45  ? -8.776  -4.849  -0.018  1.00 35.86  ? 45  ASP A O   1 
ATOM   343  C CB  . ASP A 1 45  ? -9.798  -2.066  0.212   1.00 39.37  ? 45  ASP A CB  1 
ATOM   344  C CG  . ASP A 1 45  ? -10.629 -1.984  -1.059  1.00 39.27  ? 45  ASP A CG  1 
ATOM   345  O OD1 . ASP A 1 45  ? -10.539 -2.851  -1.941  1.00 34.15  ? 45  ASP A OD1 1 
ATOM   346  O OD2 . ASP A 1 45  ? -11.308 -0.975  -1.207  1.00 40.90  ? 45  ASP A OD2 1 
ATOM   347  N N   . VAL A 1 46  ? -10.972 -5.376  0.319   1.00 38.97  ? 46  VAL A N   1 
ATOM   348  C CA  . VAL A 1 46  ? -10.865 -6.721  -0.236  1.00 41.98  ? 46  VAL A CA  1 
ATOM   349  C C   . VAL A 1 46  ? -10.494 -6.720  -1.706  1.00 36.69  ? 46  VAL A C   1 
ATOM   350  O O   . VAL A 1 46  ? -9.737  -7.550  -2.116  1.00 38.19  ? 46  VAL A O   1 
ATOM   351  C CB  . VAL A 1 46  ? -12.197 -7.514  0.005   1.00 46.88  ? 46  VAL A CB  1 
ATOM   352  C CG1 . VAL A 1 46  ? -12.214 -8.773  -0.839  1.00 48.33  ? 46  VAL A CG1 1 
ATOM   353  C CG2 . VAL A 1 46  ? -12.318 -7.851  1.486   1.00 42.21  ? 46  VAL A CG2 1 
ATOM   354  N N   . ASP A 1 47  ? -11.005 -5.765  -2.495  1.00 38.21  ? 47  ASP A N   1 
ATOM   355  C CA  . ASP A 1 47  ? -10.692 -5.705  -3.915  1.00 39.98  ? 47  ASP A CA  1 
ATOM   356  C C   . ASP A 1 47  ? -9.226  -5.352  -4.155  1.00 37.77  ? 47  ASP A C   1 
ATOM   357  O O   . ASP A 1 47  ? -8.546  -5.906  -5.048  1.00 40.81  ? 47  ASP A O   1 
ATOM   358  C CB  . ASP A 1 47  ? -11.550 -4.660  -4.621  1.00 41.37  ? 47  ASP A CB  1 
ATOM   359  C CG  . ASP A 1 47  ? -13.044 -4.876  -4.407  1.00 42.89  ? 47  ASP A CG  1 
ATOM   360  O OD1 . ASP A 1 47  ? -13.502 -6.025  -4.530  1.00 46.70  ? 47  ASP A OD1 1 
ATOM   361  O OD2 . ASP A 1 47  ? -13.739 -3.914  -4.032  1.00 42.10  ? 47  ASP A OD2 1 
ATOM   362  N N   . ILE A 1 48  ? -8.716  -4.425  -3.372  1.00 38.10  ? 48  ILE A N   1 
ATOM   363  C CA  . ILE A 1 48  ? -7.262  -4.129  -3.509  1.00 34.66  ? 48  ILE A CA  1 
ATOM   364  C C   . ILE A 1 48  ? -6.436  -5.363  -3.036  1.00 33.28  ? 48  ILE A C   1 
ATOM   365  O O   . ILE A 1 48  ? -5.470  -5.828  -3.704  1.00 35.33  ? 48  ILE A O   1 
ATOM   366  C CB  . ILE A 1 48  ? -6.907  -2.802  -2.839  1.00 35.13  ? 48  ILE A CB  1 
ATOM   367  C CG1 . ILE A 1 48  ? -7.673  -1.645  -3.506  1.00 35.45  ? 48  ILE A CG1 1 
ATOM   368  C CG2 . ILE A 1 48  ? -5.378  -2.605  -2.948  1.00 35.11  ? 48  ILE A CG2 1 
ATOM   369  C CD1 . ILE A 1 48  ? -7.586  -0.306  -2.782  1.00 38.80  ? 48  ILE A CD1 1 
ATOM   370  N N   . PHE A 1 49  ? -6.847  -5.962  -1.932  1.00 35.66  ? 49  PHE A N   1 
ATOM   371  C CA  . PHE A 1 49  ? -6.137  -7.202  -1.493  1.00 36.33  ? 49  PHE A CA  1 
ATOM   372  C C   . PHE A 1 49  ? -6.073  -8.301  -2.558  1.00 34.95  ? 49  PHE A C   1 
ATOM   373  O O   . PHE A 1 49  ? -5.009  -8.889  -2.845  1.00 35.12  ? 49  PHE A O   1 
ATOM   374  C CB  . PHE A 1 49  ? -6.716  -7.717  -0.169  1.00 39.45  ? 49  PHE A CB  1 
ATOM   375  C CG  . PHE A 1 49  ? -5.965  -8.870  0.406   1.00 43.81  ? 49  PHE A CG  1 
ATOM   376  C CD1 . PHE A 1 49  ? -4.605  -8.749  0.716   1.00 43.30  ? 49  PHE A CD1 1 
ATOM   377  C CD2 . PHE A 1 49  ? -6.599  -10.107 0.612   1.00 47.72  ? 49  PHE A CD2 1 
ATOM   378  C CE1 . PHE A 1 49  ? -3.887  -9.827  1.242   1.00 40.76  ? 49  PHE A CE1 1 
ATOM   379  C CE2 . PHE A 1 49  ? -5.870  -11.189 1.118   1.00 44.04  ? 49  PHE A CE2 1 
ATOM   380  C CZ  . PHE A 1 49  ? -4.531  -11.049 1.435   1.00 42.30  ? 49  PHE A CZ  1 
ATOM   381  N N   . LYS A 1 50  ? -7.208  -8.563  -3.187  1.00 38.71  ? 50  LYS A N   1 
ATOM   382  C CA  . LYS A 1 50  ? -7.260  -9.570  -4.244  1.00 38.68  ? 50  LYS A CA  1 
ATOM   383  C C   . LYS A 1 50  ? -6.287  -9.285  -5.373  1.00 37.03  ? 50  LYS A C   1 
ATOM   384  O O   . LYS A 1 50  ? -5.532  -10.171 -5.894  1.00 38.82  ? 50  LYS A O   1 
ATOM   385  C CB  . LYS A 1 50  ? -8.741  -9.777  -4.707  1.00 46.05  ? 50  LYS A CB  1 
ATOM   386  C CG  . LYS A 1 50  ? -8.964  -10.254 -6.131  1.00 59.89  ? 50  LYS A CG  1 
ATOM   387  C CD  . LYS A 1 50  ? -9.198  -9.075  -7.102  1.00 80.18  ? 50  LYS A CD  1 
ATOM   388  C CE  . LYS A 1 50  ? -8.616  -9.293  -8.501  1.00 77.64  ? 50  LYS A CE  1 
ATOM   389  N NZ  . LYS A 1 50  ? -9.303  -10.405 -9.191  1.00 88.29  ? 50  LYS A NZ  1 
ATOM   390  N N   . GLU A 1 51  ? -6.264  -8.034  -5.773  1.00 40.59  ? 51  GLU A N   1 
ATOM   391  C CA  . GLU A 1 51  ? -5.359  -7.599  -6.841  1.00 41.80  ? 51  GLU A CA  1 
ATOM   392  C C   . GLU A 1 51  ? -3.889  -7.827  -6.455  1.00 38.31  ? 51  GLU A C   1 
ATOM   393  O O   . GLU A 1 51  ? -3.082  -8.336  -7.223  1.00 37.09  ? 51  GLU A O   1 
ATOM   394  C CB  . GLU A 1 51  ? -5.643  -6.112  -7.092  1.00 52.48  ? 51  GLU A CB  1 
ATOM   395  C CG  . GLU A 1 51  ? -5.486  -5.687  -8.516  1.00 57.73  ? 51  GLU A CG  1 
ATOM   396  C CD  . GLU A 1 51  ? -6.514  -6.358  -9.381  1.00 54.40  ? 51  GLU A CD  1 
ATOM   397  O OE1 . GLU A 1 51  ? -7.726  -6.061  -9.212  1.00 53.79  ? 51  GLU A OE1 1 
ATOM   398  O OE2 . GLU A 1 51  ? -6.067  -7.194  -10.188 1.00 58.49  ? 51  GLU A OE2 1 
ATOM   399  N N   . ILE A 1 52  ? -3.555  -7.490  -5.218  1.00 39.64  ? 52  ILE A N   1 
ATOM   400  C CA  . ILE A 1 52  ? -2.214  -7.828  -4.685  1.00 37.37  ? 52  ILE A CA  1 
ATOM   401  C C   . ILE A 1 52  ? -1.912  -9.357  -4.686  1.00 37.79  ? 52  ILE A C   1 
ATOM   402  O O   . ILE A 1 52  ? -0.881  -9.759  -5.177  1.00 36.45  ? 52  ILE A O   1 
ATOM   403  C CB  . ILE A 1 52  ? -2.043  -7.186  -3.308  1.00 38.84  ? 52  ILE A CB  1 
ATOM   404  C CG1 . ILE A 1 52  ? -1.585  -5.749  -3.528  1.00 41.91  ? 52  ILE A CG1 1 
ATOM   405  C CG2 . ILE A 1 52  ? -0.967  -7.891  -2.481  1.00 40.63  ? 52  ILE A CG2 1 
ATOM   406  C CD1 . ILE A 1 52  ? -1.744  -4.872  -2.327  1.00 47.09  ? 52  ILE A CD1 1 
ATOM   407  N N   . VAL A 1 53  ? -2.824  -10.193 -4.161  1.00 43.91  ? 53  VAL A N   1 
ATOM   408  C CA  . VAL A 1 53  ? -2.639  -11.682 -4.150  1.00 43.05  ? 53  VAL A CA  1 
ATOM   409  C C   . VAL A 1 53  ? -2.391  -12.213 -5.557  1.00 44.13  ? 53  VAL A C   1 
ATOM   410  O O   . VAL A 1 53  ? -1.439  -12.951 -5.816  1.00 46.13  ? 53  VAL A O   1 
ATOM   411  C CB  . VAL A 1 53  ? -3.861  -12.390 -3.509  1.00 45.50  ? 53  VAL A CB  1 
ATOM   412  C CG1 . VAL A 1 53  ? -3.813  -13.908 -3.677  1.00 48.72  ? 53  VAL A CG1 1 
ATOM   413  C CG2 . VAL A 1 53  ? -3.932  -12.051 -2.037  1.00 44.15  ? 53  VAL A CG2 1 
ATOM   414  N N   . GLU A 1 54  ? -3.200  -11.722 -6.480  1.00 42.57  ? 54  GLU A N   1 
ATOM   415  C CA  . GLU A 1 54  ? -3.104  -12.073 -7.862  1.00 45.76  ? 54  GLU A CA  1 
ATOM   416  C C   . GLU A 1 54  ? -1.798  -11.637 -8.461  1.00 49.19  ? 54  GLU A C   1 
ATOM   417  O O   . GLU A 1 54  ? -1.221  -12.346 -9.267  1.00 46.52  ? 54  GLU A O   1 
ATOM   418  C CB  . GLU A 1 54  ? -4.243  -11.374 -8.604  1.00 48.74  ? 54  GLU A CB  1 
ATOM   419  C CG  . GLU A 1 54  ? -4.783  -12.087 -9.797  1.00 63.08  ? 54  GLU A CG  1 
ATOM   420  C CD  . GLU A 1 54  ? -6.211  -11.651 -9.997  1.00 70.16  ? 54  GLU A CD  1 
ATOM   421  O OE1 . GLU A 1 54  ? -7.107  -12.308 -9.407  1.00 70.18  ? 54  GLU A OE1 1 
ATOM   422  O OE2 . GLU A 1 54  ? -6.404  -10.587 -10.627 1.00 70.90  ? 54  GLU A OE2 1 
ATOM   423  N N   . ALA A 1 55  ? -1.331  -10.434 -8.108  1.00 47.55  ? 55  ALA A N   1 
ATOM   424  C CA  . ALA A 1 55  ? -0.026  -10.014 -8.598  1.00 44.10  ? 55  ALA A CA  1 
ATOM   425  C C   . ALA A 1 55  ? 1.007   -11.011 -8.108  1.00 42.89  ? 55  ALA A C   1 
ATOM   426  O O   . ALA A 1 55  ? 1.919   -11.416 -8.874  1.00 41.09  ? 55  ALA A O   1 
ATOM   427  C CB  . ALA A 1 55  ? 0.341   -8.584  -8.144  1.00 38.09  ? 55  ALA A CB  1 
ATOM   428  N N   . SER A 1 56  ? 0.909   -11.363 -6.830  1.00 40.60  ? 56  SER A N   1 
ATOM   429  C CA  . SER A 1 56  ? 1.899   -12.307 -6.282  1.00 48.87  ? 56  SER A CA  1 
ATOM   430  C C   . SER A 1 56  ? 1.924   -13.666 -6.979  1.00 44.39  ? 56  SER A C   1 
ATOM   431  O O   . SER A 1 56  ? 3.003   -14.238 -7.129  1.00 45.77  ? 56  SER A O   1 
ATOM   432  C CB  . SER A 1 56  ? 1.780   -12.474 -4.763  1.00 46.43  ? 56  SER A CB  1 
ATOM   433  O OG  . SER A 1 56  ? 0.635   -13.197 -4.363  1.00 45.26  ? 56  SER A OG  1 
ATOM   434  N N   . THR A 1 57  ? 0.766   -14.151 -7.426  1.00 46.10  ? 57  THR A N   1 
ATOM   435  C CA  . THR A 1 57  ? 0.679   -15.466 -8.058  1.00 50.11  ? 57  THR A CA  1 
ATOM   436  C C   . THR A 1 57  ? 1.238   -15.418 -9.451  1.00 51.59  ? 57  THR A C   1 
ATOM   437  O O   . THR A 1 57  ? 1.754   -16.405 -9.946  1.00 57.67  ? 57  THR A O   1 
ATOM   438  C CB  . THR A 1 57  ? -0.752  -16.025 -8.083  1.00 51.51  ? 57  THR A CB  1 
ATOM   439  O OG1 . THR A 1 57  ? -1.527  -15.278 -9.004  1.00 62.06  ? 57  THR A OG1 1 
ATOM   440  C CG2 . THR A 1 57  ? -1.425  -15.926 -6.708  1.00 51.41  ? 57  THR A CG2 1 
ATOM   441  N N   . ARG A 1 58  ? 1.176   -14.269 -10.094 1.00 55.16  ? 58  ARG A N   1 
ATOM   442  C CA  . ARG A 1 58  ? 1.958   -14.066 -11.319 1.00 51.84  ? 58  ARG A CA  1 
ATOM   443  C C   . ARG A 1 58  ? 3.438   -14.014 -11.069 1.00 46.43  ? 58  ARG A C   1 
ATOM   444  O O   . ARG A 1 58  ? 4.195   -13.992 -12.006 1.00 51.47  ? 58  ARG A O   1 
ATOM   445  C CB  . ARG A 1 58  ? 1.561   -12.755 -11.997 1.00 57.45  ? 58  ARG A CB  1 
ATOM   446  C CG  . ARG A 1 58  ? 0.203   -12.849 -12.623 1.00 62.14  ? 58  ARG A CG  1 
ATOM   447  C CD  . ARG A 1 58  ? -0.510  -11.531 -12.758 1.00 66.29  ? 58  ARG A CD  1 
ATOM   448  N NE  . ARG A 1 58  ? 0.365   -10.344 -12.645 1.00 64.88  ? 58  ARG A NE  1 
ATOM   449  C CZ  . ARG A 1 58  ? -0.037  -9.177  -12.127 1.00 55.79  ? 58  ARG A CZ  1 
ATOM   450  N NH1 . ARG A 1 58  ? -1.280  -9.007  -11.676 1.00 55.62  ? 58  ARG A NH1 1 
ATOM   451  N NH2 . ARG A 1 58  ? 0.807   -8.162  -12.040 1.00 53.53  ? 58  ARG A NH2 1 
ATOM   452  N N   . GLY A 1 59  ? 3.900   -13.944 -9.834  1.00 50.03  ? 59  GLY A N   1 
ATOM   453  C CA  . GLY A 1 59  ? 5.356   -13.905 -9.575  1.00 48.21  ? 59  GLY A CA  1 
ATOM   454  C C   . GLY A 1 59  ? 5.955   -12.552 -9.186  1.00 49.81  ? 59  GLY A C   1 
ATOM   455  O O   . GLY A 1 59  ? 7.194   -12.420 -9.100  1.00 48.19  ? 59  GLY A O   1 
ATOM   456  N N   . VAL A 1 60  ? 5.104   -11.558 -8.910  1.00 44.12  ? 60  VAL A N   1 
ATOM   457  C CA  . VAL A 1 60  ? 5.571   -10.237 -8.488  1.00 42.62  ? 60  VAL A CA  1 
ATOM   458  C C   . VAL A 1 60  ? 5.901   -10.320 -6.990  1.00 39.20  ? 60  VAL A C   1 
ATOM   459  O O   . VAL A 1 60  ? 5.115   -10.831 -6.230  1.00 40.11  ? 60  VAL A O   1 
ATOM   460  C CB  . VAL A 1 60  ? 4.489   -9.158  -8.762  1.00 45.08  ? 60  VAL A CB  1 
ATOM   461  C CG1 . VAL A 1 60  ? 4.944   -7.792  -8.257  1.00 45.13  ? 60  VAL A CG1 1 
ATOM   462  C CG2 . VAL A 1 60  ? 4.173   -9.079  -10.264 1.00 44.93  ? 60  VAL A CG2 1 
ATOM   463  N N   . SER A 1 61  ? 7.065   -9.842  -6.574  1.00 38.37  ? 61  SER A N   1 
ATOM   464  C CA  . SER A 1 61  ? 7.382   -9.778  -5.131  1.00 40.91  ? 61  SER A CA  1 
ATOM   465  C C   . SER A 1 61  ? 6.657   -8.596  -4.525  1.00 39.45  ? 61  SER A C   1 
ATOM   466  O O   . SER A 1 61  ? 6.735   -7.458  -5.052  1.00 38.01  ? 61  SER A O   1 
ATOM   467  C CB  . SER A 1 61  ? 8.867   -9.538  -4.867  1.00 44.31  ? 61  SER A CB  1 
ATOM   468  O OG  . SER A 1 61  ? 9.637   -10.487 -5.516  1.00 47.60  ? 61  SER A OG  1 
ATOM   469  N N   . VAL A 1 62  ? 5.986   -8.843  -3.420  1.00 38.07  ? 62  VAL A N   1 
ATOM   470  C CA  . VAL A 1 62  ? 5.185   -7.816  -2.759  1.00 37.48  ? 62  VAL A CA  1 
ATOM   471  C C   . VAL A 1 62  ? 5.638   -7.605  -1.322  1.00 37.58  ? 62  VAL A C   1 
ATOM   472  O O   . VAL A 1 62  ? 5.575   -8.539  -0.493  1.00 39.59  ? 62  VAL A O   1 
ATOM   473  C CB  . VAL A 1 62  ? 3.748   -8.234  -2.690  1.00 33.79  ? 62  VAL A CB  1 
ATOM   474  C CG1 . VAL A 1 62  ? 2.909   -7.162  -1.968  1.00 36.82  ? 62  VAL A CG1 1 
ATOM   475  C CG2 . VAL A 1 62  ? 3.252   -8.573  -4.074  1.00 33.29  ? 62  VAL A CG2 1 
ATOM   476  N N   . TYR A 1 63  ? 6.076   -6.384  -1.034  0.56 34.00  ? 63  TYR A N   1 
ATOM   477  C CA  . TYR A 1 63  ? 6.481   -5.985  0.310   0.56 36.26  ? 63  TYR A CA  1 
ATOM   478  C C   . TYR A 1 63  ? 5.436   -5.031  0.859   0.56 34.95  ? 63  TYR A C   1 
ATOM   479  O O   . TYR A 1 63  ? 5.202   -3.980  0.263   0.56 36.56  ? 63  TYR A O   1 
ATOM   480  C CB  . TYR A 1 63  ? 7.853   -5.281  0.277   0.56 37.76  ? 63  TYR A CB  1 
ATOM   481  C CG  . TYR A 1 63  ? 8.979   -6.097  -0.366  0.56 38.54  ? 63  TYR A CG  1 
ATOM   482  C CD1 . TYR A 1 63  ? 9.122   -6.161  -1.740  0.56 37.51  ? 63  TYR A CD1 1 
ATOM   483  C CD2 . TYR A 1 63  ? 9.917   -6.771  0.418   0.56 43.12  ? 63  TYR A CD2 1 
ATOM   484  C CE1 . TYR A 1 63  ? 10.165  -6.881  -2.326  0.56 41.99  ? 63  TYR A CE1 1 
ATOM   485  C CE2 . TYR A 1 63  ? 10.964  -7.499  -0.158  0.56 40.79  ? 63  TYR A CE2 1 
ATOM   486  C CZ  . TYR A 1 63  ? 11.070  -7.553  -1.523  0.56 40.27  ? 63  TYR A CZ  1 
ATOM   487  O OH  . TYR A 1 63  ? 12.073  -8.279  -2.092  0.56 48.07  ? 63  TYR A OH  1 
ATOM   488  N N   . ILE A 1 64  ? 4.835   -5.378  1.992   1.00 33.41  ? 64  ILE A N   1 
ATOM   489  C CA  . ILE A 1 64  ? 3.874   -4.521  2.646   1.00 33.49  ? 64  ILE A CA  1 
ATOM   490  C C   . ILE A 1 64  ? 4.273   -4.155  4.036   1.00 31.47  ? 64  ILE A C   1 
ATOM   491  O O   . ILE A 1 64  ? 4.560   -5.014  4.892   1.00 35.24  ? 64  ILE A O   1 
ATOM   492  C CB  . ILE A 1 64  ? 2.498   -5.242  2.708   1.00 33.76  ? 64  ILE A CB  1 
ATOM   493  C CG1 . ILE A 1 64  ? 2.131   -5.788  1.347   1.00 31.17  ? 64  ILE A CG1 1 
ATOM   494  C CG2 . ILE A 1 64  ? 1.451   -4.292  3.185   1.00 33.80  ? 64  ILE A CG2 1 
ATOM   495  C CD1 . ILE A 1 64  ? 0.846   -6.634  1.401   1.00 34.41  ? 64  ILE A CD1 1 
ATOM   496  N N   . LEU A 1 65  ? 4.226   -2.871  4.310   1.00 33.03  ? 65  LEU A N   1 
ATOM   497  C CA  . LEU A 1 65  ? 4.455   -2.358  5.662   1.00 31.93  ? 65  LEU A CA  1 
ATOM   498  C C   . LEU A 1 65  ? 3.181   -1.687  6.160   1.00 34.12  ? 65  LEU A C   1 
ATOM   499  O O   . LEU A 1 65  ? 2.646   -0.796  5.496   1.00 33.67  ? 65  LEU A O   1 
ATOM   500  C CB  . LEU A 1 65  ? 5.587   -1.380  5.613   1.00 32.91  ? 65  LEU A CB  1 
ATOM   501  C CG  . LEU A 1 65  ? 6.949   -1.924  5.203   1.00 35.43  ? 65  LEU A CG  1 
ATOM   502  C CD1 . LEU A 1 65  ? 7.996   -0.785  5.217   1.00 40.45  ? 65  LEU A CD1 1 
ATOM   503  C CD2 . LEU A 1 65  ? 7.364   -2.996  6.198   1.00 36.61  ? 65  LEU A CD2 1 
ATOM   504  N N   . LEU A 1 66  ? 2.685   -2.116  7.302   1.00 31.58  ? 66  LEU A N   1 
ATOM   505  C CA  . LEU A 1 66  ? 1.428   -1.648  7.857   1.00 32.65  ? 66  LEU A CA  1 
ATOM   506  C C   . LEU A 1 66  ? 1.682   -1.082  9.194   1.00 34.10  ? 66  LEU A C   1 
ATOM   507  O O   . LEU A 1 66  ? 2.584   -1.557  9.915   1.00 32.88  ? 66  LEU A O   1 
ATOM   508  C CB  . LEU A 1 66  ? 0.442   -2.827  7.980   1.00 31.83  ? 66  LEU A CB  1 
ATOM   509  C CG  . LEU A 1 66  ? -0.013  -3.434  6.645   1.00 38.27  ? 66  LEU A CG  1 
ATOM   510  C CD1 . LEU A 1 66  ? -0.946  -4.604  6.915   1.00 40.43  ? 66  LEU A CD1 1 
ATOM   511  C CD2 . LEU A 1 66  ? -0.676  -2.350  5.781   1.00 35.26  ? 66  LEU A CD2 1 
ATOM   512  N N   . ASP A 1 67  ? 0.901   -0.069  9.547   1.00 37.53  ? 67  ASP A N   1 
ATOM   513  C CA  . ASP A 1 67  ? 0.950   0.496   10.871  1.00 36.27  ? 67  ASP A CA  1 
ATOM   514  C C   . ASP A 1 67  ? 0.626   -0.612  11.868  1.00 37.98  ? 67  ASP A C   1 
ATOM   515  O O   . ASP A 1 67  ? -0.418  -1.330  11.781  1.00 33.65  ? 67  ASP A O   1 
ATOM   516  C CB  . ASP A 1 67  ? -0.052  1.602   11.013  1.00 39.60  ? 67  ASP A CB  1 
ATOM   517  C CG  . ASP A 1 67  ? -0.188  2.084   12.460  1.00 42.00  ? 67  ASP A CG  1 
ATOM   518  O OD1 . ASP A 1 67  ? 0.759   2.714   12.993  1.00 36.46  ? 67  ASP A OD1 1 
ATOM   519  O OD2 . ASP A 1 67  ? -1.245  1.800   13.049  1.00 40.80  ? 67  ASP A OD2 1 
ATOM   520  N N   . GLU A 1 68  ? 1.482   -0.744  12.872  1.00 36.01  ? 68  GLU A N   1 
ATOM   521  C CA  . GLU A 1 68  ? 1.255   -1.769  13.875  1.00 34.63  ? 68  GLU A CA  1 
ATOM   522  C C   . GLU A 1 68  ? -0.108  -1.706  14.614  1.00 34.88  ? 68  GLU A C   1 
ATOM   523  O O   . GLU A 1 68  ? -0.795  -2.718  14.737  1.00 34.39  ? 68  GLU A O   1 
ATOM   524  C CB  . GLU A 1 68  ? 2.379   -1.750  14.902  1.00 37.51  ? 68  GLU A CB  1 
ATOM   525  C CG  . GLU A 1 68  ? 2.185   -2.781  16.023  1.00 42.63  ? 68  GLU A CG  1 
ATOM   526  C CD  . GLU A 1 68  ? 3.220   -2.559  17.124  1.00 50.77  ? 68  GLU A CD  1 
ATOM   527  O OE1 . GLU A 1 68  ? 4.358   -2.997  16.902  1.00 46.15  ? 68  GLU A OE1 1 
ATOM   528  O OE2 . GLU A 1 68  ? 2.921   -1.879  18.142  1.00 60.40  ? 68  GLU A OE2 1 
ATOM   529  N N   . SER A 1 69  ? -0.484  -0.547  15.114  1.00 36.58  ? 69  SER A N   1 
ATOM   530  C CA  . SER A 1 69  ? -1.726  -0.422  15.846  1.00 38.96  ? 69  SER A CA  1 
ATOM   531  C C   . SER A 1 69  ? -3.005  -0.837  15.064  1.00 40.26  ? 69  SER A C   1 
ATOM   532  O O   . SER A 1 69  ? -3.951  -1.238  15.672  1.00 43.07  ? 69  SER A O   1 
ATOM   533  C CB  . SER A 1 69  ? -1.853  0.993   16.393  1.00 37.11  ? 69  SER A CB  1 
ATOM   534  O OG  . SER A 1 69  ? -2.225  1.868   15.328  1.00 43.14  ? 69  SER A OG  1 
ATOM   535  N N   . ASN A 1 70  ? -3.019  -0.774  13.738  1.00 46.87  ? 70  ASN A N   1 
ATOM   536  C CA  . ASN A 1 70  ? -4.186  -1.203  12.924  1.00 46.02  ? 70  ASN A CA  1 
ATOM   537  C C   . ASN A 1 70  ? -3.963  -2.496  12.214  1.00 42.75  ? 70  ASN A C   1 
ATOM   538  O O   . ASN A 1 70  ? -4.777  -2.913  11.387  1.00 37.11  ? 70  ASN A O   1 
ATOM   539  C CB  . ASN A 1 70  ? -4.487  -0.148  11.858  1.00 45.94  ? 70  ASN A CB  1 
ATOM   540  C CG  . ASN A 1 70  ? -4.991  1.137   12.451  1.00 45.32  ? 70  ASN A CG  1 
ATOM   541  O OD1 . ASN A 1 70  ? -4.342  2.199   12.343  1.00 56.70  ? 70  ASN A OD1 1 
ATOM   542  N ND2 . ASN A 1 70  ? -6.127  1.056   13.083  1.00 40.24  ? 70  ASN A ND2 1 
ATOM   543  N N   . PHE A 1 71  ? -2.844  -3.147  12.475  1.00 36.52  ? 71  PHE A N   1 
ATOM   544  C CA  . PHE A 1 71  ? -2.544  -4.365  11.736  1.00 38.34  ? 71  PHE A CA  1 
ATOM   545  C C   . PHE A 1 71  ? -3.658  -5.446  11.878  1.00 41.68  ? 71  PHE A C   1 
ATOM   546  O O   . PHE A 1 71  ? -3.895  -6.235  10.938  1.00 36.57  ? 71  PHE A O   1 
ATOM   547  C CB  . PHE A 1 71  ? -1.202  -4.933  12.200  1.00 39.48  ? 71  PHE A CB  1 
ATOM   548  C CG  . PHE A 1 71  ? -0.875  -6.262  11.614  1.00 44.27  ? 71  PHE A CG  1 
ATOM   549  C CD1 . PHE A 1 71  ? -0.326  -6.368  10.359  1.00 41.35  ? 71  PHE A CD1 1 
ATOM   550  C CD2 . PHE A 1 71  ? -1.143  -7.430  12.322  1.00 43.05  ? 71  PHE A CD2 1 
ATOM   551  C CE1 . PHE A 1 71  ? -0.061  -7.615  9.811   1.00 39.54  ? 71  PHE A CE1 1 
ATOM   552  C CE2 . PHE A 1 71  ? -0.813  -8.677  11.802  1.00 40.53  ? 71  PHE A CE2 1 
ATOM   553  C CZ  . PHE A 1 71  ? -0.273  -8.766  10.538  1.00 43.80  ? 71  PHE A CZ  1 
ATOM   554  N N   . ASN A 1 72  ? -4.291  -5.501  13.048  1.00 40.30  ? 72  ASN A N   1 
ATOM   555  C CA  . ASN A 1 72  ? -5.363  -6.499  13.325  1.00 46.38  ? 72  ASN A CA  1 
ATOM   556  C C   . ASN A 1 72  ? -6.501  -6.400  12.299  1.00 46.29  ? 72  ASN A C   1 
ATOM   557  O O   . ASN A 1 72  ? -7.106  -7.402  11.966  1.00 42.58  ? 72  ASN A O   1 
ATOM   558  C CB  . ASN A 1 72  ? -5.970  -6.330  14.737  1.00 45.95  ? 72  ASN A CB  1 
ATOM   559  C CG  . ASN A 1 72  ? -6.512  -4.907  14.996  1.00 56.43  ? 72  ASN A CG  1 
ATOM   560  O OD1 . ASN A 1 72  ? -5.764  -3.869  14.907  1.00 47.96  ? 72  ASN A OD1 1 
ATOM   561  N ND2 . ASN A 1 72  ? -7.814  -4.838  15.368  1.00 56.22  ? 72  ASN A ND2 1 
ATOM   562  N N   . HIS A 1 73  ? -6.784  -5.188  11.811  1.00 40.61  ? 73  HIS A N   1 
ATOM   563  C CA  . HIS A 1 73  ? -7.878  -5.009  10.834  1.00 39.75  ? 73  HIS A CA  1 
ATOM   564  C C   . HIS A 1 73  ? -7.480  -5.661  9.514   1.00 37.60  ? 73  HIS A C   1 
ATOM   565  O O   . HIS A 1 73  ? -8.304  -6.243  8.816   1.00 42.57  ? 73  HIS A O   1 
ATOM   566  C CB  . HIS A 1 73  ? -8.170  -3.524  10.660  1.00 43.59  ? 73  HIS A CB  1 
ATOM   567  C CG  . HIS A 1 73  ? -8.656  -2.847  11.899  1.00 42.66  ? 73  HIS A CG  1 
ATOM   568  N ND1 . HIS A 1 73  ? -9.839  -3.175  12.508  1.00 46.66  ? 73  HIS A ND1 1 
ATOM   569  C CD2 . HIS A 1 73  ? -8.109  -1.861  12.650  1.00 49.37  ? 73  HIS A CD2 1 
ATOM   570  C CE1 . HIS A 1 73  ? -10.003 -2.425  13.581  1.00 46.92  ? 73  HIS A CE1 1 
ATOM   571  N NE2 . HIS A 1 73  ? -8.963  -1.616  13.692  1.00 42.97  ? 73  HIS A NE2 1 
ATOM   572  N N   . PHE A 1 74  ? -6.193  -5.613  9.167   1.00 36.16  ? 74  PHE A N   1 
ATOM   573  C CA  . PHE A 1 74  ? -5.713  -6.339  7.972   1.00 29.24  ? 74  PHE A CA  1 
ATOM   574  C C   . PHE A 1 74  ? -5.803  -7.839  8.166   1.00 35.96  ? 74  PHE A C   1 
ATOM   575  O O   . PHE A 1 74  ? -6.229  -8.557  7.262   1.00 35.34  ? 74  PHE A O   1 
ATOM   576  C CB  . PHE A 1 74  ? -4.323  -5.932  7.678   1.00 30.39  ? 74  PHE A CB  1 
ATOM   577  C CG  . PHE A 1 74  ? -3.664  -6.690  6.572   1.00 31.27  ? 74  PHE A CG  1 
ATOM   578  C CD1 . PHE A 1 74  ? -3.981  -6.424  5.265   1.00 35.83  ? 74  PHE A CD1 1 
ATOM   579  C CD2 . PHE A 1 74  ? -2.684  -7.674  6.853   1.00 32.76  ? 74  PHE A CD2 1 
ATOM   580  C CE1 . PHE A 1 74  ? -3.332  -7.082  4.212   1.00 35.18  ? 74  PHE A CE1 1 
ATOM   581  C CE2 . PHE A 1 74  ? -2.075  -8.370  5.830   1.00 33.32  ? 74  PHE A CE2 1 
ATOM   582  C CZ  . PHE A 1 74  ? -2.406  -8.104  4.507   1.00 35.84  ? 74  PHE A CZ  1 
ATOM   583  N N   . LEU A 1 75  ? -5.403  -8.319  9.343   1.00 37.46  ? 75  LEU A N   1 
ATOM   584  C CA  . LEU A 1 75  ? -5.406  -9.740  9.636   1.00 40.81  ? 75  LEU A CA  1 
ATOM   585  C C   . LEU A 1 75  ? -6.803  -10.270 9.551   1.00 36.27  ? 75  LEU A C   1 
ATOM   586  O O   . LEU A 1 75  ? -7.037  -11.212 8.845   1.00 41.84  ? 75  LEU A O   1 
ATOM   587  C CB  . LEU A 1 75  ? -4.811  -10.027 11.033  1.00 47.54  ? 75  LEU A CB  1 
ATOM   588  C CG  . LEU A 1 75  ? -4.123  -11.396 11.117  1.00 57.10  ? 75  LEU A CG  1 
ATOM   589  C CD1 . LEU A 1 75  ? -3.025  -11.539 10.059  1.00 57.64  ? 75  LEU A CD1 1 
ATOM   590  C CD2 . LEU A 1 75  ? -3.540  -11.575 12.517  1.00 59.26  ? 75  LEU A CD2 1 
ATOM   591  N N   . ASN A 1 76  ? -7.730  -9.600  10.215  1.00 39.55  ? 76  ASN A N   1 
ATOM   592  C CA  . ASN A 1 76  ? -9.156  -9.925  10.149  1.00 39.67  ? 76  ASN A CA  1 
ATOM   593  C C   . ASN A 1 76  ? -9.648  -10.062 8.754   1.00 42.69  ? 76  ASN A C   1 
ATOM   594  O O   . ASN A 1 76  ? -10.366 -11.022 8.450   1.00 44.94  ? 76  ASN A O   1 
ATOM   595  C CB  . ASN A 1 76  ? -10.023 -8.872  10.854  1.00 39.59  ? 76  ASN A CB  1 
ATOM   596  C CG  . ASN A 1 76  ? -9.865  -8.908  12.348  1.00 41.02  ? 76  ASN A CG  1 
ATOM   597  O OD1 . ASN A 1 76  ? -10.173 -7.950  13.037  1.00 42.92  ? 76  ASN A OD1 1 
ATOM   598  N ND2 . ASN A 1 76  ? -9.371  -10.019 12.856  1.00 36.15  ? 76  ASN A ND2 1 
ATOM   599  N N   . MET A 1 77  ? -9.248  -9.137  7.890   1.00 40.87  ? 77  MET A N   1 
ATOM   600  C CA  . MET A 1 77  ? -9.709  -9.173  6.482   1.00 39.62  ? 77  MET A CA  1 
ATOM   601  C C   . MET A 1 77  ? -9.146  -10.322 5.734   1.00 39.22  ? 77  MET A C   1 
ATOM   602  O O   . MET A 1 77  ? -9.854  -10.930 4.914   1.00 36.15  ? 77  MET A O   1 
ATOM   603  C CB  . MET A 1 77  ? -9.363  -7.881  5.741   1.00 42.62  ? 77  MET A CB  1 
ATOM   604  C CG  . MET A 1 77  ? -9.763  -7.857  4.277   1.00 38.24  ? 77  MET A CG  1 
ATOM   605  S SD  . MET A 1 77  ? -8.516  -8.493  3.173   1.00 46.95  ? 77  MET A SD  1 
ATOM   606  C CE  . MET A 1 77  ? -7.312  -7.129  3.287   1.00 48.16  ? 77  MET A CE  1 
ATOM   607  N N   . THR A 1 78  ? -7.856  -10.598 5.937   1.00 37.10  ? 78  THR A N   1 
ATOM   608  C CA  . THR A 1 78  ? -7.234  -11.750 5.255   1.00 39.14  ? 78  THR A CA  1 
ATOM   609  C C   . THR A 1 78  ? -7.865  -13.101 5.710   1.00 46.51  ? 78  THR A C   1 
ATOM   610  O O   . THR A 1 78  ? -8.040  -14.031 4.897   1.00 41.26  ? 78  THR A O   1 
ATOM   611  C CB  . THR A 1 78  ? -5.706  -11.814 5.478   1.00 42.06  ? 78  THR A CB  1 
ATOM   612  O OG1 . THR A 1 78  ? -5.436  -11.890 6.871   1.00 44.39  ? 78  THR A OG1 1 
ATOM   613  C CG2 . THR A 1 78  ? -5.035  -10.605 4.910   1.00 44.62  ? 78  THR A CG2 1 
ATOM   614  N N   . GLU A 1 79  ? -8.236  -13.172 6.989   1.00 48.60  ? 79  GLU A N   1 
ATOM   615  C CA  . GLU A 1 79  ? -8.889  -14.350 7.538   1.00 55.00  ? 79  GLU A CA  1 
ATOM   616  C C   . GLU A 1 79  ? -10.236 -14.573 6.899   1.00 49.14  ? 79  GLU A C   1 
ATOM   617  O O   . GLU A 1 79  ? -10.493 -15.699 6.512   1.00 45.96  ? 79  GLU A O   1 
ATOM   618  C CB  . GLU A 1 79  ? -9.144  -14.253 9.039   1.00 55.35  ? 79  GLU A CB  1 
ATOM   619  C CG  . GLU A 1 79  ? -7.907  -14.368 9.873   1.00 61.78  ? 79  GLU A CG  1 
ATOM   620  C CD  . GLU A 1 79  ? -8.148  -15.111 11.177  1.00 58.92  ? 79  GLU A CD  1 
ATOM   621  O OE1 . GLU A 1 79  ? -7.214  -15.828 11.558  1.00 62.93  ? 79  GLU A OE1 1 
ATOM   622  O OE2 . GLU A 1 79  ? -9.242  -14.981 11.792  1.00 46.15  ? 79  GLU A OE2 1 
ATOM   623  N N   . LYS A 1 80  ? -11.082 -13.529 6.853   1.00 46.73  ? 80  LYS A N   1 
ATOM   624  C CA  . LYS A 1 80  ? -12.374 -13.543 6.131   1.00 52.08  ? 80  LYS A CA  1 
ATOM   625  C C   . LYS A 1 80  ? -12.231 -14.029 4.717   1.00 52.25  ? 80  LYS A C   1 
ATOM   626  O O   . LYS A 1 80  ? -13.092 -14.717 4.208   1.00 57.41  ? 80  LYS A O   1 
ATOM   627  C CB  . LYS A 1 80  ? -13.013 -12.159 6.025   1.00 56.24  ? 80  LYS A CB  1 
ATOM   628  C CG  . LYS A 1 80  ? -14.012 -11.787 7.087   1.00 61.12  ? 80  LYS A CG  1 
ATOM   629  C CD  . LYS A 1 80  ? -15.197 -11.083 6.443   1.00 72.71  ? 80  LYS A CD  1 
ATOM   630  C CE  . LYS A 1 80  ? -16.265 -10.649 7.434   1.00 81.78  ? 80  LYS A CE  1 
ATOM   631  N NZ  . LYS A 1 80  ? -15.661 -9.944  8.604   1.00 84.71  ? 80  LYS A NZ  1 
ATOM   632  N N   . GLN A 1 81  ? -11.150 -13.646 4.068   1.00 53.70  ? 81  GLN A N   1 
ATOM   633  C CA  . GLN A 1 81  ? -10.937 -14.001 2.673   1.00 50.65  ? 81  GLN A CA  1 
ATOM   634  C C   . GLN A 1 81  ? -10.349 -15.367 2.524   1.00 52.64  ? 81  GLN A C   1 
ATOM   635  O O   . GLN A 1 81  ? -10.145 -15.824 1.399   1.00 54.34  ? 81  GLN A O   1 
ATOM   636  C CB  . GLN A 1 81  ? -10.086 -12.903 1.978   1.00 51.34  ? 81  GLN A CB  1 
ATOM   637  C CG  . GLN A 1 81  ? -10.830 -11.566 1.992   1.00 48.78  ? 81  GLN A CG  1 
ATOM   638  C CD  . GLN A 1 81  ? -12.171 -11.650 1.260   1.00 55.16  ? 81  GLN A CD  1 
ATOM   639  O OE1 . GLN A 1 81  ? -12.241 -12.267 0.222   1.00 51.29  ? 81  GLN A OE1 1 
ATOM   640  N NE2 . GLN A 1 81  ? -13.221 -11.039 1.797   1.00 49.58  ? 81  GLN A NE2 1 
ATOM   641  N N   . GLY A 1 82  ? -10.122 -16.062 3.638   1.00 50.62  ? 82  GLY A N   1 
ATOM   642  C CA  . GLY A 1 82  ? -9.571  -17.398 3.581   1.00 55.09  ? 82  GLY A CA  1 
ATOM   643  C C   . GLY A 1 82  ? -8.279  -17.372 2.805   1.00 59.38  ? 82  GLY A C   1 
ATOM   644  O O   . GLY A 1 82  ? -8.093  -18.147 1.869   1.00 58.30  ? 82  GLY A O   1 
ATOM   645  N N   . CYS A 1 83  ? -7.396  -16.455 3.202   1.00 59.16  ? 83  CYS A N   1 
ATOM   646  C CA  . CYS A 1 83  ? -6.260  -16.063 2.383   1.00 66.20  ? 83  CYS A CA  1 
ATOM   647  C C   . CYS A 1 83  ? -5.137  -15.574 3.269   1.00 69.09  ? 83  CYS A C   1 
ATOM   648  O O   . CYS A 1 83  ? -4.725  -14.429 3.194   1.00 78.77  ? 83  CYS A O   1 
ATOM   649  C CB  . CYS A 1 83  ? -6.683  -14.990 1.378   1.00 70.67  ? 83  CYS A CB  1 
ATOM   650  S SG  . CYS A 1 83  ? -5.813  -15.162 -0.172  1.00 86.30  ? 83  CYS A SG  1 
ATOM   651  N N   . SER A 1 84  ? -4.697  -16.473 4.139   1.00 73.04  ? 84  SER A N   1 
ATOM   652  C CA  . SER A 1 84  ? -3.527  -16.315 5.001   1.00 81.26  ? 84  SER A CA  1 
ATOM   653  C C   . SER A 1 84  ? -2.275  -15.818 4.260   1.00 84.82  ? 84  SER A C   1 
ATOM   654  O O   . SER A 1 84  ? -1.781  -16.417 3.281   1.00 81.09  ? 84  SER A O   1 
ATOM   655  C CB  . SER A 1 84  ? -3.215  -17.634 5.737   1.00 80.03  ? 84  SER A CB  1 
ATOM   656  O OG  . SER A 1 84  ? -1.889  -17.657 6.210   1.00 78.77  ? 84  SER A OG  1 
ATOM   657  N N   . VAL A 1 85  ? -1.765  -14.707 4.769   1.00 83.67  ? 85  VAL A N   1 
ATOM   658  C CA  . VAL A 1 85  ? -0.705  -13.982 4.116   1.00 76.65  ? 85  VAL A CA  1 
ATOM   659  C C   . VAL A 1 85  ? 0.629   -14.735 4.308   1.00 65.19  ? 85  VAL A C   1 
ATOM   660  O O   . VAL A 1 85  ? 1.471   -14.744 3.435   1.00 53.65  ? 85  VAL A O   1 
ATOM   661  C CB  . VAL A 1 85  ? -0.712  -12.520 4.612   1.00 76.94  ? 85  VAL A CB  1 
ATOM   662  C CG1 . VAL A 1 85  ? 0.162   -12.329 5.852   1.00 78.73  ? 85  VAL A CG1 1 
ATOM   663  C CG2 . VAL A 1 85  ? -0.333  -11.593 3.474   1.00 77.08  ? 85  VAL A CG2 1 
ATOM   664  N N   . GLN A 1 86  ? 0.774   -15.426 5.432   1.00 66.12  ? 86  GLN A N   1 
ATOM   665  C CA  . GLN A 1 86  ? 1.949   -16.261 5.656   1.00 68.54  ? 86  GLN A CA  1 
ATOM   666  C C   . GLN A 1 86  ? 2.118   -17.401 4.695   1.00 65.10  ? 86  GLN A C   1 
ATOM   667  O O   . GLN A 1 86  ? 3.243   -17.729 4.375   1.00 66.37  ? 86  GLN A O   1 
ATOM   668  C CB  . GLN A 1 86  ? 1.940   -16.840 7.038   1.00 71.22  ? 86  GLN A CB  1 
ATOM   669  C CG  . GLN A 1 86  ? 2.181   -15.800 8.087   1.00 73.89  ? 86  GLN A CG  1 
ATOM   670  C CD  . GLN A 1 86  ? 2.042   -16.418 9.436   1.00 76.53  ? 86  GLN A CD  1 
ATOM   671  O OE1 . GLN A 1 86  ? 3.039   -16.646 10.125  1.00 75.98  ? 86  GLN A OE1 1 
ATOM   672  N NE2 . GLN A 1 86  ? 0.805   -16.757 9.801   1.00 73.20  ? 86  GLN A NE2 1 
ATOM   673  N N   . ARG A 1 87  ? 1.036   -18.005 4.221   1.00 71.18  ? 87  ARG A N   1 
ATOM   674  C CA  . ARG A 1 87  ? 1.182   -19.073 3.210   1.00 77.94  ? 87  ARG A CA  1 
ATOM   675  C C   . ARG A 1 87  ? 1.467   -18.568 1.765   1.00 72.76  ? 87  ARG A C   1 
ATOM   676  O O   . ARG A 1 87  ? 1.718   -19.379 0.872   1.00 70.73  ? 87  ARG A O   1 
ATOM   677  C CB  . ARG A 1 87  ? 0.054   -20.175 3.260   1.00 83.59  ? 87  ARG A CB  1 
ATOM   678  C CG  . ARG A 1 87  ? -1.299  -19.841 3.872   1.00 86.32  ? 87  ARG A CG  1 
ATOM   679  C CD  . ARG A 1 87  ? -2.400  -20.820 3.449   1.00 91.89  ? 87  ARG A CD  1 
ATOM   680  N NE  . ARG A 1 87  ? -2.689  -20.714 2.011   1.00 94.06  ? 87  ARG A NE  1 
ATOM   681  C CZ  . ARG A 1 87  ? -3.338  -19.705 1.412   1.00 91.27  ? 87  ARG A CZ  1 
ATOM   682  N NH1 . ARG A 1 87  ? -3.815  -18.677 2.095   1.00 78.63  ? 87  ARG A NH1 1 
ATOM   683  N NH2 . ARG A 1 87  ? -3.518  -19.724 0.096   1.00 93.17  ? 87  ARG A NH2 1 
ATOM   684  N N   . LEU A 1 88  ? 1.458   -17.258 1.520   1.00 74.89  ? 88  LEU A N   1 
ATOM   685  C CA  . LEU A 1 88  ? 1.690   -16.755 0.162   1.00 66.72  ? 88  LEU A CA  1 
ATOM   686  C C   . LEU A 1 88  ? 3.138   -16.400 0.060   1.00 63.45  ? 88  LEU A C   1 
ATOM   687  O O   . LEU A 1 88  ? 3.602   -15.496 0.761   1.00 61.07  ? 88  LEU A O   1 
ATOM   688  C CB  . LEU A 1 88  ? 0.810   -15.564 -0.109  1.00 69.76  ? 88  LEU A CB  1 
ATOM   689  C CG  . LEU A 1 88  ? -0.657  -15.991 -0.217  1.00 75.75  ? 88  LEU A CG  1 
ATOM   690  C CD1 . LEU A 1 88  ? -1.538  -14.791 0.078   1.00 83.31  ? 88  LEU A CD1 1 
ATOM   691  C CD2 . LEU A 1 88  ? -0.976  -16.563 -1.592  1.00 72.39  ? 88  LEU A CD2 1 
ATOM   692  N N   . ARG A 1 89  ? 3.846   -17.141 -0.789  1.00 57.71  ? 89  ARG A N   1 
ATOM   693  C CA  . ARG A 1 89  ? 5.296   -17.133 -0.801  1.00 59.97  ? 89  ARG A CA  1 
ATOM   694  C C   . ARG A 1 89  ? 5.891   -15.813 -1.312  1.00 56.90  ? 89  ARG A C   1 
ATOM   695  O O   . ARG A 1 89  ? 7.000   -15.466 -0.909  1.00 54.88  ? 89  ARG A O   1 
ATOM   696  C CB  . ARG A 1 89  ? 5.846   -18.307 -1.633  1.00 59.34  ? 89  ARG A CB  1 
ATOM   697  N N   . ASN A 1 90  ? 5.194   -15.106 -2.205  1.00 46.82  ? 90  ASN A N   1 
ATOM   698  C CA  . ASN A 1 90  ? 5.725   -13.845 -2.745  1.00 50.55  ? 90  ASN A CA  1 
ATOM   699  C C   . ASN A 1 90  ? 5.364   -12.564 -1.944  1.00 49.81  ? 90  ASN A C   1 
ATOM   700  O O   . ASN A 1 90  ? 5.726   -11.467 -2.353  1.00 50.86  ? 90  ASN A O   1 
ATOM   701  C CB  . ASN A 1 90  ? 5.320   -13.685 -4.207  1.00 50.59  ? 90  ASN A CB  1 
ATOM   702  C CG  . ASN A 1 90  ? 6.100   -14.579 -5.111  1.00 50.86  ? 90  ASN A CG  1 
ATOM   703  O OD1 . ASN A 1 90  ? 7.253   -14.907 -4.837  1.00 49.50  ? 90  ASN A OD1 1 
ATOM   704  N ND2 . ASN A 1 90  ? 5.487   -14.977 -6.205  1.00 53.81  ? 90  ASN A ND2 1 
ATOM   705  N N   . ILE A 1 91  ? 4.692   -12.713 -0.809  1.00 44.25  ? 91  ILE A N   1 
ATOM   706  C CA  . ILE A 1 91  ? 4.236   -11.564 -0.050  1.00 48.93  ? 91  ILE A CA  1 
ATOM   707  C C   . ILE A 1 91  ? 4.887   -11.524 1.323   1.00 45.78  ? 91  ILE A C   1 
ATOM   708  O O   . ILE A 1 91  ? 4.683   -12.432 2.117   1.00 48.44  ? 91  ILE A O   1 
ATOM   709  C CB  . ILE A 1 91  ? 2.702   -11.596 0.122   1.00 46.16  ? 91  ILE A CB  1 
ATOM   710  C CG1 . ILE A 1 91  ? 1.997   -11.642 -1.238  1.00 42.78  ? 91  ILE A CG1 1 
ATOM   711  C CG2 . ILE A 1 91  ? 2.182   -10.400 0.962   1.00 48.42  ? 91  ILE A CG2 1 
ATOM   712  C CD1 . ILE A 1 91  ? 0.487   -11.544 -1.129  1.00 44.73  ? 91  ILE A CD1 1 
ATOM   713  N N   . ARG A 1 92  ? 5.635   -10.467 1.611   1.00 44.04  ? 92  ARG A N   1 
ATOM   714  C CA  . ARG A 1 92  ? 6.048   -10.197 3.008   1.00 41.83  ? 92  ARG A CA  1 
ATOM   715  C C   . ARG A 1 92  ? 5.308   -9.000  3.604   1.00 34.48  ? 92  ARG A C   1 
ATOM   716  O O   . ARG A 1 92  ? 5.184   -7.924  2.983   1.00 34.02  ? 92  ARG A O   1 
ATOM   717  C CB  . ARG A 1 92  ? 7.543   -9.936  3.090   1.00 50.79  ? 92  ARG A CB  1 
ATOM   718  C CG  . ARG A 1 92  ? 8.356   -10.730 2.100   1.00 65.85  ? 92  ARG A CG  1 
ATOM   719  C CD  . ARG A 1 92  ? 9.756   -11.005 2.611   1.00 82.50  ? 92  ARG A CD  1 
ATOM   720  N NE  . ARG A 1 92  ? 9.892   -12.352 3.177   1.00 96.49  ? 92  ARG A NE  1 
ATOM   721  C CZ  . ARG A 1 92  ? 11.051  -12.890 3.548   1.00 96.68  ? 92  ARG A CZ  1 
ATOM   722  N NH1 . ARG A 1 92  ? 12.180  -12.194 3.446   1.00 97.65  ? 92  ARG A NH1 1 
ATOM   723  N NH2 . ARG A 1 92  ? 11.084  -14.125 4.041   1.00 107.10 ? 92  ARG A NH2 1 
ATOM   724  N N   . VAL A 1 93  ? 4.893   -9.168  4.839   1.00 33.53  ? 93  VAL A N   1 
ATOM   725  C CA  . VAL A 1 93  ? 4.193   -8.174  5.568   1.00 37.27  ? 93  VAL A CA  1 
ATOM   726  C C   . VAL A 1 93  ? 4.876   -7.976  6.911   1.00 39.36  ? 93  VAL A C   1 
ATOM   727  O O   . VAL A 1 93  ? 5.061   -8.936  7.654   1.00 37.97  ? 93  VAL A O   1 
ATOM   728  C CB  . VAL A 1 93  ? 2.749   -8.562  5.823   1.00 39.02  ? 93  VAL A CB  1 
ATOM   729  C CG1 . VAL A 1 93  ? 2.003   -7.392  6.435   1.00 40.12  ? 93  VAL A CG1 1 
ATOM   730  C CG2 . VAL A 1 93  ? 2.099   -8.986  4.505   1.00 45.13  ? 93  VAL A CG2 1 
ATOM   731  N N   . ARG A 1 94  ? 5.237   -6.714  7.188   1.00 37.70  ? 94  ARG A N   1 
ATOM   732  C CA  . ARG A 1 94  ? 5.823   -6.308  8.487   1.00 36.56  ? 94  ARG A CA  1 
ATOM   733  C C   . ARG A 1 94  ? 5.130   -5.054  8.977   1.00 34.41  ? 94  ARG A C   1 
ATOM   734  O O   . ARG A 1 94  ? 4.448   -4.358  8.196   1.00 34.57  ? 94  ARG A O   1 
ATOM   735  C CB  . ARG A 1 94  ? 7.322   -6.136  8.327   1.00 36.47  ? 94  ARG A CB  1 
ATOM   736  C CG  . ARG A 1 94  ? 8.018   -7.411  7.845   1.00 35.87  ? 94  ARG A CG  1 
ATOM   737  C CD  . ARG A 1 94  ? 9.466   -7.200  7.595   1.00 35.15  ? 94  ARG A CD  1 
ATOM   738  N NE  . ARG A 1 94  ? 10.191  -6.861  8.859   1.00 36.26  ? 94  ARG A NE  1 
ATOM   739  C CZ  . ARG A 1 94  ? 10.953  -7.708  9.577   1.00 41.81  ? 94  ARG A CZ  1 
ATOM   740  N NH1 . ARG A 1 94  ? 11.063  -8.991  9.218   1.00 38.04  ? 94  ARG A NH1 1 
ATOM   741  N NH2 . ARG A 1 94  ? 11.589  -7.278  10.688  1.00 37.95  ? 94  ARG A NH2 1 
ATOM   742  N N   . THR A 1 95  ? 5.189   -4.829  10.274  1.00 33.21  ? 95  THR A N   1 
ATOM   743  C CA  . THR A 1 95  ? 4.548   -3.718  10.914  1.00 37.86  ? 95  THR A CA  1 
ATOM   744  C C   . THR A 1 95  ? 5.598   -2.631  11.264  1.00 40.19  ? 95  THR A C   1 
ATOM   745  O O   . THR A 1 95  ? 6.781   -2.923  11.441  1.00 35.56  ? 95  THR A O   1 
ATOM   746  C CB  . THR A 1 95  ? 3.794   -4.132  12.186  1.00 43.49  ? 95  THR A CB  1 
ATOM   747  O OG1 . THR A 1 95  ? 4.667   -4.853  13.056  1.00 46.10  ? 95  THR A OG1 1 
ATOM   748  C CG2 . THR A 1 95  ? 2.533   -4.936  11.886  1.00 38.35  ? 95  THR A CG2 1 
ATOM   749  N N   . VAL A 1 96  ? 5.145   -1.393  11.323  1.00 34.72  ? 96  VAL A N   1 
ATOM   750  C CA  . VAL A 1 96  ? 5.948   -0.251  11.738  1.00 33.62  ? 96  VAL A CA  1 
ATOM   751  C C   . VAL A 1 96  ? 5.112   0.480   12.786  1.00 30.84  ? 96  VAL A C   1 
ATOM   752  O O   . VAL A 1 96  ? 3.895   0.694   12.606  1.00 33.70  ? 96  VAL A O   1 
ATOM   753  C CB  . VAL A 1 96  ? 6.272   0.645   10.510  1.00 36.16  ? 96  VAL A CB  1 
ATOM   754  C CG1 . VAL A 1 96  ? 7.191   1.784   10.872  1.00 38.40  ? 96  VAL A CG1 1 
ATOM   755  C CG2 . VAL A 1 96  ? 6.862   -0.151  9.334   1.00 38.71  ? 96  VAL A CG2 1 
ATOM   756  N N   . LYS A 1 97  ? 5.722   0.848   13.896  1.00 32.74  ? 97  LYS A N   1 
ATOM   757  C CA  . LYS A 1 97  ? 5.101   1.723   14.879  1.00 38.35  ? 97  LYS A CA  1 
ATOM   758  C C   . LYS A 1 97  ? 5.881   3.028   15.060  1.00 44.44  ? 97  LYS A C   1 
ATOM   759  O O   . LYS A 1 97  ? 7.062   3.123   14.691  1.00 40.10  ? 97  LYS A O   1 
ATOM   760  C CB  . LYS A 1 97  ? 4.800   1.036   16.229  1.00 46.66  ? 97  LYS A CB  1 
ATOM   761  C CG  . LYS A 1 97  ? 5.929   0.545   17.097  1.00 59.11  ? 97  LYS A CG  1 
ATOM   762  C CD  . LYS A 1 97  ? 5.433   0.374   18.559  1.00 64.28  ? 97  LYS A CD  1 
ATOM   763  C CE  . LYS A 1 97  ? 6.562   0.458   19.585  1.00 71.62  ? 97  LYS A CE  1 
ATOM   764  N NZ  . LYS A 1 97  ? 7.049   1.838   19.887  1.00 78.32  ? 97  LYS A NZ  1 
ATOM   765  N N   . GLY A 1 98  ? 5.189   4.042   15.586  1.00 38.59  ? 98  GLY A N   1 
ATOM   766  C CA  . GLY A 1 98  ? 5.854   5.279   16.062  1.00 42.75  ? 98  GLY A CA  1 
ATOM   767  C C   . GLY A 1 98  ? 6.310   5.139   17.530  1.00 44.97  ? 98  GLY A C   1 
ATOM   768  O O   . GLY A 1 98  ? 6.440   4.030   18.034  1.00 45.35  ? 98  GLY A O   1 
ATOM   769  N N   . GLN A 1 99  ? 6.517   6.260   18.217  1.00 46.43  ? 99  GLN A N   1 
ATOM   770  C CA  . GLN A 1 99  ? 6.934   6.294   19.645  1.00 49.46  ? 99  GLN A CA  1 
ATOM   771  C C   . GLN A 1 99  ? 5.688   6.297   20.526  1.00 55.75  ? 99  GLN A C   1 
ATOM   772  O O   . GLN A 1 99  ? 4.828   7.193   20.360  1.00 47.14  ? 99  GLN A O   1 
ATOM   773  C CB  . GLN A 1 99  ? 7.790   7.552   19.870  1.00 54.14  ? 99  GLN A CB  1 
ATOM   774  C CG  . GLN A 1 99  ? 8.674   7.628   21.111  1.00 57.44  ? 99  GLN A CG  1 
ATOM   775  C CD  . GLN A 1 99  ? 9.812   8.693   21.017  1.00 60.65  ? 99  GLN A CD  1 
ATOM   776  O OE1 . GLN A 1 99  ? 10.069  9.423   21.981  1.00 70.29  ? 99  GLN A OE1 1 
ATOM   777  N NE2 . GLN A 1 99  ? 10.477  8.783   19.867  1.00 62.40  ? 99  GLN A NE2 1 
ATOM   778  N N   . ASP A 1 100 ? 5.574   5.348   21.465  1.00 59.94  ? 100 ASP A N   1 
ATOM   779  C CA  . ASP A 1 100 ? 4.402   5.285   22.411  1.00 68.56  ? 100 ASP A CA  1 
ATOM   780  C C   . ASP A 1 100 ? 4.502   6.227   23.621  1.00 68.62  ? 100 ASP A C   1 
ATOM   781  O O   . ASP A 1 100 ? 5.593   6.753   23.883  1.00 51.72  ? 100 ASP A O   1 
ATOM   782  C CB  . ASP A 1 100 ? 4.216   3.885   22.959  1.00 72.77  ? 100 ASP A CB  1 
ATOM   783  C CG  . ASP A 1 100 ? 3.964   2.892   21.899  1.00 77.21  ? 100 ASP A CG  1 
ATOM   784  O OD1 . ASP A 1 100 ? 2.970   3.078   21.147  1.00 75.03  ? 100 ASP A OD1 1 
ATOM   785  O OD2 . ASP A 1 100 ? 4.769   1.935   21.825  1.00 80.89  ? 100 ASP A OD2 1 
ATOM   786  N N   . TYR A 1 101 ? 3.348   6.489   24.284  1.00 74.65  ? 101 TYR A N   1 
ATOM   787  C CA  . TYR A 1 101 ? 3.265   7.262   25.581  1.00 80.55  ? 101 TYR A CA  1 
ATOM   788  C C   . TYR A 1 101 ? 2.153   6.749   26.499  1.00 71.50  ? 101 TYR A C   1 
ATOM   789  O O   . TYR A 1 101 ? 0.972   6.787   26.124  1.00 71.09  ? 101 TYR A O   1 
ATOM   790  C CB  . TYR A 1 101 ? 3.042   8.762   25.349  1.00 77.79  ? 101 TYR A CB  1 
ATOM   791  C CG  . TYR A 1 101 ? 4.206   9.418   24.664  1.00 85.36  ? 101 TYR A CG  1 
ATOM   792  C CD1 . TYR A 1 101 ? 5.168   10.107  25.378  1.00 78.25  ? 101 TYR A CD1 1 
ATOM   793  C CD2 . TYR A 1 101 ? 4.356   9.321   23.276  1.00 86.68  ? 101 TYR A CD2 1 
ATOM   794  C CE1 . TYR A 1 101 ? 6.241   10.693  24.729  1.00 79.25  ? 101 TYR A CE1 1 
ATOM   795  C CE2 . TYR A 1 101 ? 5.433   9.879   22.628  1.00 74.69  ? 101 TYR A CE2 1 
ATOM   796  C CZ  . TYR A 1 101 ? 6.368   10.569  23.350  1.00 79.97  ? 101 TYR A CZ  1 
ATOM   797  O OH  . TYR A 1 101 ? 7.432   11.124  22.667  1.00 81.63  ? 101 TYR A OH  1 
ATOM   798  N N   . PHE A 1 109 ? -1.150  5.593   25.028  1.00 69.18  ? 109 PHE A N   1 
ATOM   799  C CA  . PHE A 1 109 ? -1.262  6.201   23.679  1.00 83.83  ? 109 PHE A CA  1 
ATOM   800  C C   . PHE A 1 109 ? -0.221  5.692   22.638  1.00 72.96  ? 109 PHE A C   1 
ATOM   801  O O   . PHE A 1 109 ? 0.986   5.956   22.757  1.00 70.11  ? 109 PHE A O   1 
ATOM   802  C CB  . PHE A 1 109 ? -1.183  7.736   23.754  1.00 83.51  ? 109 PHE A CB  1 
ATOM   803  C CG  . PHE A 1 109 ? -1.094  8.414   22.394  1.00 90.17  ? 109 PHE A CG  1 
ATOM   804  C CD1 . PHE A 1 109 ? -2.202  8.431   21.532  1.00 84.09  ? 109 PHE A CD1 1 
ATOM   805  C CD2 . PHE A 1 109 ? 0.097   9.033   21.970  1.00 84.98  ? 109 PHE A CD2 1 
ATOM   806  C CE1 . PHE A 1 109 ? -2.126  9.040   20.279  1.00 81.26  ? 109 PHE A CE1 1 
ATOM   807  C CE2 . PHE A 1 109 ? 0.162   9.646   20.727  1.00 80.42  ? 109 PHE A CE2 1 
ATOM   808  C CZ  . PHE A 1 109 ? -0.953  9.646   19.882  1.00 82.32  ? 109 PHE A CZ  1 
ATOM   809  N N   . HIS A 1 110 ? -0.726  5.016   21.603  1.00 76.21  ? 110 HIS A N   1 
ATOM   810  C CA  . HIS A 1 110 ? 0.113   4.386   20.562  1.00 69.12  ? 110 HIS A CA  1 
ATOM   811  C C   . HIS A 1 110 ? 0.583   5.399   19.487  1.00 55.81  ? 110 HIS A C   1 
ATOM   812  O O   . HIS A 1 110 ? -0.242  6.029   18.804  1.00 52.49  ? 110 HIS A O   1 
ATOM   813  C CB  . HIS A 1 110 ? -0.639  3.204   19.905  1.00 78.22  ? 110 HIS A CB  1 
ATOM   814  C CG  . HIS A 1 110 ? -1.063  2.122   20.870  1.00 86.30  ? 110 HIS A CG  1 
ATOM   815  N ND1 . HIS A 1 110 ? -2.133  1.284   20.628  1.00 81.61  ? 110 HIS A ND1 1 
ATOM   816  C CD2 . HIS A 1 110 ? -0.566  1.757   22.080  1.00 85.45  ? 110 HIS A CD2 1 
ATOM   817  C CE1 . HIS A 1 110 ? -2.269  0.444   21.639  1.00 88.01  ? 110 HIS A CE1 1 
ATOM   818  N NE2 . HIS A 1 110 ? -1.336  0.715   22.536  1.00 88.55  ? 110 HIS A NE2 1 
ATOM   819  N N   . GLY A 1 111 ? 1.900   5.579   19.380  1.00 51.43  ? 111 GLY A N   1 
ATOM   820  C CA  . GLY A 1 111 ? 2.515   6.265   18.220  1.00 50.89  ? 111 GLY A CA  1 
ATOM   821  C C   . GLY A 1 111 ? 2.403   5.428   16.951  1.00 43.53  ? 111 GLY A C   1 
ATOM   822  O O   . GLY A 1 111 ? 2.576   4.237   16.988  1.00 41.57  ? 111 GLY A O   1 
ATOM   823  N N   . LYS A 1 112 ? 2.158   6.051   15.811  1.00 40.77  ? 112 LYS A N   1 
ATOM   824  C CA  . LYS A 1 112 ? 1.726   5.330   14.590  1.00 40.81  ? 112 LYS A CA  1 
ATOM   825  C C   . LYS A 1 112 ? 2.609   5.650   13.423  1.00 34.72  ? 112 LYS A C   1 
ATOM   826  O O   . LYS A 1 112 ? 3.284   6.679   13.400  1.00 35.17  ? 112 LYS A O   1 
ATOM   827  C CB  . LYS A 1 112 ? 0.308   5.728   14.224  1.00 43.78  ? 112 LYS A CB  1 
ATOM   828  C CG  . LYS A 1 112 ? -0.755  5.097   15.115  1.00 51.98  ? 112 LYS A CG  1 
ATOM   829  C CD  . LYS A 1 112 ? -2.135  5.642   14.708  1.00 56.28  ? 112 LYS A CD  1 
ATOM   830  C CE  . LYS A 1 112 ? -3.186  5.381   15.764  1.00 71.65  ? 112 LYS A CE  1 
ATOM   831  N NZ  . LYS A 1 112 ? -3.693  3.974   15.801  1.00 87.29  ? 112 LYS A NZ  1 
ATOM   832  N N   . MET A 1 113 ? 2.596   4.771   12.437  1.00 33.34  ? 113 MET A N   1 
ATOM   833  C CA  . MET A 1 113 ? 3.194   5.076   11.163  1.00 31.38  ? 113 MET A CA  1 
ATOM   834  C C   . MET A 1 113 ? 2.070   5.750   10.362  1.00 35.86  ? 113 MET A C   1 
ATOM   835  O O   . MET A 1 113 ? 1.188   5.071   9.865   1.00 37.43  ? 113 MET A O   1 
ATOM   836  C CB  . MET A 1 113 ? 3.672   3.855   10.419  1.00 33.13  ? 113 MET A CB  1 
ATOM   837  C CG  . MET A 1 113 ? 4.284   4.188   9.083   1.00 36.78  ? 113 MET A CG  1 
ATOM   838  S SD  . MET A 1 113 ? 4.683   2.784   8.085   1.00 41.67  ? 113 MET A SD  1 
ATOM   839  C CE  . MET A 1 113 ? 3.030   2.139   7.721   1.00 43.85  ? 113 MET A CE  1 
ATOM   840  N N   . GLU A 1 114 ? 2.166   7.075   10.239  1.00 35.15  ? 114 GLU A N   1 
ATOM   841  C CA  . GLU A 1 114 ? 1.265   7.896   9.459   1.00 36.95  ? 114 GLU A CA  1 
ATOM   842  C C   . GLU A 1 114 ? 1.924   8.256   8.131   1.00 46.37  ? 114 GLU A C   1 
ATOM   843  O O   . GLU A 1 114 ? 2.359   9.371   7.920   1.00 63.86  ? 114 GLU A O   1 
ATOM   844  C CB  . GLU A 1 114 ? 1.013   9.169   10.211  1.00 35.59  ? 114 GLU A CB  1 
ATOM   845  C CG  . GLU A 1 114 ? 0.283   8.887   11.519  1.00 40.64  ? 114 GLU A CG  1 
ATOM   846  C CD  . GLU A 1 114 ? -1.203  8.601   11.306  1.00 44.07  ? 114 GLU A CD  1 
ATOM   847  O OE1 . GLU A 1 114 ? -1.796  9.152   10.363  1.00 57.65  ? 114 GLU A OE1 1 
ATOM   848  O OE2 . GLU A 1 114 ? -1.778  7.833   12.051  1.00 49.15  ? 114 GLU A OE2 1 
ATOM   849  N N   . GLN A 1 115 ? 2.025   7.287   7.261   1.00 42.15  ? 115 GLN A N   1 
ATOM   850  C CA  . GLN A 1 115 ? 2.665   7.431   5.987   1.00 41.57  ? 115 GLN A CA  1 
ATOM   851  C C   . GLN A 1 115 ? 1.917   6.468   5.145   1.00 35.25  ? 115 GLN A C   1 
ATOM   852  O O   . GLN A 1 115 ? 1.519   5.392   5.608   1.00 34.20  ? 115 GLN A O   1 
ATOM   853  C CB  . GLN A 1 115 ? 4.091   6.903   5.965   1.00 47.47  ? 115 GLN A CB  1 
ATOM   854  C CG  . GLN A 1 115 ? 5.056   7.598   6.871   1.00 58.37  ? 115 GLN A CG  1 
ATOM   855  C CD  . GLN A 1 115 ? 6.315   7.970   6.162   1.00 75.15  ? 115 GLN A CD  1 
ATOM   856  O OE1 . GLN A 1 115 ? 7.363   8.194   6.809   1.00 68.65  ? 115 GLN A OE1 1 
ATOM   857  N NE2 . GLN A 1 115 ? 6.230   8.066   4.805   1.00 79.40  ? 115 GLN A NE2 1 
ATOM   858  N N   . LYS A 1 116 ? 1.698   6.835   3.910   1.00 37.48  ? 116 LYS A N   1 
ATOM   859  C CA  . LYS A 1 116 ? 1.258   5.844   2.983   1.00 39.34  ? 116 LYS A CA  1 
ATOM   860  C C   . LYS A 1 116 ? 1.553   6.140   1.583   1.00 37.25  ? 116 LYS A C   1 
ATOM   861  O O   . LYS A 1 116 ? 1.478   7.286   1.130   1.00 43.62  ? 116 LYS A O   1 
ATOM   862  C CB  . LYS A 1 116 ? -0.239  5.579   3.114   1.00 43.45  ? 116 LYS A CB  1 
ATOM   863  C CG  . LYS A 1 116 ? -1.089  6.773   3.067   1.00 41.62  ? 116 LYS A CG  1 
ATOM   864  C CD  . LYS A 1 116 ? -2.386  6.400   3.698   1.00 45.92  ? 116 LYS A CD  1 
ATOM   865  C CE  . LYS A 1 116 ? -3.359  7.534   3.707   1.00 41.23  ? 116 LYS A CE  1 
ATOM   866  N NZ  . LYS A 1 116 ? -3.456  8.134   5.033   1.00 42.85  ? 116 LYS A NZ  1 
ATOM   867  N N   . PHE A 1 117 ? 1.884   5.062   0.891   1.00 36.22  ? 117 PHE A N   1 
ATOM   868  C CA  . PHE A 1 117 ? 2.199   5.165   -0.492  1.00 33.08  ? 117 PHE A CA  1 
ATOM   869  C C   . PHE A 1 117 ? 2.339   3.827   -1.078  1.00 33.02  ? 117 PHE A C   1 
ATOM   870  O O   . PHE A 1 117 ? 2.603   2.862   -0.366  1.00 36.79  ? 117 PHE A O   1 
ATOM   871  C CB  . PHE A 1 117 ? 3.417   6.050   -0.764  1.00 33.28  ? 117 PHE A CB  1 
ATOM   872  C CG  . PHE A 1 117 ? 4.726   5.537   -0.217  1.00 34.26  ? 117 PHE A CG  1 
ATOM   873  C CD1 . PHE A 1 117 ? 5.499   4.673   -0.962  1.00 30.60  ? 117 PHE A CD1 1 
ATOM   874  C CD2 . PHE A 1 117 ? 5.225   6.034   0.982   1.00 32.28  ? 117 PHE A CD2 1 
ATOM   875  C CE1 . PHE A 1 117 ? 6.737   4.251   -0.488  1.00 35.68  ? 117 PHE A CE1 1 
ATOM   876  C CE2 . PHE A 1 117 ? 6.462   5.613   1.473   1.00 36.00  ? 117 PHE A CE2 1 
ATOM   877  C CZ  . PHE A 1 117 ? 7.222   4.729   0.715   1.00 34.40  ? 117 PHE A CZ  1 
ATOM   878  N N   . LEU A 1 118 ? 2.209   3.786   -2.409  1.00 34.93  ? 118 LEU A N   1 
ATOM   879  C CA  . LEU A 1 118 ? 2.392   2.597   -3.192  1.00 29.46  ? 118 LEU A CA  1 
ATOM   880  C C   . LEU A 1 118 ? 3.427   2.803   -4.249  1.00 30.20  ? 118 LEU A C   1 
ATOM   881  O O   . LEU A 1 118 ? 3.340   3.775   -5.060  1.00 32.44  ? 118 LEU A O   1 
ATOM   882  C CB  . LEU A 1 118 ? 1.051   2.293   -3.878  1.00 35.52  ? 118 LEU A CB  1 
ATOM   883  C CG  . LEU A 1 118 ? 1.046   1.179   -4.949  1.00 34.01  ? 118 LEU A CG  1 
ATOM   884  C CD1 . LEU A 1 118 ? 1.239   -0.180  -4.268  1.00 36.56  ? 118 LEU A CD1 1 
ATOM   885  C CD2 . LEU A 1 118 ? -0.275  1.179   -5.713  1.00 36.42  ? 118 LEU A CD2 1 
ATOM   886  N N   . LEU A 1 119 ? 4.387   1.886   -4.316  0.56 32.83  ? 119 LEU A N   1 
ATOM   887  C CA  . LEU A 1 119 ? 5.516   1.994   -5.246  0.56 35.05  ? 119 LEU A CA  1 
ATOM   888  C C   . LEU A 1 119 ? 5.578   0.733   -6.074  0.56 36.41  ? 119 LEU A C   1 
ATOM   889  O O   . LEU A 1 119 ? 5.478   -0.377  -5.552  0.56 36.58  ? 119 LEU A O   1 
ATOM   890  C CB  . LEU A 1 119 ? 6.863   2.238   -4.488  0.56 37.28  ? 119 LEU A CB  1 
ATOM   891  C CG  . LEU A 1 119 ? 8.210   2.002   -5.219  0.56 36.39  ? 119 LEU A CG  1 
ATOM   892  C CD1 . LEU A 1 119 ? 8.342   2.739   -6.542  0.56 40.95  ? 119 LEU A CD1 1 
ATOM   893  C CD2 . LEU A 1 119 ? 9.405   2.325   -4.331  0.56 38.92  ? 119 LEU A CD2 1 
ATOM   894  N N   . VAL A 1 120 ? 5.746   0.923   -7.371  0.56 38.47  ? 120 VAL A N   1 
ATOM   895  C CA  . VAL A 1 120 ? 5.785   -0.167  -8.306  0.56 37.62  ? 120 VAL A CA  1 
ATOM   896  C C   . VAL A 1 120 ? 7.039   -0.075  -9.152  0.56 35.25  ? 120 VAL A C   1 
ATOM   897  O O   . VAL A 1 120 ? 7.231   0.898   -9.864  0.56 35.50  ? 120 VAL A O   1 
ATOM   898  C CB  . VAL A 1 120 ? 4.555   -0.137  -9.204  0.56 35.94  ? 120 VAL A CB  1 
ATOM   899  C CG1 . VAL A 1 120 ? 4.651   -1.224  -10.253 0.56 36.39  ? 120 VAL A CG1 1 
ATOM   900  C CG2 . VAL A 1 120 ? 3.320   -0.323  -8.359  0.56 37.14  ? 120 VAL A CG2 1 
ATOM   901  N N   . ASP A 1 121 ? 7.889   -1.100  -9.037  0.56 40.27  ? 121 ASP A N   1 
ATOM   902  C CA  . ASP A 1 121 ? 8.991   -1.373  -9.968  0.56 39.69  ? 121 ASP A CA  1 
ATOM   903  C C   . ASP A 1 121 ? 10.072  -0.283  -10.032 0.56 44.65  ? 121 ASP A C   1 
ATOM   904  O O   . ASP A 1 121 ? 10.855  -0.271  -10.974 0.56 49.39  ? 121 ASP A O   1 
ATOM   905  C CB  . ASP A 1 121 ? 8.420   -1.679  -11.396 0.56 41.00  ? 121 ASP A CB  1 
ATOM   906  C CG  . ASP A 1 121 ? 7.687   -3.052  -11.487 0.56 42.01  ? 121 ASP A CG  1 
ATOM   907  O OD1 . ASP A 1 121 ? 7.991   -3.969  -10.699 0.56 47.39  ? 121 ASP A OD1 1 
ATOM   908  O OD2 . ASP A 1 121 ? 6.823   -3.232  -12.368 0.56 40.99  ? 121 ASP A OD2 1 
ATOM   909  N N   . CYS A 1 122 ? 10.102  0.634   -9.057  0.56 47.76  ? 122 CYS A N   1 
ATOM   910  C CA  . CYS A 1 122 ? 10.991  1.807   -9.044  0.56 48.97  ? 122 CYS A CA  1 
ATOM   911  C C   . CYS A 1 122 ? 10.673  2.661   -10.264 0.56 48.53  ? 122 CYS A C   1 
ATOM   912  O O   . CYS A 1 122 ? 11.558  3.204   -10.915 0.56 55.46  ? 122 CYS A O   1 
ATOM   913  C CB  . CYS A 1 122 ? 12.478  1.430   -8.936  0.56 47.97  ? 122 CYS A CB  1 
ATOM   914  S SG  . CYS A 1 122 ? 12.885  0.742   -7.313  0.56 50.76  ? 122 CYS A SG  1 
ATOM   915  N N   . GLN A 1 123 ? 9.375   2.771   -10.544 0.56 46.98  ? 123 GLN A N   1 
ATOM   916  C CA  . GLN A 1 123 ? 8.885   3.420   -11.748 0.56 50.07  ? 123 GLN A CA  1 
ATOM   917  C C   . GLN A 1 123 ? 7.714   4.355   -11.464 0.56 44.41  ? 123 GLN A C   1 
ATOM   918  O O   . GLN A 1 123 ? 7.677   5.463   -12.011 0.56 43.18  ? 123 GLN A O   1 
ATOM   919  C CB  . GLN A 1 123 ? 8.484   2.362   -12.802 0.56 53.06  ? 123 GLN A CB  1 
ATOM   920  C CG  . GLN A 1 123 ? 8.620   2.860   -14.224 0.56 54.34  ? 123 GLN A CG  1 
ATOM   921  C CD  . GLN A 1 123 ? 7.583   2.284   -15.153 0.56 62.75  ? 123 GLN A CD  1 
ATOM   922  O OE1 . GLN A 1 123 ? 6.777   3.026   -15.732 0.56 66.70  ? 123 GLN A OE1 1 
ATOM   923  N NE2 . GLN A 1 123 ? 7.583   0.960   -15.301 0.56 54.68  ? 123 GLN A NE2 1 
ATOM   924  N N   . LYS A 1 124 ? 6.747   3.911   -10.652 1.00 39.03  ? 124 LYS A N   1 
ATOM   925  C CA  . LYS A 1 124 ? 5.613   4.729   -10.378 1.00 35.86  ? 124 LYS A CA  1 
ATOM   926  C C   . LYS A 1 124 ? 5.225   4.734   -8.888  1.00 34.14  ? 124 LYS A C   1 
ATOM   927  O O   . LYS A 1 124 ? 5.256   3.709   -8.247  1.00 34.18  ? 124 LYS A O   1 
ATOM   928  C CB  . LYS A 1 124 ? 4.496   4.204   -11.225 1.00 37.09  ? 124 LYS A CB  1 
ATOM   929  C CG  . LYS A 1 124 ? 3.385   5.212   -11.362 1.00 42.97  ? 124 LYS A CG  1 
ATOM   930  C CD  . LYS A 1 124 ? 2.305   4.693   -12.261 1.00 46.38  ? 124 LYS A CD  1 
ATOM   931  C CE  . LYS A 1 124 ? 2.522   5.187   -13.671 1.00 52.15  ? 124 LYS A CE  1 
ATOM   932  N NZ  . LYS A 1 124 ? 1.752   4.331   -14.614 1.00 53.12  ? 124 LYS A NZ  1 
ATOM   933  N N   . VAL A 1 125 ? 4.835   5.894   -8.356  1.00 31.68  ? 125 VAL A N   1 
ATOM   934  C CA  . VAL A 1 125 ? 4.381   6.002   -6.984  1.00 32.53  ? 125 VAL A CA  1 
ATOM   935  C C   . VAL A 1 125 ? 3.033   6.647   -6.957  1.00 31.12  ? 125 VAL A C   1 
ATOM   936  O O   . VAL A 1 125 ? 2.844   7.642   -7.647  1.00 31.08  ? 125 VAL A O   1 
ATOM   937  C CB  . VAL A 1 125 ? 5.329   6.870   -6.134  1.00 34.54  ? 125 VAL A CB  1 
ATOM   938  C CG1 . VAL A 1 125 ? 4.753   7.146   -4.734  1.00 35.67  ? 125 VAL A CG1 1 
ATOM   939  C CG2 . VAL A 1 125 ? 6.728   6.259   -6.039  1.00 37.73  ? 125 VAL A CG2 1 
ATOM   940  N N   . MET A 1 126 ? 2.128   6.125   -6.110  1.00 27.35  ? 126 MET A N   1 
ATOM   941  C CA  . MET A 1 126 ? 0.934   6.846   -5.694  1.00 27.98  ? 126 MET A CA  1 
ATOM   942  C C   . MET A 1 126 ? 1.062   7.308   -4.242  1.00 29.00  ? 126 MET A C   1 
ATOM   943  O O   . MET A 1 126 ? 1.246   6.499   -3.345  1.00 31.11  ? 126 MET A O   1 
ATOM   944  C CB  . MET A 1 126 ? -0.335  6.016   -5.871  1.00 29.41  ? 126 MET A CB  1 
ATOM   945  C CG  . MET A 1 126 ? -1.547  6.806   -5.361  1.00 29.48  ? 126 MET A CG  1 
ATOM   946  S SD  . MET A 1 126 ? -3.043  5.822   -5.470  1.00 30.95  ? 126 MET A SD  1 
ATOM   947  C CE  . MET A 1 126 ? -3.161  5.476   -7.205  1.00 31.01  ? 126 MET A CE  1 
ATOM   948  N N   . TYR A 1 127 ? 1.066   8.611   -4.028  1.00 28.19  ? 127 TYR A N   1 
ATOM   949  C CA  . TYR A 1 127 ? 1.356   9.162   -2.736  1.00 29.08  ? 127 TYR A CA  1 
ATOM   950  C C   . TYR A 1 127 ? 0.159   10.047  -2.411  1.00 28.84  ? 127 TYR A C   1 
ATOM   951  O O   . TYR A 1 127 ? -0.112  10.957  -3.160  1.00 30.49  ? 127 TYR A O   1 
ATOM   952  C CB  . TYR A 1 127 ? 2.653   9.995   -2.778  1.00 30.85  ? 127 TYR A CB  1 
ATOM   953  C CG  . TYR A 1 127 ? 2.888   10.730  -1.502  1.00 37.09  ? 127 TYR A CG  1 
ATOM   954  C CD1 . TYR A 1 127 ? 3.122   10.031  -0.318  1.00 37.30  ? 127 TYR A CD1 1 
ATOM   955  C CD2 . TYR A 1 127 ? 2.882   12.130  -1.455  1.00 37.41  ? 127 TYR A CD2 1 
ATOM   956  C CE1 . TYR A 1 127 ? 3.335   10.686  0.877   1.00 38.18  ? 127 TYR A CE1 1 
ATOM   957  C CE2 . TYR A 1 127 ? 3.126   12.800  -0.261  1.00 39.17  ? 127 TYR A CE2 1 
ATOM   958  C CZ  . TYR A 1 127 ? 3.311   12.067  0.903   1.00 39.28  ? 127 TYR A CZ  1 
ATOM   959  O OH  . TYR A 1 127 ? 3.458   12.721  2.075   1.00 40.18  ? 127 TYR A OH  1 
ATOM   960  N N   . GLY A 1 128 ? -0.469  9.865   -1.260  1.00 29.41  ? 128 GLY A N   1 
ATOM   961  C CA  . GLY A 1 128 ? -1.557  10.753  -0.876  1.00 30.89  ? 128 GLY A CA  1 
ATOM   962  C C   . GLY A 1 128 ? -2.300  10.302  0.308   1.00 31.12  ? 128 GLY A C   1 
ATOM   963  O O   . GLY A 1 128 ? -1.767  9.493   1.087   1.00 31.71  ? 128 GLY A O   1 
ATOM   964  N N   . SER A 1 129 ? -3.532  10.820  0.442   1.00 31.59  ? 129 SER A N   1 
ATOM   965  C CA  . SER A 1 129 ? -4.327  10.666  1.668   1.00 31.71  ? 129 SER A CA  1 
ATOM   966  C C   . SER A 1 129 ? -5.302  9.439   1.590   1.00 33.35  ? 129 SER A C   1 
ATOM   967  O O   . SER A 1 129 ? -6.044  9.208   2.506   1.00 35.43  ? 129 SER A O   1 
ATOM   968  C CB  . SER A 1 129 ? -5.116  11.933  1.944   1.00 28.63  ? 129 SER A CB  1 
ATOM   969  O OG  . SER A 1 129 ? -5.869  12.402  0.814   1.00 34.57  ? 129 SER A OG  1 
ATOM   970  N N   . TYR A 1 130 ? -5.306  8.700   0.487   1.00 28.69  ? 130 TYR A N   1 
ATOM   971  C CA  . TYR A 1 130 ? -6.231  7.567   0.318   1.00 32.14  ? 130 TYR A CA  1 
ATOM   972  C C   . TYR A 1 130 ? -5.703  6.251   1.026   1.00 33.62  ? 130 TYR A C   1 
ATOM   973  O O   . TYR A 1 130 ? -4.674  5.693   0.611   1.00 34.81  ? 130 TYR A O   1 
ATOM   974  C CB  . TYR A 1 130 ? -6.412  7.318   -1.181  1.00 31.58  ? 130 TYR A CB  1 
ATOM   975  C CG  . TYR A 1 130 ? -7.520  6.369   -1.536  1.00 29.18  ? 130 TYR A CG  1 
ATOM   976  C CD1 . TYR A 1 130 ? -7.342  4.987   -1.444  1.00 31.05  ? 130 TYR A CD1 1 
ATOM   977  C CD2 . TYR A 1 130 ? -8.729  6.838   -2.031  1.00 29.31  ? 130 TYR A CD2 1 
ATOM   978  C CE1 . TYR A 1 130 ? -8.376  4.100   -1.783  1.00 30.60  ? 130 TYR A CE1 1 
ATOM   979  C CE2 . TYR A 1 130 ? -9.725  5.974   -2.424  1.00 31.04  ? 130 TYR A CE2 1 
ATOM   980  C CZ  . TYR A 1 130 ? -9.564  4.607   -2.237  1.00 33.10  ? 130 TYR A CZ  1 
ATOM   981  O OH  . TYR A 1 130 ? -10.573 3.751   -2.579  1.00 38.10  ? 130 TYR A OH  1 
ATOM   982  N N   . SER A 1 131 ? -6.433  5.791   2.037   1.00 33.63  ? 131 SER A N   1 
ATOM   983  C CA  . SER A 1 131 ? -6.217  4.502   2.763   1.00 32.85  ? 131 SER A CA  1 
ATOM   984  C C   . SER A 1 131 ? -7.061  3.414   2.159   1.00 34.83  ? 131 SER A C   1 
ATOM   985  O O   . SER A 1 131 ? -8.102  3.695   1.602   1.00 33.33  ? 131 SER A O   1 
ATOM   986  C CB  . SER A 1 131 ? -6.577  4.635   4.241   1.00 29.76  ? 131 SER A CB  1 
ATOM   987  O OG  . SER A 1 131 ? -5.708  5.521   4.862   1.00 31.79  ? 131 SER A OG  1 
ATOM   988  N N   . TYR A 1 132 ? -6.574  2.176   2.244   1.00 32.77  ? 132 TYR A N   1 
ATOM   989  C CA  . TYR A 1 132 ? -7.152  1.093   1.520   1.00 35.99  ? 132 TYR A CA  1 
ATOM   990  C C   . TYR A 1 132 ? -8.279  0.480   2.331   1.00 38.73  ? 132 TYR A C   1 
ATOM   991  O O   . TYR A 1 132 ? -8.153  -0.644  2.847   1.00 32.06  ? 132 TYR A O   1 
ATOM   992  C CB  . TYR A 1 132 ? -6.118  0.025   1.161   1.00 34.98  ? 132 TYR A CB  1 
ATOM   993  C CG  . TYR A 1 132 ? -5.111  0.401   0.134   1.00 33.68  ? 132 TYR A CG  1 
ATOM   994  C CD1 . TYR A 1 132 ? -5.072  1.702   -0.440  1.00 36.11  ? 132 TYR A CD1 1 
ATOM   995  C CD2 . TYR A 1 132 ? -4.135  -0.489  -0.226  1.00 33.10  ? 132 TYR A CD2 1 
ATOM   996  C CE1 . TYR A 1 132 ? -4.131  2.018   -1.367  1.00 33.68  ? 132 TYR A CE1 1 
ATOM   997  C CE2 . TYR A 1 132 ? -3.160  -0.149  -1.149  1.00 33.95  ? 132 TYR A CE2 1 
ATOM   998  C CZ  . TYR A 1 132 ? -3.161  1.112   -1.704  1.00 35.74  ? 132 TYR A CZ  1 
ATOM   999  O OH  . TYR A 1 132 ? -2.206  1.449   -2.631  1.00 34.73  ? 132 TYR A OH  1 
ATOM   1000 N N   . MET A 1 133 ? -9.393  1.223   2.367   1.00 37.42  ? 133 MET A N   1 
ATOM   1001 C CA  . MET A 1 133 ? -10.556 0.909   3.155   1.00 38.21  ? 133 MET A CA  1 
ATOM   1002 C C   . MET A 1 133 ? -11.797 1.279   2.350   1.00 39.05  ? 133 MET A C   1 
ATOM   1003 O O   . MET A 1 133 ? -11.749 2.273   1.609   1.00 31.56  ? 133 MET A O   1 
ATOM   1004 C CB  . MET A 1 133 ? -10.613 1.788   4.401   1.00 41.14  ? 133 MET A CB  1 
ATOM   1005 C CG  . MET A 1 133 ? -9.320  1.987   5.130   1.00 45.75  ? 133 MET A CG  1 
ATOM   1006 S SD  . MET A 1 133 ? -9.564  3.062   6.545   1.00 50.89  ? 133 MET A SD  1 
ATOM   1007 C CE  . MET A 1 133 ? -10.972 2.303   7.376   1.00 45.08  ? 133 MET A CE  1 
ATOM   1008 N N   . TRP A 1 134 ? -12.907 0.556   2.597   1.00 38.04  ? 134 TRP A N   1 
ATOM   1009 C CA  . TRP A 1 134 ? -14.269 0.834   2.013   1.00 40.87  ? 134 TRP A CA  1 
ATOM   1010 C C   . TRP A 1 134 ? -14.596 2.354   2.106   1.00 36.03  ? 134 TRP A C   1 
ATOM   1011 O O   . TRP A 1 134 ? -15.127 2.974   1.169   1.00 39.10  ? 134 TRP A O   1 
ATOM   1012 C CB  . TRP A 1 134 ? -15.383 -0.050  2.727   1.00 49.35  ? 134 TRP A CB  1 
ATOM   1013 C CG  . TRP A 1 134 ? -16.403 0.784   3.477   1.00 64.25  ? 134 TRP A CG  1 
ATOM   1014 C CD1 . TRP A 1 134 ? -16.216 1.464   4.665   1.00 76.53  ? 134 TRP A CD1 1 
ATOM   1015 C CD2 . TRP A 1 134 ? -17.718 1.132   3.023   1.00 76.79  ? 134 TRP A CD2 1 
ATOM   1016 N NE1 . TRP A 1 134 ? -17.334 2.210   4.971   1.00 83.06  ? 134 TRP A NE1 1 
ATOM   1017 C CE2 . TRP A 1 134 ? -18.271 2.033   3.989   1.00 78.32  ? 134 TRP A CE2 1 
ATOM   1018 C CE3 . TRP A 1 134 ? -18.495 0.755   1.910   1.00 78.56  ? 134 TRP A CE3 1 
ATOM   1019 C CZ2 . TRP A 1 134 ? -19.576 2.559   3.881   1.00 85.23  ? 134 TRP A CZ2 1 
ATOM   1020 C CZ3 . TRP A 1 134 ? -19.810 1.271   1.803   1.00 88.81  ? 134 TRP A CZ3 1 
ATOM   1021 C CH2 . TRP A 1 134 ? -20.328 2.175   2.785   1.00 89.20  ? 134 TRP A CH2 1 
ATOM   1022 N N   . SER A 1 135 ? -14.327 2.927   3.269   1.00 36.67  ? 135 SER A N   1 
ATOM   1023 C CA  . SER A 1 135 ? -14.728 4.268   3.608   1.00 39.51  ? 135 SER A CA  1 
ATOM   1024 C C   . SER A 1 135 ? -14.081 5.335   2.699   1.00 40.68  ? 135 SER A C   1 
ATOM   1025 O O   . SER A 1 135 ? -14.687 6.373   2.495   1.00 38.94  ? 135 SER A O   1 
ATOM   1026 C CB  . SER A 1 135 ? -14.445 4.576   5.075   1.00 41.66  ? 135 SER A CB  1 
ATOM   1027 O OG  . SER A 1 135 ? -13.068 4.508   5.370   1.00 44.52  ? 135 SER A OG  1 
ATOM   1028 N N   . PHE A 1 136 ? -12.894 5.066   2.139   1.00 39.13  ? 136 PHE A N   1 
ATOM   1029 C CA  . PHE A 1 136 ? -12.264 5.962   1.186   1.00 41.06  ? 136 PHE A CA  1 
ATOM   1030 C C   . PHE A 1 136 ? -12.846 5.833   -0.218  1.00 42.14  ? 136 PHE A C   1 
ATOM   1031 O O   . PHE A 1 136 ? -12.755 6.732   -1.034  1.00 37.69  ? 136 PHE A O   1 
ATOM   1032 C CB  . PHE A 1 136 ? -10.717 5.781   1.205   1.00 39.78  ? 136 PHE A CB  1 
ATOM   1033 C CG  . PHE A 1 136 ? -10.061 6.500   2.366   1.00 34.66  ? 136 PHE A CG  1 
ATOM   1034 C CD1 . PHE A 1 136 ? -10.052 5.935   3.631   1.00 38.22  ? 136 PHE A CD1 1 
ATOM   1035 C CD2 . PHE A 1 136 ? -9.536  7.773   2.209   1.00 31.32  ? 136 PHE A CD2 1 
ATOM   1036 C CE1 . PHE A 1 136 ? -9.450  6.609   4.702   1.00 34.66  ? 136 PHE A CE1 1 
ATOM   1037 C CE2 . PHE A 1 136 ? -8.916  8.428   3.247   1.00 33.69  ? 136 PHE A CE2 1 
ATOM   1038 C CZ  . PHE A 1 136 ? -8.898  7.855   4.503   1.00 34.48  ? 136 PHE A CZ  1 
ATOM   1039 N N   . GLU A 1 137 ? -13.480 4.723   -0.509  1.00 40.81  ? 137 GLU A N   1 
ATOM   1040 C CA  . GLU A 1 137 ? -14.194 4.616   -1.772  1.00 44.55  ? 137 GLU A CA  1 
ATOM   1041 C C   . GLU A 1 137 ? -15.552 5.326   -1.662  1.00 45.06  ? 137 GLU A C   1 
ATOM   1042 O O   . GLU A 1 137 ? -15.953 5.960   -2.590  1.00 50.83  ? 137 GLU A O   1 
ATOM   1043 C CB  . GLU A 1 137 ? -14.360 3.141   -2.163  1.00 48.41  ? 137 GLU A CB  1 
ATOM   1044 C CG  . GLU A 1 137 ? -14.724 2.942   -3.612  1.00 51.82  ? 137 GLU A CG  1 
ATOM   1045 C CD  . GLU A 1 137 ? -15.318 1.560   -3.892  1.00 57.43  ? 137 GLU A CD  1 
ATOM   1046 O OE1 . GLU A 1 137 ? -15.147 0.580   -3.149  1.00 55.72  ? 137 GLU A OE1 1 
ATOM   1047 O OE2 . GLU A 1 137 ? -15.991 1.446   -4.907  1.00 66.19  ? 137 GLU A OE2 1 
ATOM   1048 N N   . LYS A 1 138 ? -16.217 5.269   -0.509  1.00 44.37  ? 138 LYS A N   1 
ATOM   1049 C CA  . LYS A 1 138 ? -17.603 5.694   -0.389  1.00 47.94  ? 138 LYS A CA  1 
ATOM   1050 C C   . LYS A 1 138 ? -17.888 6.953   0.347   1.00 50.07  ? 138 LYS A C   1 
ATOM   1051 O O   . LYS A 1 138 ? -18.907 7.569   0.113   1.00 51.22  ? 138 LYS A O   1 
ATOM   1052 C CB  . LYS A 1 138 ? -18.397 4.664   0.413   1.00 51.84  ? 138 LYS A CB  1 
ATOM   1053 C CG  . LYS A 1 138 ? -18.419 3.246   -0.119  1.00 56.19  ? 138 LYS A CG  1 
ATOM   1054 C CD  . LYS A 1 138 ? -18.488 3.102   -1.619  1.00 59.36  ? 138 LYS A CD  1 
ATOM   1055 C CE  . LYS A 1 138 ? -18.717 1.637   -1.967  1.00 65.27  ? 138 LYS A CE  1 
ATOM   1056 N NZ  . LYS A 1 138 ? -19.488 1.565   -3.239  1.00 68.86  ? 138 LYS A NZ  1 
ATOM   1057 N N   . ALA A 1 139 ? -17.074 7.270   1.335   1.00 46.76  ? 139 ALA A N   1 
ATOM   1058 C CA  . ALA A 1 139 ? -17.417 8.339   2.240   1.00 43.78  ? 139 ALA A CA  1 
ATOM   1059 C C   . ALA A 1 139 ? -16.449 9.513   2.235   1.00 46.45  ? 139 ALA A C   1 
ATOM   1060 O O   . ALA A 1 139 ? -16.892 10.635  2.405   1.00 43.75  ? 139 ALA A O   1 
ATOM   1061 C CB  . ALA A 1 139 ? -17.524 7.787   3.631   1.00 42.38  ? 139 ALA A CB  1 
ATOM   1062 N N   . HIS A 1 140 ? -15.133 9.265   2.079   1.00 43.05  ? 140 HIS A N   1 
ATOM   1063 C CA  . HIS A 1 140 ? -14.134 10.274  2.424   1.00 36.55  ? 140 HIS A CA  1 
ATOM   1064 C C   . HIS A 1 140 ? -13.731 11.061  1.207   1.00 32.63  ? 140 HIS A C   1 
ATOM   1065 O O   . HIS A 1 140 ? -13.758 10.557  0.072   1.00 36.35  ? 140 HIS A O   1 
ATOM   1066 C CB  . HIS A 1 140 ? -12.905 9.636   3.130   1.00 39.19  ? 140 HIS A CB  1 
ATOM   1067 C CG  . HIS A 1 140 ? -13.192 9.052   4.475   1.00 37.62  ? 140 HIS A CG  1 
ATOM   1068 N ND1 . HIS A 1 140 ? -14.121 9.586   5.350   1.00 37.87  ? 140 HIS A ND1 1 
ATOM   1069 C CD2 . HIS A 1 140 ? -12.659 7.981   5.106   1.00 40.58  ? 140 HIS A CD2 1 
ATOM   1070 C CE1 . HIS A 1 140 ? -14.152 8.861   6.453   1.00 43.03  ? 140 HIS A CE1 1 
ATOM   1071 N NE2 . HIS A 1 140 ? -13.269 7.882   6.333   1.00 40.96  ? 140 HIS A NE2 1 
ATOM   1072 N N   . LEU A 1 141 ? -13.351 12.322  1.435   1.00 33.00  ? 141 LEU A N   1 
ATOM   1073 C CA  . LEU A 1 141 ? -12.670 13.099  0.398   1.00 33.54  ? 141 LEU A CA  1 
ATOM   1074 C C   . LEU A 1 141 ? -11.171 12.864  0.537   1.00 33.29  ? 141 LEU A C   1 
ATOM   1075 O O   . LEU A 1 141 ? -10.641 12.931  1.643   1.00 34.42  ? 141 LEU A O   1 
ATOM   1076 C CB  . LEU A 1 141 ? -12.924 14.558  0.558   1.00 32.81  ? 141 LEU A CB  1 
ATOM   1077 C CG  . LEU A 1 141 ? -14.419 14.918  0.699   1.00 37.39  ? 141 LEU A CG  1 
ATOM   1078 C CD1 . LEU A 1 141 ? -14.511 16.392  0.984   1.00 41.67  ? 141 LEU A CD1 1 
ATOM   1079 C CD2 . LEU A 1 141 ? -15.180 14.548  -0.560  1.00 36.31  ? 141 LEU A CD2 1 
ATOM   1080 N N   . SER A 1 142 ? -10.507 12.624  -0.575  1.00 29.05  ? 142 SER A N   1 
ATOM   1081 C CA  . SER A 1 142 ? -9.050  12.435  -0.584  1.00 33.15  ? 142 SER A CA  1 
ATOM   1082 C C   . SER A 1 142 ? -8.436  12.814  -1.908  1.00 29.76  ? 142 SER A C   1 
ATOM   1083 O O   . SER A 1 142 ? -9.114  13.066  -2.870  1.00 31.18  ? 142 SER A O   1 
ATOM   1084 C CB  . SER A 1 142 ? -8.703  10.959  -0.229  1.00 33.60  ? 142 SER A CB  1 
ATOM   1085 O OG  . SER A 1 142 ? -9.139  10.061  -1.235  1.00 34.82  ? 142 SER A OG  1 
ATOM   1086 N N   . MET A 1 143 ? -7.120  12.768  -1.946  1.00 31.85  ? 143 MET A N   1 
ATOM   1087 C CA  . MET A 1 143 ? -6.354  13.145  -3.094  1.00 32.20  ? 143 MET A CA  1 
ATOM   1088 C C   . MET A 1 143 ? -5.056  12.353  -3.042  1.00 31.91  ? 143 MET A C   1 
ATOM   1089 O O   . MET A 1 143 ? -4.532  12.035  -1.963  1.00 31.18  ? 143 MET A O   1 
ATOM   1090 C CB  . MET A 1 143 ? -6.081  14.652  -3.035  1.00 31.79  ? 143 MET A CB  1 
ATOM   1091 C CG  . MET A 1 143 ? -5.266  15.165  -4.208  1.00 43.11  ? 143 MET A CG  1 
ATOM   1092 S SD  . MET A 1 143 ? -4.470  16.790  -4.171  1.00 48.18  ? 143 MET A SD  1 
ATOM   1093 C CE  . MET A 1 143 ? -4.716  17.247  -2.460  1.00 43.10  ? 143 MET A CE  1 
ATOM   1094 N N   . VAL A 1 144 ? -4.535  12.049  -4.211  1.00 33.30  ? 144 VAL A N   1 
ATOM   1095 C CA  . VAL A 1 144 ? -3.212  11.427  -4.340  1.00 32.85  ? 144 VAL A CA  1 
ATOM   1096 C C   . VAL A 1 144 ? -2.460  12.073  -5.497  1.00 34.08  ? 144 VAL A C   1 
ATOM   1097 O O   . VAL A 1 144 ? -3.046  12.707  -6.365  1.00 36.54  ? 144 VAL A O   1 
ATOM   1098 C CB  . VAL A 1 144 ? -3.297  9.903   -4.593  1.00 30.53  ? 144 VAL A CB  1 
ATOM   1099 C CG1 . VAL A 1 144 ? -3.925  9.182   -3.397  1.00 30.76  ? 144 VAL A CG1 1 
ATOM   1100 C CG2 . VAL A 1 144 ? -4.018  9.606   -5.897  1.00 29.09  ? 144 VAL A CG2 1 
ATOM   1101 N N   . GLN A 1 145 ? -1.167  11.824  -5.519  1.00 33.87  ? 145 GLN A N   1 
ATOM   1102 C CA  . GLN A 1 145 ? -0.294  12.143  -6.618  1.00 33.36  ? 145 GLN A CA  1 
ATOM   1103 C C   . GLN A 1 145 ? 0.165   10.855  -7.304  1.00 33.70  ? 145 GLN A C   1 
ATOM   1104 O O   . GLN A 1 145 ? 0.508   9.887   -6.626  1.00 33.77  ? 145 GLN A O   1 
ATOM   1105 C CB  . GLN A 1 145 ? 1.004   12.821  -6.134  1.00 34.72  ? 145 GLN A CB  1 
ATOM   1106 C CG  . GLN A 1 145 ? 0.882   14.143  -5.417  1.00 35.00  ? 145 GLN A CG  1 
ATOM   1107 C CD  . GLN A 1 145 ? 2.222   14.632  -4.828  1.00 35.17  ? 145 GLN A CD  1 
ATOM   1108 O OE1 . GLN A 1 145 ? 3.138   13.857  -4.622  1.00 41.88  ? 145 GLN A OE1 1 
ATOM   1109 N NE2 . GLN A 1 145 ? 2.311   15.896  -4.539  1.00 36.41  ? 145 GLN A NE2 1 
ATOM   1110 N N   . ILE A 1 146 ? 0.163   10.842  -8.636  1.00 31.93  ? 146 ILE A N   1 
ATOM   1111 C CA  . ILE A 1 146 ? 0.911   9.808   -9.383  1.00 33.24  ? 146 ILE A CA  1 
ATOM   1112 C C   . ILE A 1 146 ? 2.257   10.409  -9.765  1.00 32.39  ? 146 ILE A C   1 
ATOM   1113 O O   . ILE A 1 146 ? 2.334   11.434  -10.466 1.00 31.76  ? 146 ILE A O   1 
ATOM   1114 C CB  . ILE A 1 146 ? 0.182   9.369   -10.615 1.00 33.51  ? 146 ILE A CB  1 
ATOM   1115 C CG1 . ILE A 1 146 ? -1.271  8.990   -10.283 1.00 33.96  ? 146 ILE A CG1 1 
ATOM   1116 C CG2 . ILE A 1 146 ? 0.938   8.223   -11.296 1.00 35.95  ? 146 ILE A CG2 1 
ATOM   1117 C CD1 . ILE A 1 146 ? -1.368  7.771   -9.372  1.00 37.81  ? 146 ILE A CD1 1 
ATOM   1118 N N   . ILE A 1 147 ? 3.314   9.816   -9.253  1.00 31.63  ? 147 ILE A N   1 
ATOM   1119 C CA  . ILE A 1 147 ? 4.675   10.326  -9.422  1.00 33.13  ? 147 ILE A CA  1 
ATOM   1120 C C   . ILE A 1 147 ? 5.489   9.346   -10.264 1.00 36.12  ? 147 ILE A C   1 
ATOM   1121 O O   . ILE A 1 147 ? 5.430   8.140   -10.041 1.00 32.17  ? 147 ILE A O   1 
ATOM   1122 C CB  . ILE A 1 147 ? 5.331   10.410  -8.082  1.00 29.94  ? 147 ILE A CB  1 
ATOM   1123 C CG1 . ILE A 1 147 ? 4.445   11.243  -7.159  1.00 29.64  ? 147 ILE A CG1 1 
ATOM   1124 C CG2 . ILE A 1 147 ? 6.715   10.980  -8.195  1.00 30.64  ? 147 ILE A CG2 1 
ATOM   1125 C CD1 . ILE A 1 147 ? 4.842   11.201  -5.722  1.00 31.85  ? 147 ILE A CD1 1 
ATOM   1126 N N   . THR A 1 148 ? 6.246   9.883   -11.222 1.00 35.17  ? 148 THR A N   1 
ATOM   1127 C CA  . THR A 1 148 ? 7.232   9.103   -11.999 1.00 32.97  ? 148 THR A CA  1 
ATOM   1128 C C   . THR A 1 148 ? 8.460   9.962   -12.146 1.00 38.31  ? 148 THR A C   1 
ATOM   1129 O O   . THR A 1 148 ? 8.392   11.186  -11.990 1.00 38.64  ? 148 THR A O   1 
ATOM   1130 C CB  . THR A 1 148 ? 6.712   8.776   -13.395 1.00 31.31  ? 148 THR A CB  1 
ATOM   1131 O OG1 . THR A 1 148 ? 6.220   9.976   -13.965 1.00 35.62  ? 148 THR A OG1 1 
ATOM   1132 C CG2 . THR A 1 148 ? 5.520   7.812   -13.338 1.00 34.11  ? 148 THR A CG2 1 
ATOM   1133 N N   . GLY A 1 149 ? 9.588   9.349   -12.460 1.00 38.68  ? 149 GLY A N   1 
ATOM   1134 C CA  . GLY A 1 149 ? 10.806  10.113  -12.654 1.00 43.08  ? 149 GLY A CA  1 
ATOM   1135 C C   . GLY A 1 149 ? 11.641  10.105  -11.399 1.00 40.44  ? 149 GLY A C   1 
ATOM   1136 O O   . GLY A 1 149 ? 11.511  9.216   -10.585 1.00 38.05  ? 149 GLY A O   1 
ATOM   1137 N N   . GLN A 1 150 ? 12.500  11.087  -11.255 1.00 38.53  ? 150 GLN A N   1 
ATOM   1138 C CA  . GLN A 1 150 ? 13.558  11.048  -10.273 1.00 43.59  ? 150 GLN A CA  1 
ATOM   1139 C C   . GLN A 1 150 ? 13.093  10.931  -8.849  1.00 40.06  ? 150 GLN A C   1 
ATOM   1140 O O   . GLN A 1 150 ? 13.754  10.266  -8.033  1.00 39.70  ? 150 GLN A O   1 
ATOM   1141 C CB  . GLN A 1 150 ? 14.429  12.307  -10.371 1.00 51.07  ? 150 GLN A CB  1 
ATOM   1142 C CG  . GLN A 1 150 ? 15.625  12.273  -9.415  1.00 57.89  ? 150 GLN A CG  1 
ATOM   1143 C CD  . GLN A 1 150 ? 16.902  12.718  -10.075 1.00 77.89  ? 150 GLN A CD  1 
ATOM   1144 O OE1 . GLN A 1 150 ? 16.897  13.569  -10.989 1.00 87.81  ? 150 GLN A OE1 1 
ATOM   1145 N NE2 . GLN A 1 150 ? 18.019  12.146  -9.622  1.00 80.59  ? 150 GLN A NE2 1 
ATOM   1146 N N   . LEU A 1 151 ? 11.962  11.556  -8.513  1.00 36.18  ? 151 LEU A N   1 
ATOM   1147 C CA  . LEU A 1 151 ? 11.519  11.529  -7.135  1.00 34.38  ? 151 LEU A CA  1 
ATOM   1148 C C   . LEU A 1 151 ? 11.106  10.092  -6.654  1.00 35.15  ? 151 LEU A C   1 
ATOM   1149 O O   . LEU A 1 151 ? 11.087  9.811   -5.469  1.00 33.79  ? 151 LEU A O   1 
ATOM   1150 C CB  . LEU A 1 151 ? 10.358  12.518  -6.987  1.00 38.93  ? 151 LEU A CB  1 
ATOM   1151 C CG  . LEU A 1 151 ? 9.800   12.660  -5.588  1.00 38.38  ? 151 LEU A CG  1 
ATOM   1152 C CD1 . LEU A 1 151 ? 10.867  13.117  -4.613  1.00 39.38  ? 151 LEU A CD1 1 
ATOM   1153 C CD2 . LEU A 1 151 ? 8.646   13.617  -5.684  1.00 40.91  ? 151 LEU A CD2 1 
ATOM   1154 N N   . VAL A 1 152 ? 10.790  9.184   -7.570  1.00 32.55  ? 152 VAL A N   1 
ATOM   1155 C CA  . VAL A 1 152 ? 10.502  7.802   -7.199  1.00 33.37  ? 152 VAL A CA  1 
ATOM   1156 C C   . VAL A 1 152 ? 11.666  7.170   -6.455  1.00 37.06  ? 152 VAL A C   1 
ATOM   1157 O O   . VAL A 1 152 ? 11.455  6.315   -5.588  1.00 38.75  ? 152 VAL A O   1 
ATOM   1158 C CB  . VAL A 1 152 ? 10.124  6.975   -8.438  1.00 34.55  ? 152 VAL A CB  1 
ATOM   1159 C CG1 . VAL A 1 152 ? 9.955   5.527   -8.084  1.00 38.45  ? 152 VAL A CG1 1 
ATOM   1160 C CG2 . VAL A 1 152 ? 8.840   7.496   -9.078  1.00 36.33  ? 152 VAL A CG2 1 
ATOM   1161 N N   . GLU A 1 153 ? 12.899  7.589   -6.761  1.00 43.28  ? 153 GLU A N   1 
ATOM   1162 C CA  . GLU A 1 153 ? 14.091  7.069   -6.052  1.00 43.00  ? 153 GLU A CA  1 
ATOM   1163 C C   . GLU A 1 153 ? 14.020  7.470   -4.615  1.00 33.85  ? 153 GLU A C   1 
ATOM   1164 O O   . GLU A 1 153 ? 14.420  6.705   -3.745  1.00 39.76  ? 153 GLU A O   1 
ATOM   1165 C CB  . GLU A 1 153 ? 15.426  7.620   -6.601  1.00 49.08  ? 153 GLU A CB  1 
ATOM   1166 C CG  . GLU A 1 153 ? 15.742  7.279   -8.047  1.00 60.18  ? 153 GLU A CG  1 
ATOM   1167 C CD  . GLU A 1 153 ? 16.986  7.990   -8.559  1.00 68.04  ? 153 GLU A CD  1 
ATOM   1168 O OE1 . GLU A 1 153 ? 17.854  8.372   -7.729  1.00 60.31  ? 153 GLU A OE1 1 
ATOM   1169 O OE2 . GLU A 1 153 ? 17.072  8.172   -9.800  1.00 74.05  ? 153 GLU A OE2 1 
ATOM   1170 N N   . SER A 1 154 ? 13.490  8.644   -4.310  1.00 36.00  ? 154 SER A N   1 
ATOM   1171 C CA  . SER A 1 154 ? 13.380  9.033   -2.862  1.00 35.88  ? 154 SER A CA  1 
ATOM   1172 C C   . SER A 1 154 ? 12.330  8.153   -2.121  1.00 36.93  ? 154 SER A C   1 
ATOM   1173 O O   . SER A 1 154 ? 12.506  7.862   -0.953  1.00 34.90  ? 154 SER A O   1 
ATOM   1174 C CB  . SER A 1 154 ? 13.106  10.498  -2.704  1.00 37.71  ? 154 SER A CB  1 
ATOM   1175 O OG  . SER A 1 154 ? 14.110  11.287  -3.326  1.00 40.30  ? 154 SER A OG  1 
ATOM   1176 N N   . PHE A 1 155 ? 11.338  7.622   -2.852  0.56 33.77  ? 155 PHE A N   1 
ATOM   1177 C CA  . PHE A 1 155 ? 10.365  6.688   -2.274  0.56 32.72  ? 155 PHE A CA  1 
ATOM   1178 C C   . PHE A 1 155 ? 10.929  5.275   -2.037  0.56 32.25  ? 155 PHE A C   1 
ATOM   1179 O O   . PHE A 1 155 ? 10.495  4.572   -1.113  0.56 34.05  ? 155 PHE A O   1 
ATOM   1180 C CB  . PHE A 1 155 ? 9.070   6.691   -3.119  0.56 32.84  ? 155 PHE A CB  1 
ATOM   1181 C CG  . PHE A 1 155 ? 8.158   7.844   -2.792  0.56 30.88  ? 155 PHE A CG  1 
ATOM   1182 C CD1 . PHE A 1 155 ? 7.114   7.672   -1.900  0.56 27.67  ? 155 PHE A CD1 1 
ATOM   1183 C CD2 . PHE A 1 155 ? 8.378   9.103   -3.327  0.56 28.60  ? 155 PHE A CD2 1 
ATOM   1184 C CE1 . PHE A 1 155 ? 6.287   8.721   -1.560  0.56 26.82  ? 155 PHE A CE1 1 
ATOM   1185 C CE2 . PHE A 1 155 ? 7.556   10.158  -2.976  0.56 30.13  ? 155 PHE A CE2 1 
ATOM   1186 C CZ  . PHE A 1 155 ? 6.493   9.964   -2.107  0.56 26.10  ? 155 PHE A CZ  1 
ATOM   1187 N N   . ASP A 1 156 ? 11.875  4.841   -2.876  0.56 32.98  ? 156 ASP A N   1 
ATOM   1188 C CA  . ASP A 1 156 ? 12.638  3.625   -2.599  0.56 32.81  ? 156 ASP A CA  1 
ATOM   1189 C C   . ASP A 1 156 ? 13.401  3.798   -1.287  0.56 33.44  ? 156 ASP A C   1 
ATOM   1190 O O   . ASP A 1 156 ? 13.156  3.050   -0.322  0.56 31.80  ? 156 ASP A O   1 
ATOM   1191 C CB  . ASP A 1 156 ? 13.617  3.291   -3.743  0.56 34.84  ? 156 ASP A CB  1 
ATOM   1192 C CG  . ASP A 1 156 ? 14.695  2.283   -3.319  0.56 32.10  ? 156 ASP A CG  1 
ATOM   1193 O OD1 . ASP A 1 156 ? 14.416  1.091   -3.316  0.56 29.78  ? 156 ASP A OD1 1 
ATOM   1194 O OD2 . ASP A 1 156 ? 15.823  2.687   -2.979  0.56 40.53  ? 156 ASP A OD2 1 
ATOM   1195 N N   . GLU A 1 157 ? 14.320  4.767   -1.248  0.56 36.23  ? 157 GLU A N   1 
ATOM   1196 C CA  . GLU A 1 157 ? 15.063  5.085   -0.007  0.56 38.66  ? 157 GLU A CA  1 
ATOM   1197 C C   . GLU A 1 157 ? 14.107  5.171   1.179   0.56 38.09  ? 157 GLU A C   1 
ATOM   1198 O O   . GLU A 1 157 ? 14.434  4.700   2.278   0.56 35.09  ? 157 GLU A O   1 
ATOM   1199 C CB  . GLU A 1 157 ? 15.876  6.415   -0.105  0.56 40.47  ? 157 GLU A CB  1 
ATOM   1200 C CG  . GLU A 1 157 ? 16.590  6.871   1.187   0.56 43.21  ? 157 GLU A CG  1 
ATOM   1201 C CD  . GLU A 1 157 ? 16.956  8.365   1.193   0.56 52.58  ? 157 GLU A CD  1 
ATOM   1202 O OE1 . GLU A 1 157 ? 17.532  8.858   0.201   0.56 48.34  ? 157 GLU A OE1 1 
ATOM   1203 O OE2 . GLU A 1 157 ? 16.655  9.061   2.202   0.56 65.01  ? 157 GLU A OE2 1 
ATOM   1204 N N   . GLU A 1 158 ? 12.938  5.795   1.017   1.00 35.99  ? 158 GLU A N   1 
ATOM   1205 C CA  . GLU A 1 158 ? 12.085  5.853   2.203   1.00 32.89  ? 158 GLU A CA  1 
ATOM   1206 C C   . GLU A 1 158 ? 11.512  4.476   2.572   1.00 33.37  ? 158 GLU A C   1 
ATOM   1207 O O   . GLU A 1 158 ? 11.407  4.123   3.773   1.00 31.26  ? 158 GLU A O   1 
ATOM   1208 C CB  . GLU A 1 158 ? 10.956  6.825   2.039   1.00 36.71  ? 158 GLU A CB  1 
ATOM   1209 C CG  . GLU A 1 158 ? 9.971   6.912   3.193   1.00 38.70  ? 158 GLU A CG  1 
ATOM   1210 C CD  . GLU A 1 158 ? 10.582  7.254   4.553   1.00 44.59  ? 158 GLU A CD  1 
ATOM   1211 O OE1 . GLU A 1 158 ? 11.788  7.622   4.678   1.00 42.87  ? 158 GLU A OE1 1 
ATOM   1212 O OE2 . GLU A 1 158 ? 9.790   7.205   5.524   1.00 49.62  ? 158 GLU A OE2 1 
ATOM   1213 N N   . PHE A 1 159 ? 11.142  3.705   1.560   1.00 33.06  ? 159 PHE A N   1 
ATOM   1214 C CA  . PHE A 1 159 ? 10.576  2.395   1.795   1.00 32.39  ? 159 PHE A CA  1 
ATOM   1215 C C   . PHE A 1 159 ? 11.607  1.504   2.480   1.00 36.07  ? 159 PHE A C   1 
ATOM   1216 O O   . PHE A 1 159 ? 11.300  0.876   3.482   1.00 39.46  ? 159 PHE A O   1 
ATOM   1217 C CB  . PHE A 1 159 ? 10.106  1.732   0.510   1.00 33.48  ? 159 PHE A CB  1 
ATOM   1218 C CG  . PHE A 1 159 ? 9.407   0.452   0.781   1.00 35.03  ? 159 PHE A CG  1 
ATOM   1219 C CD1 . PHE A 1 159 ? 8.132   0.459   1.301   1.00 32.18  ? 159 PHE A CD1 1 
ATOM   1220 C CD2 . PHE A 1 159 ? 10.078  -0.782  0.639   1.00 36.86  ? 159 PHE A CD2 1 
ATOM   1221 C CE1 . PHE A 1 159 ? 7.458   -0.769  1.608   1.00 33.96  ? 159 PHE A CE1 1 
ATOM   1222 C CE2 . PHE A 1 159 ? 9.451   -1.966  1.003   1.00 32.51  ? 159 PHE A CE2 1 
ATOM   1223 C CZ  . PHE A 1 159 ? 8.145   -1.966  1.482   1.00 30.14  ? 159 PHE A CZ  1 
ATOM   1224 N N   . ARG A 1 160 ? 12.830  1.483   1.941   0.56 38.81  ? 160 ARG A N   1 
ATOM   1225 C CA  . ARG A 1 160 ? 13.956  0.734   2.542   0.56 42.23  ? 160 ARG A CA  1 
ATOM   1226 C C   . ARG A 1 160 ? 14.205  1.149   3.978   0.56 39.11  ? 160 ARG A C   1 
ATOM   1227 O O   . ARG A 1 160 ? 14.384  0.320   4.863   0.56 37.10  ? 160 ARG A O   1 
ATOM   1228 C CB  . ARG A 1 160 ? 15.242  0.942   1.723   0.56 44.39  ? 160 ARG A CB  1 
ATOM   1229 C CG  . ARG A 1 160 ? 15.214  0.260   0.368   0.56 45.24  ? 160 ARG A CG  1 
ATOM   1230 C CD  . ARG A 1 160 ? 16.619  0.074   -0.175  0.56 49.04  ? 160 ARG A CD  1 
ATOM   1231 N NE  . ARG A 1 160 ? 16.629  -0.617  -1.465  0.56 51.55  ? 160 ARG A NE  1 
ATOM   1232 C CZ  . ARG A 1 160 ? 17.590  -1.448  -1.906  0.56 53.83  ? 160 ARG A CZ  1 
ATOM   1233 N NH1 . ARG A 1 160 ? 17.475  -1.992  -3.109  0.56 53.89  ? 160 ARG A NH1 1 
ATOM   1234 N NH2 . ARG A 1 160 ? 18.657  -1.766  -1.173  0.56 53.65  ? 160 ARG A NH2 1 
ATOM   1235 N N   . THR A 1 161 ? 14.181  2.448   4.203   1.00 37.37  ? 161 THR A N   1 
ATOM   1236 C CA  . THR A 1 161 ? 14.338  2.984   5.555   1.00 41.71  ? 161 THR A CA  1 
ATOM   1237 C C   . THR A 1 161 ? 13.224  2.456   6.509   1.00 41.75  ? 161 THR A C   1 
ATOM   1238 O O   . THR A 1 161 ? 13.463  2.083   7.664   1.00 38.50  ? 161 THR A O   1 
ATOM   1239 C CB  . THR A 1 161 ? 14.296  4.509   5.479   1.00 42.38  ? 161 THR A CB  1 
ATOM   1240 O OG1 . THR A 1 161 ? 15.260  4.954   4.524   1.00 47.72  ? 161 THR A OG1 1 
ATOM   1241 C CG2 . THR A 1 161 ? 14.578  5.126   6.799   1.00 45.35  ? 161 THR A CG2 1 
ATOM   1242 N N   . LEU A 1 162 ? 11.987  2.447   6.015   1.00 37.37  ? 162 LEU A N   1 
ATOM   1243 C CA  . LEU A 1 162 ? 10.859  1.989   6.810   1.00 35.19  ? 162 LEU A CA  1 
ATOM   1244 C C   . LEU A 1 162 ? 10.956  0.518   7.062   1.00 30.99  ? 162 LEU A C   1 
ATOM   1245 O O   . LEU A 1 162 ? 10.740  0.072   8.199   1.00 32.11  ? 162 LEU A O   1 
ATOM   1246 C CB  . LEU A 1 162 ? 9.515   2.314   6.116   1.00 37.63  ? 162 LEU A CB  1 
ATOM   1247 C CG  . LEU A 1 162 ? 9.157   3.795   6.097   1.00 38.18  ? 162 LEU A CG  1 
ATOM   1248 C CD1 . LEU A 1 162 ? 7.941   4.068   5.225   1.00 38.32  ? 162 LEU A CD1 1 
ATOM   1249 C CD2 . LEU A 1 162 ? 8.888   4.327   7.503   1.00 39.62  ? 162 LEU A CD2 1 
ATOM   1250 N N   . TYR A 1 163 ? 11.316  -0.219  6.010   1.00 29.44  ? 163 TYR A N   1 
ATOM   1251 C CA  . TYR A 1 163 ? 11.443  -1.633  6.064   1.00 33.11  ? 163 TYR A CA  1 
ATOM   1252 C C   . TYR A 1 163 ? 12.491  -2.032  7.103   1.00 35.27  ? 163 TYR A C   1 
ATOM   1253 O O   . TYR A 1 163 ? 12.295  -2.986  7.907   1.00 35.62  ? 163 TYR A O   1 
ATOM   1254 C CB  . TYR A 1 163 ? 11.829  -2.189  4.685   1.00 36.60  ? 163 TYR A CB  1 
ATOM   1255 C CG  . TYR A 1 163 ? 11.513  -3.650  4.580   1.00 42.62  ? 163 TYR A CG  1 
ATOM   1256 C CD1 . TYR A 1 163 ? 12.441  -4.666  4.937   1.00 49.36  ? 163 TYR A CD1 1 
ATOM   1257 C CD2 . TYR A 1 163 ? 10.250  -4.037  4.154   1.00 50.52  ? 163 TYR A CD2 1 
ATOM   1258 C CE1 . TYR A 1 163 ? 12.082  -6.023  4.851   1.00 46.28  ? 163 TYR A CE1 1 
ATOM   1259 C CE2 . TYR A 1 163 ? 9.900   -5.354  4.062   1.00 52.05  ? 163 TYR A CE2 1 
ATOM   1260 C CZ  . TYR A 1 163 ? 10.798  -6.341  4.401   1.00 49.61  ? 163 TYR A CZ  1 
ATOM   1261 O OH  . TYR A 1 163 ? 10.288  -7.611  4.242   1.00 51.51  ? 163 TYR A OH  1 
ATOM   1262 N N   . ALA A 1 164 ? 13.587  -1.278  7.101   1.00 36.79  ? 164 ALA A N   1 
ATOM   1263 C CA  . ALA A 1 164 ? 14.665  -1.499  8.078   1.00 38.16  ? 164 ALA A CA  1 
ATOM   1264 C C   . ALA A 1 164 ? 14.161  -1.386  9.512   1.00 40.78  ? 164 ALA A C   1 
ATOM   1265 O O   . ALA A 1 164 ? 14.565  -2.174  10.351  1.00 46.53  ? 164 ALA A O   1 
ATOM   1266 C CB  . ALA A 1 164 ? 15.799  -0.522  7.823   1.00 42.21  ? 164 ALA A CB  1 
ATOM   1267 N N   . ARG A 1 165 ? 13.193  -0.481  9.771   1.00 38.35  ? 165 ARG A N   1 
ATOM   1268 C CA  . ARG A 1 165 ? 12.645  -0.351  11.110  1.00 38.72  ? 165 ARG A CA  1 
ATOM   1269 C C   . ARG A 1 165 ? 11.360  -1.158  11.423  1.00 38.32  ? 165 ARG A C   1 
ATOM   1270 O O   . ARG A 1 165 ? 10.641  -0.894  12.433  1.00 41.88  ? 165 ARG A O   1 
ATOM   1271 C CB  . ARG A 1 165 ? 12.550  1.127   11.511  1.00 42.90  ? 165 ARG A CB  1 
ATOM   1272 C CG  . ARG A 1 165 ? 11.710  2.105   10.723  1.00 45.05  ? 165 ARG A CG  1 
ATOM   1273 C CD  . ARG A 1 165 ? 10.827  2.922   11.664  1.00 48.24  ? 165 ARG A CD  1 
ATOM   1274 N NE  . ARG A 1 165 ? 11.462  4.095   12.258  1.00 46.53  ? 165 ARG A NE  1 
ATOM   1275 C CZ  . ARG A 1 165 ? 11.203  4.622   13.455  1.00 46.81  ? 165 ARG A CZ  1 
ATOM   1276 N NH1 . ARG A 1 165 ? 10.300  4.138   14.294  1.00 55.04  ? 165 ARG A NH1 1 
ATOM   1277 N NH2 . ARG A 1 165 ? 11.873  5.697   13.815  1.00 62.08  ? 165 ARG A NH2 1 
ATOM   1278 N N   . SER A 1 166 ? 11.061  -2.145  10.580  1.00 35.26  ? 166 SER A N   1 
ATOM   1279 C CA  . SER A 1 166 ? 9.748   -2.808  10.698  1.00 33.51  ? 166 SER A CA  1 
ATOM   1280 C C   . SER A 1 166 ? 9.953   -4.038  11.569  1.00 34.72  ? 166 SER A C   1 
ATOM   1281 O O   . SER A 1 166 ? 11.079  -4.489  11.722  1.00 36.60  ? 166 SER A O   1 
ATOM   1282 C CB  . SER A 1 166 ? 9.198   -3.136  9.352   1.00 31.89  ? 166 SER A CB  1 
ATOM   1283 O OG  . SER A 1 166 ? 9.936   -4.110  8.685   1.00 34.96  ? 166 SER A OG  1 
ATOM   1284 N N   . CYS A 1 167 ? 8.895   -4.560  12.147  1.00 36.63  ? 167 CYS A N   1 
ATOM   1285 C CA  . CYS A 1 167 ? 8.960   -5.813  12.929  1.00 40.15  ? 167 CYS A CA  1 
ATOM   1286 C C   . CYS A 1 167 ? 8.111   -6.882  12.256  1.00 42.62  ? 167 CYS A C   1 
ATOM   1287 O O   . CYS A 1 167 ? 7.178   -6.577  11.509  1.00 38.65  ? 167 CYS A O   1 
ATOM   1288 C CB  . CYS A 1 167 ? 8.455   -5.556  14.369  1.00 39.01  ? 167 CYS A CB  1 
ATOM   1289 S SG  . CYS A 1 167 ? 9.296   -4.148  15.184  1.00 41.83  ? 167 CYS A SG  1 
ATOM   1290 N N   . VAL A 1 168 ? 8.457   -8.137  12.510  1.00 44.94  ? 168 VAL A N   1 
ATOM   1291 C CA  . VAL A 1 168 ? 7.660   -9.301  12.125  1.00 45.00  ? 168 VAL A CA  1 
ATOM   1292 C C   . VAL A 1 168 ? 6.425   -9.231  13.003  1.00 44.22  ? 168 VAL A C   1 
ATOM   1293 O O   . VAL A 1 168 ? 6.542   -9.041  14.194  1.00 40.78  ? 168 VAL A O   1 
ATOM   1294 C CB  . VAL A 1 168 ? 8.409   -10.642 12.359  1.00 52.88  ? 168 VAL A CB  1 
ATOM   1295 C CG1 . VAL A 1 168 ? 7.512   -11.834 12.058  1.00 50.40  ? 168 VAL A CG1 1 
ATOM   1296 C CG2 . VAL A 1 168 ? 9.678   -10.729 11.488  1.00 48.10  ? 168 VAL A CG2 1 
ATOM   1297 N N   . PRO A 1 169 ? 5.224   -9.303  12.419  1.00 43.84  ? 169 PRO A N   1 
ATOM   1298 C CA  . PRO A 1 169 ? 4.063   -9.187  13.326  1.00 48.12  ? 169 PRO A CA  1 
ATOM   1299 C C   . PRO A 1 169 ? 3.976   -10.400 14.309  1.00 52.20  ? 169 PRO A C   1 
ATOM   1300 O O   . PRO A 1 169 ? 4.393   -11.509 13.947  1.00 46.35  ? 169 PRO A O   1 
ATOM   1301 C CB  . PRO A 1 169 ? 2.853   -9.146  12.376  1.00 49.76  ? 169 PRO A CB  1 
ATOM   1302 C CG  . PRO A 1 169 ? 3.377   -9.258  10.981  1.00 43.08  ? 169 PRO A CG  1 
ATOM   1303 C CD  . PRO A 1 169 ? 4.858   -9.468  10.999  1.00 43.63  ? 169 PRO A CD  1 
ATOM   1304 N N   . SER A 1 170 ? 3.451   -10.146 15.514  1.00 54.86  ? 170 SER A N   1 
ATOM   1305 C CA  . SER A 1 170 ? 3.432   -11.091 16.652  1.00 65.43  ? 170 SER A CA  1 
ATOM   1306 C C   . SER A 1 170 ? 2.743   -12.372 16.301  1.00 67.28  ? 170 SER A C   1 
ATOM   1307 O O   . SER A 1 170 ? 3.187   -13.439 16.699  1.00 74.81  ? 170 SER A O   1 
ATOM   1308 C CB  . SER A 1 170 ? 2.704   -10.486 17.864  1.00 69.19  ? 170 SER A CB  1 
ATOM   1309 O OG  . SER A 1 170 ? 2.498   -9.090  17.703  1.00 75.01  ? 170 SER A OG  1 
ATOM   1310 N N   . SER A 1 171 ? 1.663   -12.259 15.532  1.00 70.62  ? 171 SER A N   1 
ATOM   1311 C CA  . SER A 1 171 ? 0.955   -13.416 14.983  1.00 73.31  ? 171 SER A CA  1 
ATOM   1312 C C   . SER A 1 171 ? 1.781   -14.435 14.201  1.00 79.64  ? 171 SER A C   1 
ATOM   1313 O O   . SER A 1 171 ? 1.254   -15.487 13.858  1.00 80.20  ? 171 SER A O   1 
ATOM   1314 C CB  . SER A 1 171 ? -0.175  -12.937 14.060  1.00 78.18  ? 171 SER A CB  1 
ATOM   1315 O OG  . SER A 1 171 ? -0.946  -11.934 14.690  1.00 85.54  ? 171 SER A OG  1 
ATOM   1316 N N   . PHE A 1 172 ? 3.032   -14.133 13.850  1.00 90.88  ? 172 PHE A N   1 
ATOM   1317 C CA  . PHE A 1 172 ? 3.794   -14.990 12.928  1.00 92.26  ? 172 PHE A CA  1 
ATOM   1318 C C   . PHE A 1 172 ? 4.897   -15.798 13.687  1.00 100.64 ? 172 PHE A C   1 
ATOM   1319 O O   . PHE A 1 172 ? 5.936   -15.237 14.071  1.00 96.92  ? 172 PHE A O   1 
ATOM   1320 C CB  . PHE A 1 172 ? 4.361   -14.115 11.777  1.00 81.28  ? 172 PHE A CB  1 
ATOM   1321 C CG  . PHE A 1 172 ? 3.303   -13.432 10.875  1.00 74.77  ? 172 PHE A CG  1 
ATOM   1322 C CD1 . PHE A 1 172 ? 1.928   -13.399 11.169  1.00 75.20  ? 172 PHE A CD1 1 
ATOM   1323 C CD2 . PHE A 1 172 ? 3.710   -12.795 9.693   1.00 74.66  ? 172 PHE A CD2 1 
ATOM   1324 C CE1 . PHE A 1 172 ? 1.008   -12.775 10.316  1.00 69.01  ? 172 PHE A CE1 1 
ATOM   1325 C CE2 . PHE A 1 172 ? 2.789   -12.159 8.840   1.00 67.45  ? 172 PHE A CE2 1 
ATOM   1326 C CZ  . PHE A 1 172 ? 1.439   -12.143 9.158   1.00 69.07  ? 172 PHE A CZ  1 
ATOM   1327 N N   . ALA A 1 173 ? 4.633   -17.098 13.932  1.00 103.85 ? 173 ALA A N   1 
ATOM   1328 C CA  . ALA A 1 173 ? 5.577   -18.033 14.591  1.00 99.63  ? 173 ALA A CA  1 
ATOM   1329 C C   . ALA A 1 173 ? 5.722   -19.301 13.761  1.00 100.05 ? 173 ALA A C   1 
ATOM   1330 O O   . ALA A 1 173 ? 6.530   -19.353 12.835  1.00 104.19 ? 173 ALA A O   1 
ATOM   1331 C CB  . ALA A 1 173 ? 5.116   -18.385 16.002  1.00 96.50  ? 173 ALA A CB  1 
HETATM 1332 C C1  . EDO B 2 .   ? -2.444  18.327  -11.894 1.00 59.37  ? 201 EDO A C1  1 
HETATM 1333 O O1  . EDO B 2 .   ? -2.495  16.976  -12.332 1.00 55.02  ? 201 EDO A O1  1 
HETATM 1334 C C2  . EDO B 2 .   ? -1.429  19.021  -12.775 1.00 64.99  ? 201 EDO A C2  1 
HETATM 1335 O O2  . EDO B 2 .   ? -0.194  18.380  -12.506 1.00 58.14  ? 201 EDO A O2  1 
HETATM 1336 C C1  . EDO C 2 .   ? -1.766  3.862   -14.217 1.00 54.63  ? 202 EDO A C1  1 
HETATM 1337 O O1  . EDO C 2 .   ? -2.956  3.937   -14.999 1.00 62.53  ? 202 EDO A O1  1 
HETATM 1338 C C2  . EDO C 2 .   ? -1.726  5.158   -13.451 1.00 52.29  ? 202 EDO A C2  1 
HETATM 1339 O O2  . EDO C 2 .   ? -0.514  5.809   -13.799 1.00 57.14  ? 202 EDO A O2  1 
HETATM 1340 N N1  . GQM D 3 .   ? 8.670   -1.799  -5.623  0.56 43.94  ? 203 GQM A N1  1 
HETATM 1341 C C4  . GQM D 3 .   ? 10.977  -3.288  -2.450  0.56 43.89  ? 203 GQM A C4  1 
HETATM 1342 C C5  . GQM D 3 .   ? 11.189  -2.102  -3.159  0.56 40.56  ? 203 GQM A C5  1 
HETATM 1343 C C6  . GQM D 3 .   ? 12.219  -1.242  -2.754  0.56 42.11  ? 203 GQM A C6  1 
HETATM 1344 C C7  . GQM D 3 .   ? 13.013  -1.561  -1.669  0.56 40.69  ? 203 GQM A C7  1 
HETATM 1345 C C8  . GQM D 3 .   ? 10.368  -1.775  -4.328  0.56 39.76  ? 203 GQM A C8  1 
HETATM 1346 C C10 . GQM D 3 .   ? 9.549   -0.976  -6.203  0.56 39.02  ? 203 GQM A C10 1 
HETATM 1347 C C1  . GQM D 3 .   ? 12.929  -3.155  1.388   0.56 40.31  ? 203 GQM A C1  1 
HETATM 1348 C C2  . GQM D 3 .   ? 12.776  -2.735  -0.965  0.56 42.16  ? 203 GQM A C2  1 
HETATM 1349 C C3  . GQM D 3 .   ? 11.766  -3.601  -1.358  0.56 42.84  ? 203 GQM A C3  1 
HETATM 1350 C C9  . GQM D 3 .   ? 10.651  -0.919  -5.400  0.56 37.92  ? 203 GQM A C9  1 
HETATM 1351 N N2  . GQM D 3 .   ? 9.155   -2.324  -4.476  0.56 43.42  ? 203 GQM A N2  1 
HETATM 1352 O O1  . GQM D 3 .   ? 13.555  -3.026  0.117   0.56 40.84  ? 203 GQM A O1  1 
HETATM 1353 O O2  . GQM D 3 .   ? 12.444  -0.079  -3.405  0.56 38.62  ? 203 GQM A O2  1 
HETATM 1354 O O   . HOH E 4 .   ? 12.552  6.307   16.021  1.00 47.64  ? 301 HOH A O   1 
HETATM 1355 O O   . HOH E 4 .   ? 5.298   -10.225 -13.348 1.00 66.76  ? 302 HOH A O   1 
HETATM 1356 O O   . HOH E 4 .   ? -13.503 3.221   -7.775  1.00 45.35  ? 303 HOH A O   1 
HETATM 1357 O O   . HOH E 4 .   ? 3.781   -13.692 4.082   1.00 64.35  ? 304 HOH A O   1 
HETATM 1358 O O   . HOH E 4 .   ? -1.336  8.076   -14.526 1.00 57.40  ? 305 HOH A O   1 
HETATM 1359 O O   . HOH E 4 .   ? -14.546 8.138   -16.345 1.00 51.16  ? 306 HOH A O   1 
HETATM 1360 O O   . HOH E 4 .   ? -3.325  -4.297  15.476  1.00 47.99  ? 307 HOH A O   1 
HETATM 1361 O O   . HOH E 4 .   ? -14.117 6.023   -13.446 1.00 49.72  ? 308 HOH A O   1 
HETATM 1362 O O   . HOH E 4 .   ? -12.567 -5.880  4.773   1.00 62.95  ? 309 HOH A O   1 
HETATM 1363 O O   . HOH E 4 .   ? -3.995  10.377  9.862   1.00 53.31  ? 310 HOH A O   1 
HETATM 1364 O O   . HOH E 4 .   ? 13.454  -4.642  12.691  1.00 49.04  ? 311 HOH A O   1 
HETATM 1365 O O   . HOH E 4 .   ? -1.931  3.994   -2.872  1.00 43.42  ? 312 HOH A O   1 
HETATM 1366 O O   . HOH E 4 .   ? 3.297   11.022  4.002   1.00 38.12  ? 313 HOH A O   1 
HETATM 1367 O O   . HOH E 4 .   ? 0.531   1.635   -14.024 1.00 43.55  ? 314 HOH A O   1 
HETATM 1368 O O   . HOH E 4 .   ? 14.879  11.615  -5.779  1.00 68.47  ? 315 HOH A O   1 
HETATM 1369 O O   . HOH E 4 .   ? -12.726 -1.667  3.931   1.00 43.22  ? 316 HOH A O   1 
HETATM 1370 O O   . HOH E 4 .   ? 9.198   1.806   14.011  1.00 40.12  ? 317 HOH A O   1 
HETATM 1371 O O   . HOH E 4 .   ? -5.515  10.000  4.922   1.00 51.00  ? 318 HOH A O   1 
HETATM 1372 O O   . HOH E 4 .   ? 6.669   -3.153  18.082  1.00 49.18  ? 319 HOH A O   1 
HETATM 1373 O O   . HOH E 4 .   ? -11.533 9.001   -7.364  1.00 34.50  ? 320 HOH A O   1 
HETATM 1374 O O   . HOH E 4 .   ? -12.439 -7.787  -6.144  1.00 67.51  ? 321 HOH A O   1 
HETATM 1375 O O   . HOH E 4 .   ? -6.533  6.911   6.923   1.00 52.65  ? 322 HOH A O   1 
HETATM 1376 O O   . HOH E 4 .   ? -3.809  8.261   13.650  1.00 67.82  ? 323 HOH A O   1 
HETATM 1377 O O   . HOH E 4 .   ? -6.978  -17.728 13.373  1.00 76.97  ? 324 HOH A O   1 
HETATM 1378 O O   . HOH E 4 .   ? 7.971   -10.775 -1.148  1.00 66.29  ? 325 HOH A O   1 
HETATM 1379 O O   . HOH E 4 .   ? -10.643 1.550   -0.796  1.00 38.74  ? 326 HOH A O   1 
HETATM 1380 O O   . HOH E 4 .   ? -11.639 9.073   -0.508  1.00 33.87  ? 327 HOH A O   1 
HETATM 1381 O O   . HOH E 4 .   ? -2.178  -1.304  9.790   1.00 31.42  ? 328 HOH A O   1 
HETATM 1382 O O   . HOH E 4 .   ? -12.810 5.563   7.799   1.00 59.12  ? 329 HOH A O   1 
HETATM 1383 O O   . HOH E 4 .   ? -13.125 15.801  -5.423  1.00 47.64  ? 330 HOH A O   1 
HETATM 1384 O O   . HOH E 4 .   ? 9.086   8.970   8.702   1.00 52.46  ? 331 HOH A O   1 
HETATM 1385 O O   . HOH E 4 .   ? 1.221   1.704   15.430  1.00 38.60  ? 332 HOH A O   1 
HETATM 1386 O O   . HOH E 4 .   ? 10.058  6.614   -12.450 1.00 46.92  ? 333 HOH A O   1 
HETATM 1387 O O   . HOH E 4 .   ? -3.139  -7.957  -10.039 1.00 47.91  ? 334 HOH A O   1 
HETATM 1388 O O   . HOH E 4 .   ? 6.438   -12.531 -12.277 1.00 79.63  ? 335 HOH A O   1 
HETATM 1389 O O   . HOH E 4 .   ? 8.628   -13.496 -11.112 1.00 77.08  ? 336 HOH A O   1 
HETATM 1390 O O   . HOH E 4 .   ? -7.339  16.547  -12.412 1.00 62.00  ? 337 HOH A O   1 
HETATM 1391 O O   . HOH E 4 .   ? -4.450  13.181  -13.179 1.00 72.03  ? 338 HOH A O   1 
HETATM 1392 O O   . HOH E 4 .   ? -8.689  -0.513  -12.716 1.00 50.39  ? 339 HOH A O   1 
HETATM 1393 O O   . HOH E 4 .   ? -13.462 -4.459  1.007   1.00 60.55  ? 340 HOH A O   1 
HETATM 1394 O O   . HOH E 4 .   ? -4.480  -2.513  8.679   1.00 31.80  ? 341 HOH A O   1 
HETATM 1395 O O   . HOH E 4 .   ? 2.829   -9.600  -13.629 1.00 53.80  ? 342 HOH A O   1 
HETATM 1396 O O   . HOH E 4 .   ? 3.272   10.869  -12.996 1.00 47.95  ? 343 HOH A O   1 
HETATM 1397 O O   . HOH E 4 .   ? -14.972 -0.870  -6.019  1.00 62.95  ? 344 HOH A O   1 
HETATM 1398 O O   . HOH E 4 .   ? 6.977   -10.897 8.014   1.00 50.67  ? 345 HOH A O   1 
HETATM 1399 O O   . HOH E 4 .   ? -8.916  -4.798  -11.377 1.00 91.55  ? 346 HOH A O   1 
HETATM 1400 O O   . HOH E 4 .   ? -6.849  -1.405  15.586  1.00 78.88  ? 347 HOH A O   1 
HETATM 1401 O O   . HOH E 4 .   ? 12.381  -9.308  3.546   1.00 77.76  ? 348 HOH A O   1 
HETATM 1402 O O   . HOH E 4 .   ? 8.297   10.297  -15.804 1.00 52.80  ? 349 HOH A O   1 
HETATM 1403 O O   . HOH E 4 .   ? -11.050 -5.928  9.217   1.00 52.44  ? 350 HOH A O   1 
HETATM 1404 O O   . HOH E 4 .   ? 10.679  -8.418  14.195  1.00 38.75  ? 351 HOH A O   1 
HETATM 1405 O O   . HOH E 4 .   ? -4.877  5.840   -15.740 1.00 56.58  ? 352 HOH A O   1 
HETATM 1406 O O   . HOH E 4 .   ? -5.662  7.383   -13.370 1.00 33.21  ? 353 HOH A O   1 
HETATM 1407 O O   . HOH E 4 .   ? 6.152   -2.905  14.480  1.00 38.94  ? 354 HOH A O   1 
HETATM 1408 O O   . HOH E 4 .   ? -7.717  8.623   -14.584 1.00 42.99  ? 355 HOH A O   1 
HETATM 1409 O O   . HOH E 4 .   ? 2.506   -15.119 -3.202  1.00 67.99  ? 356 HOH A O   1 
HETATM 1410 O O   . HOH E 4 .   ? 2.098   -0.079  -12.289 1.00 45.04  ? 357 HOH A O   1 
HETATM 1411 O O   . HOH E 4 .   ? 14.172  9.522   0.720   1.00 52.01  ? 358 HOH A O   1 
HETATM 1412 O O   . HOH E 4 .   ? -7.635  10.212  -16.882 1.00 40.43  ? 359 HOH A O   1 
HETATM 1413 O O   . HOH E 4 .   ? -12.092 -0.876  7.759   1.00 57.92  ? 360 HOH A O   1 
HETATM 1414 O O   . HOH E 4 .   ? -8.635  18.638  -12.154 1.00 68.58  ? 361 HOH A O   1 
HETATM 1415 O O   . HOH E 4 .   ? 4.494   17.252  -13.493 1.00 49.20  ? 362 HOH A O   1 
HETATM 1416 O O   . HOH E 4 .   ? 13.292  -10.144 10.784  1.00 60.53  ? 363 HOH A O   1 
HETATM 1417 O O   . HOH E 4 .   ? -11.630 5.812   -5.249  1.00 34.53  ? 364 HOH A O   1 
HETATM 1418 O O   . HOH E 4 .   ? 14.073  -14.786 4.244   1.00 97.31  ? 365 HOH A O   1 
HETATM 1419 O O   . HOH E 4 .   ? 9.323   -10.833 7.470   1.00 46.45  ? 366 HOH A O   1 
HETATM 1420 O O   . HOH E 4 .   ? 0.877   9.702   2.946   1.00 44.77  ? 367 HOH A O   1 
HETATM 1421 O O   . HOH E 4 .   ? 8.131   -1.062  14.247  1.00 42.74  ? 368 HOH A O   1 
HETATM 1422 O O   . HOH E 4 .   ? 13.133  16.060  -10.869 1.00 66.47  ? 369 HOH A O   1 
HETATM 1423 O O   . HOH E 4 .   ? 4.850   -12.151 5.764   1.00 48.22  ? 370 HOH A O   1 
HETATM 1424 O O   . HOH E 4 .   ? 8.406   3.947   21.773  1.00 40.92  ? 371 HOH A O   1 
HETATM 1425 O O   . HOH E 4 .   ? -14.147 -16.538 1.804   1.00 64.50  ? 372 HOH A O   1 
HETATM 1426 O O   . HOH E 4 .   ? 11.838  17.925  -12.270 1.00 67.51  ? 373 HOH A O   1 
HETATM 1427 O O   . HOH E 4 .   ? -2.176  6.053   -1.408  1.00 45.46  ? 374 HOH A O   1 
HETATM 1428 O O   . HOH E 4 .   ? -0.952  11.641  3.394   1.00 44.15  ? 375 HOH A O   1 
HETATM 1429 O O   . HOH E 4 .   ? 11.050  8.205   16.704  1.00 53.75  ? 376 HOH A O   1 
HETATM 1430 O O   . HOH E 4 .   ? -4.597  5.394   11.642  1.00 53.79  ? 377 HOH A O   1 
HETATM 1431 O O   . HOH E 4 .   ? -10.574 -2.166  -10.863 1.00 65.35  ? 378 HOH A O   1 
HETATM 1432 O O   . HOH E 4 .   ? -17.457 11.092  -1.102  1.00 55.81  ? 379 HOH A O   1 
HETATM 1433 O O   . HOH E 4 .   ? -11.274 -0.690  10.215  1.00 65.81  ? 380 HOH A O   1 
HETATM 1434 O O   . HOH E 4 .   ? 12.953  11.912  21.213  1.00 76.57  ? 381 HOH A O   1 
HETATM 1435 O O   . HOH E 4 .   ? 4.385   -0.093  -13.305 1.00 52.17  ? 382 HOH A O   1 
HETATM 1436 O O   . HOH E 4 .   ? 9.719   -11.784 -0.706  1.00 50.24  ? 383 HOH A O   1 
HETATM 1437 O O   . HOH E 4 .   ? -12.821 0.035   -8.227  1.00 45.16  ? 384 HOH A O   1 
HETATM 1438 O O   . HOH E 4 .   ? -3.082  9.146   -13.655 1.00 52.40  ? 385 HOH A O   1 
HETATM 1439 O O   . HOH E 4 .   ? -8.359  -12.506 -1.896  1.00 64.05  ? 386 HOH A O   1 
HETATM 1440 O O   . HOH E 4 .   ? -8.614  7.755   13.831  0.50 146.80 ? 387 HOH A O   1 
# 
